data_6XGN
# 
_entry.id   6XGN 
# 
_audit_conform.dict_name       mmcif_pdbx.dic 
_audit_conform.dict_version    5.380 
_audit_conform.dict_location   http://mmcif.pdb.org/dictionaries/ascii/mmcif_pdbx.dic 
# 
loop_
_database_2.database_id 
_database_2.database_code 
_database_2.pdbx_database_accession 
_database_2.pdbx_DOI 
PDB   6XGN         pdb_00006xgn 10.2210/pdb6xgn/pdb 
WWPDB D_1000249221 ?            ?                   
# 
_pdbx_database_status.status_code                     REL 
_pdbx_database_status.status_code_sf                  REL 
_pdbx_database_status.status_code_mr                  ? 
_pdbx_database_status.entry_id                        6XGN 
_pdbx_database_status.recvd_initial_deposition_date   2020-06-17 
_pdbx_database_status.SG_entry                        N 
_pdbx_database_status.deposit_site                    RCSB 
_pdbx_database_status.process_site                    RCSB 
_pdbx_database_status.status_code_cs                  ? 
_pdbx_database_status.status_code_nmr_data            ? 
_pdbx_database_status.methods_development_category    ? 
_pdbx_database_status.pdb_format_compatible           Y 
# 
loop_
_audit_author.name 
_audit_author.pdbx_ordinal 
_audit_author.identifier_ORCID 
'Simmons, C.R.'      1 0000-0002-2290-6132 
'MacCulloch, T.'     2 0000-0001-5875-3361 
'Stephanopoulos, N.' 3 0000-0001-7859-410X 
'Yan, H.'            4 0000-0001-7397-9852 
# 
_citation.abstract                  ? 
_citation.abstract_id_CAS           ? 
_citation.book_id_ISBN              ? 
_citation.book_publisher            ? 
_citation.book_publisher_city       ? 
_citation.book_title                ? 
_citation.coordinate_linkage        ? 
_citation.country                   UK 
_citation.database_id_Medline       ? 
_citation.details                   ? 
_citation.id                        primary 
_citation.journal_abbrev            'Nat Commun' 
_citation.journal_id_ASTM           ? 
_citation.journal_id_CSD            ? 
_citation.journal_id_ISSN           2041-1723 
_citation.journal_full              ? 
_citation.journal_issue             ? 
_citation.journal_volume            13 
_citation.language                  ? 
_citation.page_first                3112 
_citation.page_last                 3112 
_citation.title                     'The influence of Holliday junction sequence and dynamics on DNA crystal self-assembly.' 
_citation.year                      2022 
_citation.database_id_CSD           ? 
_citation.pdbx_database_id_DOI      10.1038/s41467-022-30779-6 
_citation.pdbx_database_id_PubMed   35662248 
_citation.unpublished_flag          ? 
# 
loop_
_citation_author.citation_id 
_citation_author.name 
_citation_author.ordinal 
_citation_author.identifier_ORCID 
primary 'Simmons, C.R.'      1  ?                   
primary 'MacCulloch, T.'     2  ?                   
primary 'Krepl, M.'          3  0000-0002-9833-4281 
primary 'Matthies, M.'       4  ?                   
primary 'Buchberger, A.'     5  ?                   
primary 'Crawford, I.'       6  ?                   
primary 'Sponer, J.'         7  0000-0001-6558-6186 
primary 'Sulc, P.'           8  0000-0003-1565-6769 
primary 'Stephanopoulos, N.' 9  0000-0001-7859-410X 
primary 'Yan, H.'            10 0000-0001-7397-9852 
# 
_cell.angle_alpha                  90.000 
_cell.angle_alpha_esd              ? 
_cell.angle_beta                   90.000 
_cell.angle_beta_esd               ? 
_cell.angle_gamma                  120.000 
_cell.angle_gamma_esd              ? 
_cell.entry_id                     6XGN 
_cell.details                      ? 
_cell.formula_units_Z              ? 
_cell.length_a                     68.371 
_cell.length_a_esd                 ? 
_cell.length_b                     68.371 
_cell.length_b_esd                 ? 
_cell.length_c                     61.297 
_cell.length_c_esd                 ? 
_cell.volume                       ? 
_cell.volume_esd                   ? 
_cell.Z_PDB                        3 
_cell.reciprocal_angle_alpha       ? 
_cell.reciprocal_angle_beta        ? 
_cell.reciprocal_angle_gamma       ? 
_cell.reciprocal_angle_alpha_esd   ? 
_cell.reciprocal_angle_beta_esd    ? 
_cell.reciprocal_angle_gamma_esd   ? 
_cell.reciprocal_length_a          ? 
_cell.reciprocal_length_b          ? 
_cell.reciprocal_length_c          ? 
_cell.reciprocal_length_a_esd      ? 
_cell.reciprocal_length_b_esd      ? 
_cell.reciprocal_length_c_esd      ? 
_cell.pdbx_unique_axis             ? 
# 
_symmetry.entry_id                         6XGN 
_symmetry.cell_setting                     ? 
_symmetry.Int_Tables_number                145 
_symmetry.space_group_name_Hall            ? 
_symmetry.space_group_name_H-M             'P 32' 
_symmetry.pdbx_full_space_group_name_H-M   ? 
# 
loop_
_entity.id 
_entity.type 
_entity.src_method 
_entity.pdbx_description 
_entity.formula_weight 
_entity.pdbx_number_of_molecules 
_entity.pdbx_ec 
_entity.pdbx_mutation 
_entity.pdbx_fragment 
_entity.details 
1 polymer syn 
;DNA (5'-D(*GP*AP*GP*CP*AP*GP*AP*CP*TP*TP*G)-3')
;
3398.235 1 ? ? ? ? 
2 polymer syn 
;DNA (5'-D(P*AP*CP*AP*GP*CP*AP*CP*TP*CP*A)-3')
;
2997.996 1 ? ? ? ? 
3 polymer syn 
;DNA (5'-D(P*CP*AP*TP*GP*T)-3')
;
1495.023 1 ? ? ? ? 
4 polymer syn 
;DNA (5'-D(*TP*CP*TP*GP*AP*GP*TP*GP*CP*AP*GP*TP*CP*TP*GP*C)-3')
;
4905.176 1 ? ? ? ? 
# 
loop_
_entity_poly.entity_id 
_entity_poly.type 
_entity_poly.nstd_linkage 
_entity_poly.nstd_monomer 
_entity_poly.pdbx_seq_one_letter_code 
_entity_poly.pdbx_seq_one_letter_code_can 
_entity_poly.pdbx_strand_id 
_entity_poly.pdbx_target_identifier 
1 polydeoxyribonucleotide no no '(DG)(DA)(DG)(DC)(DA)(DG)(DA)(DC)(DT)(DT)(DG)'                     GAGCAGACTTG      A ? 
2 polydeoxyribonucleotide no no '(DA)(DC)(DA)(DG)(DC)(DA)(DC)(DT)(DC)(DA)'                         ACAGCACTCA       B ? 
3 polydeoxyribonucleotide no no '(DC)(DA)(DT)(DG)(DT)'                                             CATGT            C ? 
4 polydeoxyribonucleotide no no '(DT)(DC)(DT)(DG)(DA)(DG)(DT)(DG)(DC)(DA)(DG)(DT)(DC)(DT)(DG)(DC)' TCTGAGTGCAGTCTGC D ? 
# 
loop_
_entity_poly_seq.entity_id 
_entity_poly_seq.num 
_entity_poly_seq.mon_id 
_entity_poly_seq.hetero 
1 1  DG n 
1 2  DA n 
1 3  DG n 
1 4  DC n 
1 5  DA n 
1 6  DG n 
1 7  DA n 
1 8  DC n 
1 9  DT n 
1 10 DT n 
1 11 DG n 
2 1  DA n 
2 2  DC n 
2 3  DA n 
2 4  DG n 
2 5  DC n 
2 6  DA n 
2 7  DC n 
2 8  DT n 
2 9  DC n 
2 10 DA n 
3 1  DC n 
3 2  DA n 
3 3  DT n 
3 4  DG n 
3 5  DT n 
4 1  DT n 
4 2  DC n 
4 3  DT n 
4 4  DG n 
4 5  DA n 
4 6  DG n 
4 7  DT n 
4 8  DG n 
4 9  DC n 
4 10 DA n 
4 11 DG n 
4 12 DT n 
4 13 DC n 
4 14 DT n 
4 15 DG n 
4 16 DC n 
# 
loop_
_pdbx_entity_src_syn.entity_id 
_pdbx_entity_src_syn.pdbx_src_id 
_pdbx_entity_src_syn.pdbx_alt_source_flag 
_pdbx_entity_src_syn.pdbx_beg_seq_num 
_pdbx_entity_src_syn.pdbx_end_seq_num 
_pdbx_entity_src_syn.organism_scientific 
_pdbx_entity_src_syn.organism_common_name 
_pdbx_entity_src_syn.ncbi_taxonomy_id 
_pdbx_entity_src_syn.details 
1 1 sample 1 11 'synthetic construct' ? 32630 ? 
2 1 sample 1 10 'synthetic construct' ? 32630 ? 
3 1 sample 1 5  'synthetic construct' ? 32630 ? 
4 1 sample 1 16 'synthetic construct' ? 32630 ? 
# 
loop_
_struct_ref.id 
_struct_ref.db_name 
_struct_ref.db_code 
_struct_ref.pdbx_db_accession 
_struct_ref.pdbx_db_isoform 
_struct_ref.entity_id 
_struct_ref.pdbx_seq_one_letter_code 
_struct_ref.pdbx_align_begin 
1 PDB 6XGN 6XGN ? 1 ? 1 
2 PDB 6XGN 6XGN ? 2 ? 1 
3 PDB 6XGN 6XGN ? 3 ? 1 
4 PDB 6XGN 6XGN ? 4 ? 1 
# 
loop_
_struct_ref_seq.align_id 
_struct_ref_seq.ref_id 
_struct_ref_seq.pdbx_PDB_id_code 
_struct_ref_seq.pdbx_strand_id 
_struct_ref_seq.seq_align_beg 
_struct_ref_seq.pdbx_seq_align_beg_ins_code 
_struct_ref_seq.seq_align_end 
_struct_ref_seq.pdbx_seq_align_end_ins_code 
_struct_ref_seq.pdbx_db_accession 
_struct_ref_seq.db_align_beg 
_struct_ref_seq.pdbx_db_align_beg_ins_code 
_struct_ref_seq.db_align_end 
_struct_ref_seq.pdbx_db_align_end_ins_code 
_struct_ref_seq.pdbx_auth_seq_align_beg 
_struct_ref_seq.pdbx_auth_seq_align_end 
1 1 6XGN A 1 ? 11 ? 6XGN 1  ? 11 ? 1  11 
2 2 6XGN B 1 ? 10 ? 6XGN 12 ? 21 ? 12 21 
3 3 6XGN C 1 ? 5  ? 6XGN 1  ? 5  ? 1  5  
4 4 6XGN D 1 ? 16 ? 6XGN 1  ? 16 ? 1  16 
# 
loop_
_chem_comp.id 
_chem_comp.type 
_chem_comp.mon_nstd_flag 
_chem_comp.name 
_chem_comp.pdbx_synonyms 
_chem_comp.formula 
_chem_comp.formula_weight 
DA 'DNA linking' y "2'-DEOXYADENOSINE-5'-MONOPHOSPHATE" ? 'C10 H14 N5 O6 P' 331.222 
DC 'DNA linking' y "2'-DEOXYCYTIDINE-5'-MONOPHOSPHATE"  ? 'C9 H14 N3 O7 P'  307.197 
DG 'DNA linking' y "2'-DEOXYGUANOSINE-5'-MONOPHOSPHATE" ? 'C10 H14 N5 O7 P' 347.221 
DT 'DNA linking' y "THYMIDINE-5'-MONOPHOSPHATE"         ? 'C10 H15 N2 O8 P' 322.208 
# 
_exptl.absorpt_coefficient_mu     ? 
_exptl.absorpt_correction_T_max   ? 
_exptl.absorpt_correction_T_min   ? 
_exptl.absorpt_correction_type    ? 
_exptl.absorpt_process_details    ? 
_exptl.entry_id                   6XGN 
_exptl.crystals_number            1 
_exptl.details                    ? 
_exptl.method                     'X-RAY DIFFRACTION' 
_exptl.method_details             ? 
# 
_exptl_crystal.colour                      ? 
_exptl_crystal.density_diffrn              ? 
_exptl_crystal.density_Matthews            6.46 
_exptl_crystal.density_method              ? 
_exptl_crystal.density_percent_sol         80.97 
_exptl_crystal.description                 ? 
_exptl_crystal.F_000                       ? 
_exptl_crystal.id                          1 
_exptl_crystal.preparation                 ? 
_exptl_crystal.size_max                    ? 
_exptl_crystal.size_mid                    ? 
_exptl_crystal.size_min                    ? 
_exptl_crystal.size_rad                    ? 
_exptl_crystal.colour_lustre               ? 
_exptl_crystal.colour_modifier             ? 
_exptl_crystal.colour_primary              ? 
_exptl_crystal.density_meas                ? 
_exptl_crystal.density_meas_esd            ? 
_exptl_crystal.density_meas_gt             ? 
_exptl_crystal.density_meas_lt             ? 
_exptl_crystal.density_meas_temp           ? 
_exptl_crystal.density_meas_temp_esd       ? 
_exptl_crystal.density_meas_temp_gt        ? 
_exptl_crystal.density_meas_temp_lt        ? 
_exptl_crystal.pdbx_crystal_image_url      ? 
_exptl_crystal.pdbx_crystal_image_format   ? 
_exptl_crystal.pdbx_mosaicity              ? 
_exptl_crystal.pdbx_mosaicity_esd          ? 
# 
_exptl_crystal_grow.apparatus       ? 
_exptl_crystal_grow.atmosphere      ? 
_exptl_crystal_grow.crystal_id      1 
_exptl_crystal_grow.details         ? 
_exptl_crystal_grow.method          'VAPOR DIFFUSION, SITTING DROP' 
_exptl_crystal_grow.method_ref      ? 
_exptl_crystal_grow.pH              ? 
_exptl_crystal_grow.pressure        ? 
_exptl_crystal_grow.pressure_esd    ? 
_exptl_crystal_grow.seeding         ? 
_exptl_crystal_grow.seeding_ref     ? 
_exptl_crystal_grow.temp            298 
_exptl_crystal_grow.temp_details    'temperature gradient generated from 60 to 25 C at 0.3 degrees per hour' 
_exptl_crystal_grow.temp_esd        ? 
_exptl_crystal_grow.time            ? 
_exptl_crystal_grow.pdbx_details    
;0.5 mL of 0.05 M Cacodylate pH 7.0 with 30 mM MgCl2, 2.5 mM spermine, and 5% PEG 400 was added to the reservoir with 2 uL added to the drop containing 4 uL of DNA stock
;
_exptl_crystal_grow.pdbx_pH_range   ? 
# 
_diffrn.ambient_environment              ? 
_diffrn.ambient_temp                     100 
_diffrn.ambient_temp_details             ? 
_diffrn.ambient_temp_esd                 ? 
_diffrn.crystal_id                       1 
_diffrn.crystal_support                  ? 
_diffrn.crystal_treatment                ? 
_diffrn.details                          ? 
_diffrn.id                               1 
_diffrn.ambient_pressure                 ? 
_diffrn.ambient_pressure_esd             ? 
_diffrn.ambient_pressure_gt              ? 
_diffrn.ambient_pressure_lt              ? 
_diffrn.ambient_temp_gt                  ? 
_diffrn.ambient_temp_lt                  ? 
_diffrn.pdbx_serial_crystal_experiment   N 
# 
_diffrn_detector.details                      ? 
_diffrn_detector.detector                     PIXEL 
_diffrn_detector.diffrn_id                    1 
_diffrn_detector.type                         'DECTRIS PILATUS3 6M' 
_diffrn_detector.area_resol_mean              ? 
_diffrn_detector.dtime                        ? 
_diffrn_detector.pdbx_frames_total            ? 
_diffrn_detector.pdbx_collection_time_total   ? 
_diffrn_detector.pdbx_collection_date         2018-05-15 
_diffrn_detector.pdbx_frequency               ? 
# 
_diffrn_radiation.collimation                      ? 
_diffrn_radiation.diffrn_id                        1 
_diffrn_radiation.filter_edge                      ? 
_diffrn_radiation.inhomogeneity                    ? 
_diffrn_radiation.monochromator                    ? 
_diffrn_radiation.polarisn_norm                    ? 
_diffrn_radiation.polarisn_ratio                   ? 
_diffrn_radiation.probe                            ? 
_diffrn_radiation.type                             ? 
_diffrn_radiation.xray_symbol                      ? 
_diffrn_radiation.wavelength_id                    1 
_diffrn_radiation.pdbx_monochromatic_or_laue_m_l   M 
_diffrn_radiation.pdbx_wavelength_list             ? 
_diffrn_radiation.pdbx_wavelength                  ? 
_diffrn_radiation.pdbx_diffrn_protocol             'SINGLE WAVELENGTH' 
_diffrn_radiation.pdbx_analyzer                    ? 
_diffrn_radiation.pdbx_scattering_type             x-ray 
# 
_diffrn_radiation_wavelength.id           1 
_diffrn_radiation_wavelength.wavelength   1 
_diffrn_radiation_wavelength.wt           1.0 
# 
_diffrn_source.current                     ? 
_diffrn_source.details                     ? 
_diffrn_source.diffrn_id                   1 
_diffrn_source.power                       ? 
_diffrn_source.size                        ? 
_diffrn_source.source                      SYNCHROTRON 
_diffrn_source.target                      ? 
_diffrn_source.type                        'ALS BEAMLINE 5.0.2' 
_diffrn_source.voltage                     ? 
_diffrn_source.take-off_angle              ? 
_diffrn_source.pdbx_wavelength_list        1 
_diffrn_source.pdbx_wavelength             ? 
_diffrn_source.pdbx_synchrotron_beamline   5.0.2 
_diffrn_source.pdbx_synchrotron_site       ALS 
# 
_reflns.B_iso_Wilson_estimate            ? 
_reflns.entry_id                         6XGN 
_reflns.data_reduction_details           ? 
_reflns.data_reduction_method            ? 
_reflns.d_resolution_high                3.100 
_reflns.d_resolution_low                 59.21 
_reflns.details                          ? 
_reflns.limit_h_max                      ? 
_reflns.limit_h_min                      ? 
_reflns.limit_k_max                      ? 
_reflns.limit_k_min                      ? 
_reflns.limit_l_max                      ? 
_reflns.limit_l_min                      ? 
_reflns.number_all                       ? 
_reflns.number_obs                       4430 
_reflns.observed_criterion               ? 
_reflns.observed_criterion_F_max         ? 
_reflns.observed_criterion_F_min         ? 
_reflns.observed_criterion_I_max         ? 
_reflns.observed_criterion_I_min         ? 
_reflns.observed_criterion_sigma_F       ? 
_reflns.observed_criterion_sigma_I       ? 
_reflns.percent_possible_obs             78.100 
_reflns.R_free_details                   ? 
_reflns.Rmerge_F_all                     ? 
_reflns.Rmerge_F_obs                     ? 
_reflns.Friedel_coverage                 ? 
_reflns.number_gt                        ? 
_reflns.threshold_expression             ? 
_reflns.pdbx_redundancy                  9.100 
_reflns.pdbx_Rmerge_I_obs                0.074 
_reflns.pdbx_Rmerge_I_all                ? 
_reflns.pdbx_Rsym_value                  ? 
_reflns.pdbx_netI_over_av_sigmaI         ? 
_reflns.pdbx_netI_over_sigmaI            5.200 
_reflns.pdbx_res_netI_over_av_sigmaI_2   ? 
_reflns.pdbx_res_netI_over_sigmaI_2      ? 
_reflns.pdbx_chi_squared                 0.705 
_reflns.pdbx_scaling_rejects             ? 
_reflns.pdbx_d_res_high_opt              ? 
_reflns.pdbx_d_res_low_opt               ? 
_reflns.pdbx_d_res_opt_method            ? 
_reflns.phase_calculation_details        ? 
_reflns.pdbx_Rrim_I_all                  0.079 
_reflns.pdbx_Rpim_I_all                  0.026 
_reflns.pdbx_d_opt                       ? 
_reflns.pdbx_number_measured_all         ? 
_reflns.pdbx_diffrn_id                   1 
_reflns.pdbx_ordinal                     1 
_reflns.pdbx_CC_half                     ? 
_reflns.pdbx_CC_star                     ? 
_reflns.pdbx_R_split                     ? 
# 
loop_
_reflns_shell.d_res_high 
_reflns_shell.d_res_low 
_reflns_shell.meanI_over_sigI_all 
_reflns_shell.meanI_over_sigI_obs 
_reflns_shell.number_measured_all 
_reflns_shell.number_measured_obs 
_reflns_shell.number_possible 
_reflns_shell.number_unique_all 
_reflns_shell.number_unique_obs 
_reflns_shell.percent_possible_all 
_reflns_shell.percent_possible_obs 
_reflns_shell.Rmerge_F_all 
_reflns_shell.Rmerge_F_obs 
_reflns_shell.Rmerge_I_all 
_reflns_shell.Rmerge_I_obs 
_reflns_shell.meanI_over_sigI_gt 
_reflns_shell.meanI_over_uI_all 
_reflns_shell.meanI_over_uI_gt 
_reflns_shell.number_measured_gt 
_reflns_shell.number_unique_gt 
_reflns_shell.percent_possible_gt 
_reflns_shell.Rmerge_F_gt 
_reflns_shell.Rmerge_I_gt 
_reflns_shell.pdbx_redundancy 
_reflns_shell.pdbx_Rsym_value 
_reflns_shell.pdbx_chi_squared 
_reflns_shell.pdbx_netI_over_sigmaI_all 
_reflns_shell.pdbx_netI_over_sigmaI_obs 
_reflns_shell.pdbx_Rrim_I_all 
_reflns_shell.pdbx_Rpim_I_all 
_reflns_shell.pdbx_rejects 
_reflns_shell.pdbx_ordinal 
_reflns_shell.pdbx_diffrn_id 
_reflns_shell.pdbx_CC_half 
_reflns_shell.pdbx_CC_star 
_reflns_shell.pdbx_R_split 
3.100 3.150  ? ? ? ? ? ? 91  32.300  ? ? ? ? 0.690 ? ? ? ? ? ? ? ? 6.200  ? 0.485 ? ? 0.750 0.279 ? 1  1 0.605 ? ? 
3.150 3.210  ? ? ? ? ? ? 119 44.200  ? ? ? ? 0.195 ? ? ? ? ? ? ? ? 6.800  ? 0.549 ? ? 0.207 0.069 ? 2  1 0.981 ? ? 
3.210 3.270  ? ? ? ? ? ? 136 45.800  ? ? ? ? 0.179 ? ? ? ? ? ? ? ? 6.800  ? 0.577 ? ? 0.192 0.066 ? 3  1 0.990 ? ? 
3.270 3.340  ? ? ? ? ? ? 127 46.700  ? ? ? ? 0.278 ? ? ? ? ? ? ? ? 6.500  ? 0.477 ? ? 0.298 0.103 ? 4  1 0.977 ? ? 
3.340 3.410  ? ? ? ? ? ? 145 52.200  ? ? ? ? 0.225 ? ? ? ? ? ? ? ? 7.600  ? 0.508 ? ? 0.240 0.080 ? 5  1 0.986 ? ? 
3.410 3.490  ? ? ? ? ? ? 149 51.600  ? ? ? ? 0.416 ? ? ? ? ? ? ? ? 7.000  ? 0.478 ? ? 0.445 0.154 ? 6  1 0.937 ? ? 
3.490 3.580  ? ? ? ? ? ? 192 64.200  ? ? ? ? 0.366 ? ? ? ? ? ? ? ? 8.200  ? 0.464 ? ? 0.391 0.133 ? 7  1 0.930 ? ? 
3.580 3.680  ? ? ? ? ? ? 192 69.600  ? ? ? ? 0.806 ? ? ? ? ? ? ? ? 7.000  ? 0.428 ? ? 0.864 0.300 ? 8  1 0.748 ? ? 
3.680 3.780  ? ? ? ? ? ? 220 74.100  ? ? ? ? 0.753 ? ? ? ? ? ? ? ? 8.000  ? 0.467 ? ? 0.802 0.270 ? 9  1 0.811 ? ? 
3.780 3.910  ? ? ? ? ? ? 234 88.000  ? ? ? ? 0.651 ? ? ? ? ? ? ? ? 8.000  ? 0.456 ? ? 0.694 0.234 ? 10 1 0.862 ? ? 
3.910 4.040  ? ? ? ? ? ? 263 92.600  ? ? ? ? 0.534 ? ? ? ? ? ? ? ? 8.500  ? 0.439 ? ? 0.566 0.186 ? 11 1 0.926 ? ? 
4.040 4.210  ? ? ? ? ? ? 289 100.000 ? ? ? ? 0.572 ? ? ? ? ? ? ? ? 9.600  ? 0.470 ? ? 0.604 0.192 ? 12 1 0.951 ? ? 
4.210 4.400  ? ? ? ? ? ? 282 100.000 ? ? ? ? 0.473 ? ? ? ? ? ? ? ? 10.100 ? 0.472 ? ? 0.499 0.157 ? 13 1 0.948 ? ? 
4.400 4.630  ? ? ? ? ? ? 287 100.000 ? ? ? ? 0.367 ? ? ? ? ? ? ? ? 10.500 ? 0.454 ? ? 0.386 0.119 ? 14 1 0.983 ? ? 
4.630 4.920  ? ? ? ? ? ? 281 100.000 ? ? ? ? 0.246 ? ? ? ? ? ? ? ? 10.100 ? 0.507 ? ? 0.259 0.081 ? 15 1 0.985 ? ? 
4.920 5.300  ? ? ? ? ? ? 293 100.000 ? ? ? ? 0.140 ? ? ? ? ? ? ? ? 10.100 ? 0.633 ? ? 0.148 0.046 ? 16 1 0.995 ? ? 
5.300 5.830  ? ? ? ? ? ? 267 100.000 ? ? ? ? 0.100 ? ? ? ? ? ? ? ? 10.900 ? 0.839 ? ? 0.104 0.032 ? 17 1 0.997 ? ? 
5.830 6.670  ? ? ? ? ? ? 289 100.000 ? ? ? ? 0.091 ? ? ? ? ? ? ? ? 10.700 ? 0.858 ? ? 0.096 0.029 ? 18 1 0.997 ? ? 
6.670 8.400  ? ? ? ? ? ? 290 100.000 ? ? ? ? 0.058 ? ? ? ? ? ? ? ? 10.200 ? 1.286 ? ? 0.061 0.019 ? 19 1 0.999 ? ? 
8.400 50.000 ? ? ? ? ? ? 284 99.300  ? ? ? ? 0.051 ? ? ? ? ? ? ? ? 10.500 ? 1.839 ? ? 0.054 0.018 ? 20 1 0.992 ? ? 
# 
_refine.aniso_B[1][1]                            -2.3900 
_refine.aniso_B[1][2]                            -1.2000 
_refine.aniso_B[1][3]                            0.0000 
_refine.aniso_B[2][2]                            -2.3900 
_refine.aniso_B[2][3]                            0.0000 
_refine.aniso_B[3][3]                            7.7700 
_refine.B_iso_max                                249.330 
_refine.B_iso_mean                               128.5570 
_refine.B_iso_min                                53.760 
_refine.correlation_coeff_Fo_to_Fc               0.9840 
_refine.correlation_coeff_Fo_to_Fc_free          0.9790 
_refine.details                                  
'HYDROGENS HAVE BEEN ADDED IN THE RIDING POSITIONS U VALUES      : REFINED INDIVIDUALLY' 
_refine.diff_density_max                         ? 
_refine.diff_density_max_esd                     ? 
_refine.diff_density_min                         ? 
_refine.diff_density_min_esd                     ? 
_refine.diff_density_rms                         ? 
_refine.diff_density_rms_esd                     ? 
_refine.entry_id                                 6XGN 
_refine.pdbx_refine_id                           'X-RAY DIFFRACTION' 
_refine.ls_abs_structure_details                 ? 
_refine.ls_abs_structure_Flack                   ? 
_refine.ls_abs_structure_Flack_esd               ? 
_refine.ls_abs_structure_Rogers                  ? 
_refine.ls_abs_structure_Rogers_esd              ? 
_refine.ls_d_res_high                            3.1200 
_refine.ls_d_res_low                             50. 
_refine.ls_extinction_coef                       ? 
_refine.ls_extinction_coef_esd                   ? 
_refine.ls_extinction_expression                 ? 
_refine.ls_extinction_method                     ? 
_refine.ls_goodness_of_fit_all                   ? 
_refine.ls_goodness_of_fit_all_esd               ? 
_refine.ls_goodness_of_fit_obs                   ? 
_refine.ls_goodness_of_fit_obs_esd               ? 
_refine.ls_hydrogen_treatment                    ? 
_refine.ls_matrix_type                           ? 
_refine.ls_number_constraints                    ? 
_refine.ls_number_parameters                     ? 
_refine.ls_number_reflns_all                     ? 
_refine.ls_number_reflns_obs                     4135 
_refine.ls_number_reflns_R_free                  286 
_refine.ls_number_reflns_R_work                  ? 
_refine.ls_number_restraints                     ? 
_refine.ls_percent_reflns_obs                    77.7300 
_refine.ls_percent_reflns_R_free                 6.5000 
_refine.ls_R_factor_all                          ? 
_refine.ls_R_factor_obs                          0.2103 
_refine.ls_R_factor_R_free                       0.2285 
_refine.ls_R_factor_R_free_error                 ? 
_refine.ls_R_factor_R_free_error_details         ? 
_refine.ls_R_factor_R_work                       0.2087 
_refine.ls_R_Fsqd_factor_obs                     ? 
_refine.ls_R_I_factor_obs                        ? 
_refine.ls_redundancy_reflns_all                 ? 
_refine.ls_redundancy_reflns_obs                 ? 
_refine.ls_restrained_S_all                      ? 
_refine.ls_restrained_S_obs                      ? 
_refine.ls_shift_over_esd_max                    ? 
_refine.ls_shift_over_esd_mean                   ? 
_refine.ls_structure_factor_coef                 ? 
_refine.ls_weighting_details                     ? 
_refine.ls_weighting_scheme                      ? 
_refine.ls_wR_factor_all                         ? 
_refine.ls_wR_factor_obs                         ? 
_refine.ls_wR_factor_R_free                      ? 
_refine.ls_wR_factor_R_work                      ? 
_refine.occupancy_max                            ? 
_refine.occupancy_min                            ? 
_refine.solvent_model_details                    MASK 
_refine.solvent_model_param_bsol                 ? 
_refine.solvent_model_param_ksol                 ? 
_refine.pdbx_R_complete                          ? 
_refine.ls_R_factor_gt                           ? 
_refine.ls_goodness_of_fit_gt                    ? 
_refine.ls_goodness_of_fit_ref                   ? 
_refine.ls_shift_over_su_max                     ? 
_refine.ls_shift_over_su_max_lt                  ? 
_refine.ls_shift_over_su_mean                    ? 
_refine.ls_shift_over_su_mean_lt                 ? 
_refine.pdbx_ls_sigma_I                          ? 
_refine.pdbx_ls_sigma_F                          0.000 
_refine.pdbx_ls_sigma_Fsqd                       ? 
_refine.pdbx_data_cutoff_high_absF               ? 
_refine.pdbx_data_cutoff_high_rms_absF           ? 
_refine.pdbx_data_cutoff_low_absF                ? 
_refine.pdbx_isotropic_thermal_model             ? 
_refine.pdbx_ls_cross_valid_method               THROUGHOUT 
_refine.pdbx_method_to_determine_struct          'MOLECULAR REPLACEMENT' 
_refine.pdbx_starting_model                      6x8c 
_refine.pdbx_stereochemistry_target_values       'MAXIMUM LIKELIHOOD' 
_refine.pdbx_R_Free_selection_details            RANDOM 
_refine.pdbx_stereochem_target_val_spec_case     ? 
_refine.pdbx_overall_ESU_R                       0.7930 
_refine.pdbx_overall_ESU_R_Free                  0.3610 
_refine.pdbx_solvent_vdw_probe_radii             1.2000 
_refine.pdbx_solvent_ion_probe_radii             0.8000 
_refine.pdbx_solvent_shrinkage_radii             0.8000 
_refine.pdbx_real_space_R                        ? 
_refine.pdbx_density_correlation                 ? 
_refine.pdbx_pd_number_of_powder_patterns        ? 
_refine.pdbx_pd_number_of_points                 ? 
_refine.pdbx_pd_meas_number_of_points            ? 
_refine.pdbx_pd_proc_ls_prof_R_factor            ? 
_refine.pdbx_pd_proc_ls_prof_wR_factor           ? 
_refine.pdbx_pd_Marquardt_correlation_coeff      ? 
_refine.pdbx_pd_Fsqrd_R_factor                   ? 
_refine.pdbx_pd_ls_matrix_band_width             ? 
_refine.pdbx_overall_phase_error                 ? 
_refine.pdbx_overall_SU_R_free_Cruickshank_DPI   ? 
_refine.pdbx_overall_SU_R_free_Blow_DPI          ? 
_refine.pdbx_overall_SU_R_Blow_DPI               ? 
_refine.pdbx_TLS_residual_ADP_flag               ? 
_refine.pdbx_diffrn_id                           1 
_refine.overall_SU_B                             24.8740 
_refine.overall_SU_ML                            0.4290 
_refine.overall_SU_R_Cruickshank_DPI             ? 
_refine.overall_SU_R_free                        ? 
_refine.overall_FOM_free_R_set                   ? 
_refine.overall_FOM_work_R_set                   ? 
_refine.pdbx_average_fsc_overall                 ? 
_refine.pdbx_average_fsc_work                    ? 
_refine.pdbx_average_fsc_free                    ? 
# 
_refine_hist.pdbx_refine_id                   'X-RAY DIFFRACTION' 
_refine_hist.cycle_id                         final 
_refine_hist.details                          ? 
_refine_hist.d_res_high                       3.1200 
_refine_hist.d_res_low                        50. 
_refine_hist.number_atoms_solvent             0 
_refine_hist.number_atoms_total               855 
_refine_hist.number_reflns_all                ? 
_refine_hist.number_reflns_obs                ? 
_refine_hist.number_reflns_R_free             ? 
_refine_hist.number_reflns_R_work             ? 
_refine_hist.R_factor_all                     ? 
_refine_hist.R_factor_obs                     ? 
_refine_hist.R_factor_R_free                  ? 
_refine_hist.R_factor_R_work                  ? 
_refine_hist.pdbx_number_residues_total       42 
_refine_hist.pdbx_B_iso_mean_ligand           ? 
_refine_hist.pdbx_B_iso_mean_solvent          ? 
_refine_hist.pdbx_number_atoms_protein        0 
_refine_hist.pdbx_number_atoms_nucleic_acid   855 
_refine_hist.pdbx_number_atoms_ligand         0 
_refine_hist.pdbx_number_atoms_lipid          ? 
_refine_hist.pdbx_number_atoms_carb           ? 
_refine_hist.pdbx_pseudo_atom_details         ? 
# 
_refine_ls_shell.pdbx_refine_id                   'X-RAY DIFFRACTION' 
_refine_ls_shell.d_res_high                       3.1230 
_refine_ls_shell.d_res_low                        3.2040 
_refine_ls_shell.number_reflns_all                149 
_refine_ls_shell.number_reflns_obs                ? 
_refine_ls_shell.number_reflns_R_free             11 
_refine_ls_shell.number_reflns_R_work             138 
_refine_ls_shell.percent_reflns_obs               36.1700 
_refine_ls_shell.percent_reflns_R_free            ? 
_refine_ls_shell.R_factor_all                     ? 
_refine_ls_shell.R_factor_obs                     ? 
_refine_ls_shell.R_factor_R_free                  0.4040 
_refine_ls_shell.R_factor_R_free_error            0.0000 
_refine_ls_shell.R_factor_R_work                  0.1970 
_refine_ls_shell.redundancy_reflns_all            ? 
_refine_ls_shell.redundancy_reflns_obs            ? 
_refine_ls_shell.wR_factor_all                    ? 
_refine_ls_shell.wR_factor_obs                    ? 
_refine_ls_shell.wR_factor_R_free                 ? 
_refine_ls_shell.wR_factor_R_work                 ? 
_refine_ls_shell.pdbx_R_complete                  ? 
_refine_ls_shell.pdbx_total_number_of_bins_used   20 
_refine_ls_shell.pdbx_phase_error                 ? 
_refine_ls_shell.pdbx_fsc_work                    ? 
_refine_ls_shell.pdbx_fsc_free                    ? 
# 
_struct.entry_id                     6XGN 
_struct.title                        
'Self-assembly of a 3D DNA crystal lattice (4x5 junction version) containing the J33 immobile Holliday junction' 
_struct.pdbx_model_details           ? 
_struct.pdbx_formula_weight          ? 
_struct.pdbx_formula_weight_method   ? 
_struct.pdbx_model_type_details      ? 
_struct.pdbx_CASP_flag               N 
# 
_struct_keywords.entry_id        6XGN 
_struct_keywords.text            
'Structural DNA nanotechnology, immobile Holliday junctions, 3D DNA self-assembly, designer DNA crystals, DNA' 
_struct_keywords.pdbx_keywords   DNA 
# 
loop_
_struct_asym.id 
_struct_asym.pdbx_blank_PDB_chainid_flag 
_struct_asym.pdbx_modified 
_struct_asym.entity_id 
_struct_asym.details 
A N N 1 ? 
B N N 2 ? 
C N N 3 ? 
D N N 4 ? 
# 
loop_
_struct_conn.id 
_struct_conn.conn_type_id 
_struct_conn.pdbx_leaving_atom_flag 
_struct_conn.pdbx_PDB_id 
_struct_conn.ptnr1_label_asym_id 
_struct_conn.ptnr1_label_comp_id 
_struct_conn.ptnr1_label_seq_id 
_struct_conn.ptnr1_label_atom_id 
_struct_conn.pdbx_ptnr1_label_alt_id 
_struct_conn.pdbx_ptnr1_PDB_ins_code 
_struct_conn.pdbx_ptnr1_standard_comp_id 
_struct_conn.ptnr1_symmetry 
_struct_conn.ptnr2_label_asym_id 
_struct_conn.ptnr2_label_comp_id 
_struct_conn.ptnr2_label_seq_id 
_struct_conn.ptnr2_label_atom_id 
_struct_conn.pdbx_ptnr2_label_alt_id 
_struct_conn.pdbx_ptnr2_PDB_ins_code 
_struct_conn.ptnr1_auth_asym_id 
_struct_conn.ptnr1_auth_comp_id 
_struct_conn.ptnr1_auth_seq_id 
_struct_conn.ptnr2_auth_asym_id 
_struct_conn.ptnr2_auth_comp_id 
_struct_conn.ptnr2_auth_seq_id 
_struct_conn.ptnr2_symmetry 
_struct_conn.pdbx_ptnr3_label_atom_id 
_struct_conn.pdbx_ptnr3_label_seq_id 
_struct_conn.pdbx_ptnr3_label_comp_id 
_struct_conn.pdbx_ptnr3_label_asym_id 
_struct_conn.pdbx_ptnr3_label_alt_id 
_struct_conn.pdbx_ptnr3_PDB_ins_code 
_struct_conn.details 
_struct_conn.pdbx_dist_value 
_struct_conn.pdbx_value_order 
_struct_conn.pdbx_role 
hydrog1  hydrog ? ? A DG 3  N1 ? ? ? 1_555 D DC 16 N3 ? ? A DG 3  D DC 16 1_555 ? ? ? ? ? ? WATSON-CRICK    ? ? ? 
hydrog2  hydrog ? ? A DG 3  N2 ? ? ? 1_555 D DC 16 O2 ? ? A DG 3  D DC 16 1_555 ? ? ? ? ? ? WATSON-CRICK    ? ? ? 
hydrog3  hydrog ? ? A DG 3  O6 ? ? ? 1_555 D DC 16 N4 ? ? A DG 3  D DC 16 1_555 ? ? ? ? ? ? WATSON-CRICK    ? ? ? 
hydrog4  hydrog ? ? A DC 4  N3 ? ? ? 1_555 D DG 15 N1 ? ? A DC 4  D DG 15 1_555 ? ? ? ? ? ? WATSON-CRICK    ? ? ? 
hydrog5  hydrog ? ? A DC 4  N4 ? ? ? 1_555 D DG 15 O6 ? ? A DC 4  D DG 15 1_555 ? ? ? ? ? ? WATSON-CRICK    ? ? ? 
hydrog6  hydrog ? ? A DC 4  O2 ? ? ? 1_555 D DG 15 N2 ? ? A DC 4  D DG 15 1_555 ? ? ? ? ? ? WATSON-CRICK    ? ? ? 
hydrog7  hydrog ? ? A DG 6  N1 ? ? ? 1_555 D DC 13 N3 ? ? A DG 6  D DC 13 1_555 ? ? ? ? ? ? WATSON-CRICK    ? ? ? 
hydrog8  hydrog ? ? A DG 6  N2 ? ? ? 1_555 D DC 13 O2 ? ? A DG 6  D DC 13 1_555 ? ? ? ? ? ? WATSON-CRICK    ? ? ? 
hydrog9  hydrog ? ? A DG 6  O6 ? ? ? 1_555 D DC 13 N4 ? ? A DG 6  D DC 13 1_555 ? ? ? ? ? ? WATSON-CRICK    ? ? ? 
hydrog10 hydrog ? ? A DA 7  N1 ? ? ? 1_555 D DT 12 N3 ? ? A DA 7  D DT 12 1_555 ? ? ? ? ? ? WATSON-CRICK    ? ? ? 
hydrog11 hydrog ? ? A DA 7  N6 ? ? ? 1_555 D DT 12 O4 ? ? A DA 7  D DT 12 1_555 ? ? ? ? ? ? WATSON-CRICK    ? ? ? 
hydrog12 hydrog ? ? A DC 8  N3 ? ? ? 1_555 D DG 11 N1 ? ? A DC 8  D DG 11 1_555 ? ? ? ? ? ? WATSON-CRICK    ? ? ? 
hydrog13 hydrog ? ? A DC 8  N4 ? ? ? 1_555 D DG 11 O6 ? ? A DC 8  D DG 11 1_555 ? ? ? ? ? ? WATSON-CRICK    ? ? ? 
hydrog14 hydrog ? ? A DC 8  O2 ? ? ? 1_555 D DG 11 N2 ? ? A DC 8  D DG 11 1_555 ? ? ? ? ? ? WATSON-CRICK    ? ? ? 
hydrog15 hydrog ? ? A DT 9  N3 ? ? ? 1_555 D DA 10 N1 ? ? A DT 9  D DA 10 1_555 ? ? ? ? ? ? WATSON-CRICK    ? ? ? 
hydrog16 hydrog ? ? A DT 9  O4 ? ? ? 1_555 D DA 10 N6 ? ? A DT 9  D DA 10 1_555 ? ? ? ? ? ? WATSON-CRICK    ? ? ? 
hydrog17 hydrog ? ? A DT 10 O4 ? ? ? 1_555 C DC 1  N4 ? ? A DT 10 C DC 1  1_555 ? ? ? ? ? ? 'DT-DC MISPAIR' ? ? ? 
hydrog18 hydrog ? ? A DT 10 N3 ? ? ? 1_555 C DA 2  N1 ? ? A DT 10 C DA 2  1_555 ? ? ? ? ? ? 'DT-DA PAIR'    ? ? ? 
hydrog19 hydrog ? ? A DG 11 N1 ? ? ? 1_555 C DC 1  N3 ? ? A DG 11 C DC 1  1_555 ? ? ? ? ? ? WATSON-CRICK    ? ? ? 
hydrog20 hydrog ? ? A DG 11 N2 ? ? ? 1_555 C DC 1  O2 ? ? A DG 11 C DC 1  1_555 ? ? ? ? ? ? WATSON-CRICK    ? ? ? 
hydrog21 hydrog ? ? A DG 11 O6 ? ? ? 1_555 C DC 1  N4 ? ? A DG 11 C DC 1  1_555 ? ? ? ? ? ? WATSON-CRICK    ? ? ? 
hydrog22 hydrog ? ? B DA 1  N1 ? ? ? 1_555 C DT 5  N3 ? ? B DA 12 C DT 5  1_555 ? ? ? ? ? ? WATSON-CRICK    ? ? ? 
hydrog23 hydrog ? ? B DA 1  N6 ? ? ? 1_555 C DT 5  O4 ? ? B DA 12 C DT 5  1_555 ? ? ? ? ? ? WATSON-CRICK    ? ? ? 
hydrog24 hydrog ? ? B DC 2  N3 ? ? ? 1_555 C DG 4  N1 ? ? B DC 13 C DG 4  1_555 ? ? ? ? ? ? WATSON-CRICK    ? ? ? 
hydrog25 hydrog ? ? B DC 2  N4 ? ? ? 1_555 C DG 4  O6 ? ? B DC 13 C DG 4  1_555 ? ? ? ? ? ? WATSON-CRICK    ? ? ? 
hydrog26 hydrog ? ? B DC 2  O2 ? ? ? 1_555 C DG 4  N2 ? ? B DC 13 C DG 4  1_555 ? ? ? ? ? ? WATSON-CRICK    ? ? ? 
hydrog27 hydrog ? ? B DA 3  N1 ? ? ? 1_555 C DT 3  N3 ? ? B DA 14 C DT 3  1_555 ? ? ? ? ? ? WATSON-CRICK    ? ? ? 
hydrog28 hydrog ? ? B DA 3  N6 ? ? ? 1_555 C DT 3  O4 ? ? B DA 14 C DT 3  1_555 ? ? ? ? ? ? WATSON-CRICK    ? ? ? 
hydrog29 hydrog ? ? B DG 4  N2 ? ? ? 1_555 D DC 9  O2 ? ? B DG 15 D DC 9  1_555 ? ? ? ? ? ? 'DG-DC PAIR'    ? ? ? 
hydrog30 hydrog ? ? B DC 5  N3 ? ? ? 1_555 D DG 8  N1 ? ? B DC 16 D DG 8  1_555 ? ? ? ? ? ? WATSON-CRICK    ? ? ? 
hydrog31 hydrog ? ? B DC 5  N4 ? ? ? 1_555 D DG 8  O6 ? ? B DC 16 D DG 8  1_555 ? ? ? ? ? ? WATSON-CRICK    ? ? ? 
hydrog32 hydrog ? ? B DC 5  O2 ? ? ? 1_555 D DG 8  N2 ? ? B DC 16 D DG 8  1_555 ? ? ? ? ? ? WATSON-CRICK    ? ? ? 
hydrog33 hydrog ? ? B DA 6  N1 ? ? ? 1_555 D DT 7  N3 ? ? B DA 17 D DT 7  1_555 ? ? ? ? ? ? WATSON-CRICK    ? ? ? 
hydrog34 hydrog ? ? B DA 6  N6 ? ? ? 1_555 D DT 7  O4 ? ? B DA 17 D DT 7  1_555 ? ? ? ? ? ? WATSON-CRICK    ? ? ? 
hydrog35 hydrog ? ? B DC 7  N3 ? ? ? 1_555 D DG 6  N1 ? ? B DC 18 D DG 6  1_555 ? ? ? ? ? ? WATSON-CRICK    ? ? ? 
hydrog36 hydrog ? ? B DC 7  N4 ? ? ? 1_555 D DG 6  O6 ? ? B DC 18 D DG 6  1_555 ? ? ? ? ? ? WATSON-CRICK    ? ? ? 
hydrog37 hydrog ? ? B DC 7  O2 ? ? ? 1_555 D DG 6  N2 ? ? B DC 18 D DG 6  1_555 ? ? ? ? ? ? WATSON-CRICK    ? ? ? 
hydrog38 hydrog ? ? B DT 8  N3 ? ? ? 1_555 D DA 5  N1 ? ? B DT 19 D DA 5  1_555 ? ? ? ? ? ? WATSON-CRICK    ? ? ? 
hydrog39 hydrog ? ? B DT 8  O4 ? ? ? 1_555 D DA 5  N6 ? ? B DT 19 D DA 5  1_555 ? ? ? ? ? ? WATSON-CRICK    ? ? ? 
hydrog40 hydrog ? ? B DC 9  N3 ? ? ? 1_555 D DG 4  N1 ? ? B DC 20 D DG 4  1_555 ? ? ? ? ? ? WATSON-CRICK    ? ? ? 
hydrog41 hydrog ? ? B DC 9  N4 ? ? ? 1_555 D DG 4  O6 ? ? B DC 20 D DG 4  1_555 ? ? ? ? ? ? WATSON-CRICK    ? ? ? 
hydrog42 hydrog ? ? B DC 9  O2 ? ? ? 1_555 D DG 4  N2 ? ? B DC 20 D DG 4  1_555 ? ? ? ? ? ? WATSON-CRICK    ? ? ? 
hydrog43 hydrog ? ? B DA 10 N1 ? ? ? 1_555 D DT 3  N3 ? ? B DA 21 D DT 3  1_555 ? ? ? ? ? ? 'DA-DT PAIR'    ? ? ? 
# 
_struct_conn_type.id          hydrog 
_struct_conn_type.criteria    ? 
_struct_conn_type.reference   ? 
# 
_atom_sites.entry_id                    6XGN 
_atom_sites.Cartn_transf_matrix[1][1]   ? 
_atom_sites.Cartn_transf_matrix[1][2]   ? 
_atom_sites.Cartn_transf_matrix[1][3]   ? 
_atom_sites.Cartn_transf_matrix[2][1]   ? 
_atom_sites.Cartn_transf_matrix[2][2]   ? 
_atom_sites.Cartn_transf_matrix[2][3]   ? 
_atom_sites.Cartn_transf_matrix[3][1]   ? 
_atom_sites.Cartn_transf_matrix[3][2]   ? 
_atom_sites.Cartn_transf_matrix[3][3]   ? 
_atom_sites.Cartn_transf_vector[1]      ? 
_atom_sites.Cartn_transf_vector[2]      ? 
_atom_sites.Cartn_transf_vector[3]      ? 
_atom_sites.fract_transf_matrix[1][1]   -0.01056092 
_atom_sites.fract_transf_matrix[1][2]   0.01106270 
_atom_sites.fract_transf_matrix[1][3]   0.00716272 
_atom_sites.fract_transf_matrix[2][1]   -0.00986559 
_atom_sites.fract_transf_matrix[2][2]   -0.00483259 
_atom_sites.fract_transf_matrix[2][3]   0.01282788 
_atom_sites.fract_transf_matrix[3][1]   0.01165839 
_atom_sites.fract_transf_matrix[3][2]   0.00428028 
_atom_sites.fract_transf_matrix[3][3]   0.01057865 
_atom_sites.fract_transf_vector[1]      0.279156 
_atom_sites.fract_transf_vector[2]      0.128290 
_atom_sites.fract_transf_vector[3]      -0.085270 
_atom_sites.solution_primary            ? 
_atom_sites.solution_secondary          ? 
_atom_sites.solution_hydrogens          ? 
_atom_sites.special_details             ? 
# 
loop_
_atom_type.symbol 
C 
N 
O 
P 
# 
loop_
_atom_site.group_PDB 
_atom_site.id 
_atom_site.type_symbol 
_atom_site.label_atom_id 
_atom_site.label_alt_id 
_atom_site.label_comp_id 
_atom_site.label_asym_id 
_atom_site.label_entity_id 
_atom_site.label_seq_id 
_atom_site.pdbx_PDB_ins_code 
_atom_site.Cartn_x 
_atom_site.Cartn_y 
_atom_site.Cartn_z 
_atom_site.occupancy 
_atom_site.B_iso_or_equiv 
_atom_site.pdbx_formal_charge 
_atom_site.auth_seq_id 
_atom_site.auth_comp_id 
_atom_site.auth_asym_id 
_atom_site.auth_atom_id 
_atom_site.pdbx_PDB_model_num 
ATOM 1   O "O5'" . DG A 1 1  ? -10.430 17.338  -18.483 1.00 185.44 ? 1  DG A "O5'" 1 
ATOM 2   C "C5'" . DG A 1 1  ? -10.321 17.085  -17.072 1.00 187.96 ? 1  DG A "C5'" 1 
ATOM 3   C "C4'" . DG A 1 1  ? -10.232 18.388  -16.310 1.00 194.62 ? 1  DG A "C4'" 1 
ATOM 4   O "O4'" . DG A 1 1  ? -11.520 18.714  -15.742 1.00 193.04 ? 1  DG A "O4'" 1 
ATOM 5   C "C3'" . DG A 1 1  ? -9.280  18.340  -15.124 1.00 192.82 ? 1  DG A "C3'" 1 
ATOM 6   O "O3'" . DG A 1 1  ? -7.934  18.655  -15.496 1.00 185.90 ? 1  DG A "O3'" 1 
ATOM 7   C "C2'" . DG A 1 1  ? -9.856  19.373  -14.172 1.00 191.17 ? 1  DG A "C2'" 1 
ATOM 8   C "C1'" . DG A 1 1  ? -11.351 19.421  -14.513 1.00 185.74 ? 1  DG A "C1'" 1 
ATOM 9   N N9    . DG A 1 1  ? -12.237 18.817  -13.519 1.00 164.14 ? 1  DG A N9    1 
ATOM 10  C C8    . DG A 1 1  ? -13.300 17.975  -13.754 1.00 146.75 ? 1  DG A C8    1 
ATOM 11  N N7    . DG A 1 1  ? -13.903 17.594  -12.661 1.00 124.77 ? 1  DG A N7    1 
ATOM 12  C C5    . DG A 1 1  ? -13.202 18.227  -11.643 1.00 134.86 ? 1  DG A C5    1 
ATOM 13  C C6    . DG A 1 1  ? -13.395 18.195  -10.239 1.00 130.74 ? 1  DG A C6    1 
ATOM 14  O O6    . DG A 1 1  ? -14.252 17.579  -9.594  1.00 99.35  ? 1  DG A O6    1 
ATOM 15  N N1    . DG A 1 1  ? -12.459 18.985  -9.575  1.00 143.93 ? 1  DG A N1    1 
ATOM 16  C C2    . DG A 1 1  ? -11.467 19.718  -10.186 1.00 155.50 ? 1  DG A C2    1 
ATOM 17  N N2    . DG A 1 1  ? -10.661 20.422  -9.377  1.00 155.69 ? 1  DG A N2    1 
ATOM 18  N N3    . DG A 1 1  ? -11.279 19.756  -11.494 1.00 151.21 ? 1  DG A N3    1 
ATOM 19  C C4    . DG A 1 1  ? -12.176 18.993  -12.157 1.00 153.62 ? 1  DG A C4    1 
ATOM 20  P P     . DA A 1 2  ? -6.704  17.885  -14.819 1.00 181.64 ? 2  DA A P     1 
ATOM 21  O OP1   . DA A 1 2  ? -5.903  18.876  -14.049 1.00 167.79 ? 2  DA A OP1   1 
ATOM 22  O OP2   . DA A 1 2  ? -6.058  17.054  -15.868 1.00 182.55 ? 2  DA A OP2   1 
ATOM 23  O "O5'" . DA A 1 2  ? -7.395  16.919  -13.760 1.00 169.27 ? 2  DA A "O5'" 1 
ATOM 24  C "C5'" . DA A 1 2  ? -6.643  16.316  -12.692 1.00 170.55 ? 2  DA A "C5'" 1 
ATOM 25  C "C4'" . DA A 1 2  ? -6.647  17.202  -11.466 1.00 158.30 ? 2  DA A "C4'" 1 
ATOM 26  O "O4'" . DA A 1 2  ? -7.896  17.921  -11.383 1.00 145.75 ? 2  DA A "O4'" 1 
ATOM 27  C "C3'" . DA A 1 2  ? -6.474  16.456  -10.140 1.00 155.51 ? 2  DA A "C3'" 1 
ATOM 28  O "O3'" . DA A 1 2  ? -5.306  16.941  -9.474  1.00 162.88 ? 2  DA A "O3'" 1 
ATOM 29  C "C2'" . DA A 1 2  ? -7.736  16.757  -9.344  1.00 150.47 ? 2  DA A "C2'" 1 
ATOM 30  C "C1'" . DA A 1 2  ? -8.687  17.416  -10.323 1.00 155.65 ? 2  DA A "C1'" 1 
ATOM 31  N N9    . DA A 1 2  ? -9.728  16.557  -10.892 1.00 152.55 ? 2  DA A N9    1 
ATOM 32  C C8    . DA A 1 2  ? -9.979  16.284  -12.215 1.00 156.00 ? 2  DA A C8    1 
ATOM 33  N N7    . DA A 1 2  ? -11.012 15.500  -12.407 1.00 153.45 ? 2  DA A N7    1 
ATOM 34  C C5    . DA A 1 2  ? -11.483 15.250  -11.126 1.00 149.77 ? 2  DA A C5    1 
ATOM 35  C C6    . DA A 1 2  ? -12.560 14.480  -10.644 1.00 147.29 ? 2  DA A C6    1 
ATOM 36  N N6    . DA A 1 2  ? -13.392 13.796  -11.434 1.00 145.00 ? 2  DA A N6    1 
ATOM 37  N N1    . DA A 1 2  ? -12.751 14.434  -9.305  1.00 117.49 ? 2  DA A N1    1 
ATOM 38  C C2    . DA A 1 2  ? -11.914 15.122  -8.514  1.00 120.72 ? 2  DA A C2    1 
ATOM 39  N N3    . DA A 1 2  ? -10.867 15.879  -8.849  1.00 127.48 ? 2  DA A N3    1 
ATOM 40  C C4    . DA A 1 2  ? -10.704 15.901  -10.184 1.00 138.76 ? 2  DA A C4    1 
ATOM 41  P P     . DG A 1 3  ? -4.717  16.169  -8.201  1.00 177.29 ? 3  DG A P     1 
ATOM 42  O OP1   . DG A 1 3  ? -3.326  16.649  -7.983  1.00 175.76 ? 3  DG A OP1   1 
ATOM 43  O OP2   . DG A 1 3  ? -4.969  14.722  -8.371  1.00 162.56 ? 3  DG A OP2   1 
ATOM 44  O "O5'" . DG A 1 3  ? -5.656  16.653  -7.008  1.00 160.29 ? 3  DG A "O5'" 1 
ATOM 45  C "C5'" . DG A 1 3  ? -5.389  16.243  -5.655  1.00 157.39 ? 3  DG A "C5'" 1 
ATOM 46  C "C4'" . DG A 1 3  ? -6.462  15.304  -5.153  1.00 157.65 ? 3  DG A "C4'" 1 
ATOM 47  O "O4'" . DG A 1 3  ? -7.445  15.047  -6.186  1.00 148.46 ? 3  DG A "O4'" 1 
ATOM 48  C "C3'" . DG A 1 3  ? -5.969  13.925  -4.686  1.00 157.59 ? 3  DG A "C3'" 1 
ATOM 49  O "O3'" . DG A 1 3  ? -6.281  13.683  -3.309  1.00 162.99 ? 3  DG A "O3'" 1 
ATOM 50  C "C2'" . DG A 1 3  ? -6.751  12.945  -5.542  1.00 151.44 ? 3  DG A "C2'" 1 
ATOM 51  C "C1'" . DG A 1 3  ? -7.958  13.760  -5.925  1.00 141.89 ? 3  DG A "C1'" 1 
ATOM 52  N N9    . DG A 1 3  ? -8.649  13.284  -7.118  1.00 135.62 ? 3  DG A N9    1 
ATOM 53  C C8    . DG A 1 3  ? -8.242  13.383  -8.427  1.00 137.07 ? 3  DG A C8    1 
ATOM 54  N N7    . DG A 1 3  ? -9.075  12.829  -9.267  1.00 134.45 ? 3  DG A N7    1 
ATOM 55  C C5    . DG A 1 3  ? -10.080 12.311  -8.461  1.00 124.10 ? 3  DG A C5    1 
ATOM 56  C C6    . DG A 1 3  ? -11.261 11.596  -8.805  1.00 105.78 ? 3  DG A C6    1 
ATOM 57  O O6    . DG A 1 3  ? -11.662 11.268  -9.930  1.00 88.12  ? 3  DG A O6    1 
ATOM 58  N N1    . DG A 1 3  ? -12.007 11.270  -7.675  1.00 98.44  ? 3  DG A N1    1 
ATOM 59  C C2    . DG A 1 3  ? -11.664 11.589  -6.379  1.00 98.10  ? 3  DG A C2    1 
ATOM 60  N N2    . DG A 1 3  ? -12.509 11.182  -5.419  1.00 93.80  ? 3  DG A N2    1 
ATOM 61  N N3    . DG A 1 3  ? -10.565 12.251  -6.049  1.00 101.28 ? 3  DG A N3    1 
ATOM 62  C C4    . DG A 1 3  ? -9.829  12.582  -7.131  1.00 122.41 ? 3  DG A C4    1 
ATOM 63  P P     . DC A 1 4  ? -5.476  12.561  -2.480  1.00 187.15 ? 4  DC A P     1 
ATOM 64  O OP1   . DC A 1 4  ? -5.818  12.722  -1.046  1.00 195.92 ? 4  DC A OP1   1 
ATOM 65  O OP2   . DC A 1 4  ? -4.050  12.625  -2.889  1.00 174.04 ? 4  DC A OP2   1 
ATOM 66  O "O5'" . DC A 1 4  ? -6.100  11.193  -3.012  1.00 183.89 ? 4  DC A "O5'" 1 
ATOM 67  C "C5'" . DC A 1 4  ? -6.539  10.131  -2.132  1.00 170.16 ? 4  DC A "C5'" 1 
ATOM 68  C "C4'" . DC A 1 4  ? -7.962  9.741   -2.458  1.00 157.92 ? 4  DC A "C4'" 1 
ATOM 69  O "O4'" . DC A 1 4  ? -8.294  10.191  -3.784  1.00 153.39 ? 4  DC A "O4'" 1 
ATOM 70  C "C3'" . DC A 1 4  ? -8.252  8.244   -2.485  1.00 157.59 ? 4  DC A "C3'" 1 
ATOM 71  O "O3'" . DC A 1 4  ? -8.639  7.763   -1.196  1.00 164.48 ? 4  DC A "O3'" 1 
ATOM 72  C "C2'" . DC A 1 4  ? -9.441  8.140   -3.423  1.00 151.33 ? 4  DC A "C2'" 1 
ATOM 73  C "C1'" . DC A 1 4  ? -9.382  9.410   -4.265  1.00 160.33 ? 4  DC A "C1'" 1 
ATOM 74  N N1    . DC A 1 4  ? -9.216  9.219   -5.721  1.00 153.04 ? 4  DC A N1    1 
ATOM 75  C C2    . DC A 1 4  ? -10.268 8.632   -6.443  1.00 150.49 ? 4  DC A C2    1 
ATOM 76  O O2    . DC A 1 4  ? -11.283 8.255   -5.831  1.00 136.32 ? 4  DC A O2    1 
ATOM 77  N N3    . DC A 1 4  ? -10.153 8.493   -7.786  1.00 141.33 ? 4  DC A N3    1 
ATOM 78  C C4    . DC A 1 4  ? -9.052  8.922   -8.410  1.00 146.26 ? 4  DC A C4    1 
ATOM 79  N N4    . DC A 1 4  ? -8.979  8.762   -9.735  1.00 139.05 ? 4  DC A N4    1 
ATOM 80  C C5    . DC A 1 4  ? -7.971  9.534   -7.701  1.00 141.77 ? 4  DC A C5    1 
ATOM 81  C C6    . DC A 1 4  ? -8.096  9.664   -6.372  1.00 138.12 ? 4  DC A C6    1 
ATOM 82  P P     . DA A 1 5  ? -7.547  7.183   -0.177  1.00 178.28 ? 5  DA A P     1 
ATOM 83  O OP1   . DA A 1 5  ? -7.595  8.004   1.066   1.00 183.40 ? 5  DA A OP1   1 
ATOM 84  O OP2   . DA A 1 5  ? -6.258  7.023   -0.906  1.00 147.05 ? 5  DA A OP2   1 
ATOM 85  O "O5'" . DA A 1 5  ? -8.135  5.748   0.186   1.00 156.82 ? 5  DA A "O5'" 1 
ATOM 86  C "C5'" . DA A 1 5  ? -9.406  5.624   0.854   1.00 159.12 ? 5  DA A "C5'" 1 
ATOM 87  C "C4'" . DA A 1 5  ? -10.386 4.836   0.013   1.00 156.57 ? 5  DA A "C4'" 1 
ATOM 88  O "O4'" . DA A 1 5  ? -10.349 5.261   -1.371  1.00 146.67 ? 5  DA A "O4'" 1 
ATOM 89  C "C3'" . DA A 1 5  ? -10.157 3.325   -0.004  1.00 150.23 ? 5  DA A "C3'" 1 
ATOM 90  O "O3'" . DA A 1 5  ? -11.394 2.633   0.151   1.00 153.44 ? 5  DA A "O3'" 1 
ATOM 91  C "C2'" . DA A 1 5  ? -9.591  3.055   -1.383  1.00 139.99 ? 5  DA A "C2'" 1 
ATOM 92  C "C1'" . DA A 1 5  ? -10.226 4.136   -2.222  1.00 132.58 ? 5  DA A "C1'" 1 
ATOM 93  N N9    . DA A 1 5  ? -9.419  4.547   -3.360  1.00 124.17 ? 5  DA A N9    1 
ATOM 94  C C8    . DA A 1 5  ? -8.187  5.150   -3.332  1.00 131.32 ? 5  DA A C8    1 
ATOM 95  N N7    . DA A 1 5  ? -7.720  5.453   -4.519  1.00 128.73 ? 5  DA A N7    1 
ATOM 96  C C5    . DA A 1 5  ? -8.704  5.003   -5.388  1.00 132.70 ? 5  DA A C5    1 
ATOM 97  C C6    . DA A 1 5  ? -8.808  5.016   -6.795  1.00 122.84 ? 5  DA A C6    1 
ATOM 98  N N6    . DA A 1 5  ? -7.870  5.519   -7.604  1.00 101.24 ? 5  DA A N6    1 
ATOM 99  N N1    . DA A 1 5  ? -9.923  4.488   -7.347  1.00 132.04 ? 5  DA A N1    1 
ATOM 100 C C2    . DA A 1 5  ? -10.872 3.997   -6.535  1.00 143.45 ? 5  DA A C2    1 
ATOM 101 N N3    . DA A 1 5  ? -10.887 3.927   -5.201  1.00 146.57 ? 5  DA A N3    1 
ATOM 102 C C4    . DA A 1 5  ? -9.764  4.456   -4.685  1.00 133.83 ? 5  DA A C4    1 
ATOM 103 P P     . DG A 1 6  ? -11.415 1.175   0.789   1.00 178.96 ? 6  DG A P     1 
ATOM 104 O OP1   . DG A 1 6  ? -12.794 0.908   1.268   1.00 187.54 ? 6  DG A OP1   1 
ATOM 105 O OP2   . DG A 1 6  ? -10.295 1.087   1.766   1.00 203.33 ? 6  DG A OP2   1 
ATOM 106 O "O5'" . DG A 1 6  ? -11.066 0.246   -0.459  1.00 167.51 ? 6  DG A "O5'" 1 
ATOM 107 C "C5'" . DG A 1 6  ? -12.018 -0.675  -1.028  1.00 151.37 ? 6  DG A "C5'" 1 
ATOM 108 C "C4'" . DG A 1 6  ? -12.235 -0.362  -2.488  1.00 139.97 ? 6  DG A "C4'" 1 
ATOM 109 O "O4'" . DG A 1 6  ? -11.261 0.587   -2.961  1.00 132.65 ? 6  DG A "O4'" 1 
ATOM 110 C "C3'" . DG A 1 6  ? -12.094 -1.553  -3.426  1.00 132.59 ? 6  DG A "C3'" 1 
ATOM 111 O "O3'" . DG A 1 6  ? -13.359 -2.197  -3.573  1.00 152.65 ? 6  DG A "O3'" 1 
ATOM 112 C "C2'" . DG A 1 6  ? -11.652 -0.923  -4.734  1.00 123.08 ? 6  DG A "C2'" 1 
ATOM 113 C "C1'" . DG A 1 6  ? -11.251 0.504   -4.374  1.00 129.52 ? 6  DG A "C1'" 1 
ATOM 114 N N9    . DG A 1 6  ? -9.932  0.905   -4.847  1.00 126.10 ? 6  DG A N9    1 
ATOM 115 C C8    . DG A 1 6  ? -8.828  1.231   -4.095  1.00 120.47 ? 6  DG A C8    1 
ATOM 116 N N7    . DG A 1 6  ? -7.799  1.578   -4.820  1.00 115.69 ? 6  DG A N7    1 
ATOM 117 C C5    . DG A 1 6  ? -8.251  1.480   -6.129  1.00 122.93 ? 6  DG A C5    1 
ATOM 118 C C6    . DG A 1 6  ? -7.583  1.741   -7.360  1.00 123.30 ? 6  DG A C6    1 
ATOM 119 O O6    . DG A 1 6  ? -6.419  2.108   -7.545  1.00 101.47 ? 6  DG A O6    1 
ATOM 120 N N1    . DG A 1 6  ? -8.421  1.530   -8.452  1.00 135.12 ? 6  DG A N1    1 
ATOM 121 C C2    . DG A 1 6  ? -9.732  1.120   -8.374  1.00 139.39 ? 6  DG A C2    1 
ATOM 122 N N2    . DG A 1 6  ? -10.375 0.959   -9.544  1.00 134.12 ? 6  DG A N2    1 
ATOM 123 N N3    . DG A 1 6  ? -10.361 0.862   -7.237  1.00 123.36 ? 6  DG A N3    1 
ATOM 124 C C4    . DG A 1 6  ? -9.567  1.065   -6.162  1.00 124.44 ? 6  DG A C4    1 
ATOM 125 P P     . DA A 1 7  ? -13.471 -3.777  -3.440  1.00 174.46 ? 7  DA A P     1 
ATOM 126 O OP1   . DA A 1 7  ? -14.902 -4.144  -3.578  1.00 195.35 ? 7  DA A OP1   1 
ATOM 127 O OP2   . DA A 1 7  ? -12.737 -4.178  -2.206  1.00 160.12 ? 7  DA A OP2   1 
ATOM 128 O "O5'" . DA A 1 7  ? -12.695 -4.292  -4.734  1.00 152.40 ? 7  DA A "O5'" 1 
ATOM 129 C "C5'" . DA A 1 7  ? -13.388 -4.744  -5.911  1.00 118.91 ? 7  DA A "C5'" 1 
ATOM 130 C "C4'" . DA A 1 7  ? -12.908 -3.991  -7.129  1.00 122.41 ? 7  DA A "C4'" 1 
ATOM 131 O "O4'" . DA A 1 7  ? -11.841 -3.068  -6.846  1.00 123.62 ? 7  DA A "O4'" 1 
ATOM 132 C "C3'" . DA A 1 7  ? -12.333 -4.873  -8.225  1.00 123.02 ? 7  DA A "C3'" 1 
ATOM 133 O "O3'" . DA A 1 7  ? -13.415 -5.389  -8.984  1.00 153.38 ? 7  DA A "O3'" 1 
ATOM 134 C "C2'" . DA A 1 7  ? -11.478 -3.916  -9.038  1.00 109.89 ? 7  DA A "C2'" 1 
ATOM 135 C "C1'" . DA A 1 7  ? -11.253 -2.731  -8.105  1.00 126.46 ? 7  DA A "C1'" 1 
ATOM 136 N N9    . DA A 1 7  ? -9.855  -2.336  -7.886  1.00 133.25 ? 7  DA A N9    1 
ATOM 137 C C8    . DA A 1 7  ? -9.178  -2.192  -6.697  1.00 123.78 ? 7  DA A C8    1 
ATOM 138 N N7    . DA A 1 7  ? -7.949  -1.758  -6.835  1.00 94.01  ? 7  DA A N7    1 
ATOM 139 C C5    . DA A 1 7  ? -7.802  -1.607  -8.206  1.00 104.13 ? 7  DA A C5    1 
ATOM 140 C C6    . DA A 1 7  ? -6.724  -1.170  -8.996  1.00 100.16 ? 7  DA A C6    1 
ATOM 141 N N6    . DA A 1 7  ? -5.546  -0.812  -8.487  1.00 84.94  ? 7  DA A N6    1 
ATOM 142 N N1    . DA A 1 7  ? -6.895  -1.140  -10.340 1.00 100.13 ? 7  DA A N1    1 
ATOM 143 C C2    . DA A 1 7  ? -8.088  -1.494  -10.841 1.00 100.67 ? 7  DA A C2    1 
ATOM 144 N N3    . DA A 1 7  ? -9.183  -1.915  -10.197 1.00 114.23 ? 7  DA A N3    1 
ATOM 145 C C4    . DA A 1 7  ? -8.970  -1.953  -8.868  1.00 120.32 ? 7  DA A C4    1 
ATOM 146 P P     . DC A 1 8  ? -13.308 -6.841  -9.564  1.00 159.31 ? 8  DC A P     1 
ATOM 147 O OP1   . DC A 1 8  ? -14.280 -6.958  -10.685 1.00 171.83 ? 8  DC A OP1   1 
ATOM 148 O OP2   . DC A 1 8  ? -13.403 -7.777  -8.410  1.00 159.52 ? 8  DC A OP2   1 
ATOM 149 O "O5'" . DC A 1 8  ? -11.835 -6.819  -10.171 1.00 134.27 ? 8  DC A "O5'" 1 
ATOM 150 C "C5'" . DC A 1 8  ? -11.510 -7.509  -11.386 1.00 114.38 ? 8  DC A "C5'" 1 
ATOM 151 C "C4'" . DC A 1 8  ? -10.911 -6.582  -12.418 1.00 106.92 ? 8  DC A "C4'" 1 
ATOM 152 O "O4'" . DC A 1 8  ? -10.195 -5.473  -11.818 1.00 109.69 ? 8  DC A "O4'" 1 
ATOM 153 C "C3'" . DC A 1 8  ? -9.902  -7.301  -13.300 1.00 123.32 ? 8  DC A "C3'" 1 
ATOM 154 O "O3'" . DC A 1 8  ? -10.010 -6.934  -14.654 1.00 140.59 ? 8  DC A "O3'" 1 
ATOM 155 C "C2'" . DC A 1 8  ? -8.557  -6.814  -12.808 1.00 130.17 ? 8  DC A "C2'" 1 
ATOM 156 C "C1'" . DC A 1 8  ? -8.861  -5.420  -12.327 1.00 128.81 ? 8  DC A "C1'" 1 
ATOM 157 N N1    . DC A 1 8  ? -7.947  -5.023  -11.230 1.00 137.53 ? 8  DC A N1    1 
ATOM 158 C C2    . DC A 1 8  ? -6.674  -4.514  -11.550 1.00 124.19 ? 8  DC A C2    1 
ATOM 159 O O2    . DC A 1 8  ? -6.371  -4.352  -12.746 1.00 112.03 ? 8  DC A O2    1 
ATOM 160 N N3    . DC A 1 8  ? -5.819  -4.196  -10.545 1.00 106.81 ? 8  DC A N3    1 
ATOM 161 C C4    . DC A 1 8  ? -6.179  -4.398  -9.273  1.00 111.50 ? 8  DC A C4    1 
ATOM 162 N N4    . DC A 1 8  ? -5.315  -4.061  -8.310  1.00 104.56 ? 8  DC A N4    1 
ATOM 163 C C5    . DC A 1 8  ? -7.456  -4.930  -8.924  1.00 122.01 ? 8  DC A C5    1 
ATOM 164 C C6    . DC A 1 8  ? -8.294  -5.239  -9.923  1.00 134.19 ? 8  DC A C6    1 
ATOM 165 P P     . DT A 1 9  ? -9.193  -7.768  -15.684 1.00 165.22 ? 9  DT A P     1 
ATOM 166 O OP1   . DT A 1 9  ? -9.924  -7.759  -16.977 1.00 197.85 ? 9  DT A OP1   1 
ATOM 167 O OP2   . DT A 1 9  ? -8.827  -9.059  -15.048 1.00 154.60 ? 9  DT A OP2   1 
ATOM 168 O "O5'" . DT A 1 9  ? -7.862  -6.922  -15.825 1.00 127.31 ? 9  DT A "O5'" 1 
ATOM 169 C "C5'" . DT A 1 9  ? -7.050  -7.163  -16.968 1.00 136.45 ? 9  DT A "C5'" 1 
ATOM 170 C "C4'" . DT A 1 9  ? -5.725  -6.463  -16.813 1.00 127.20 ? 9  DT A "C4'" 1 
ATOM 171 O "O4'" . DT A 1 9  ? -5.492  -6.151  -15.418 1.00 142.24 ? 9  DT A "O4'" 1 
ATOM 172 C "C3'" . DT A 1 9  ? -4.533  -7.305  -17.269 1.00 116.08 ? 9  DT A "C3'" 1 
ATOM 173 O "O3'" . DT A 1 9  ? -3.768  -6.569  -18.210 1.00 114.42 ? 9  DT A "O3'" 1 
ATOM 174 C "C2'" . DT A 1 9  ? -3.763  -7.575  -15.991 1.00 119.21 ? 9  DT A "C2'" 1 
ATOM 175 C "C1'" . DT A 1 9  ? -4.116  -6.365  -15.164 1.00 129.99 ? 9  DT A "C1'" 1 
ATOM 176 N N1    . DT A 1 9  ? -3.910  -6.535  -13.699 1.00 119.06 ? 9  DT A N1    1 
ATOM 177 C C2    . DT A 1 9  ? -2.671  -6.194  -13.195 1.00 99.85  ? 9  DT A C2    1 
ATOM 178 O O2    . DT A 1 9  ? -1.759  -5.768  -13.890 1.00 97.04  ? 9  DT A O2    1 
ATOM 179 N N3    . DT A 1 9  ? -2.533  -6.378  -11.840 1.00 88.81  ? 9  DT A N3    1 
ATOM 180 C C4    . DT A 1 9  ? -3.476  -6.887  -10.966 1.00 95.83  ? 9  DT A C4    1 
ATOM 181 O O4    . DT A 1 9  ? -3.196  -7.022  -9.775  1.00 85.65  ? 9  DT A O4    1 
ATOM 182 C C5    . DT A 1 9  ? -4.750  -7.231  -11.563 1.00 100.77 ? 9  DT A C5    1 
ATOM 183 C C7    . DT A 1 9  ? -5.830  -7.793  -10.694 1.00 104.75 ? 9  DT A C7    1 
ATOM 184 C C6    . DT A 1 9  ? -4.898  -7.049  -12.883 1.00 102.23 ? 9  DT A C6    1 
ATOM 185 P P     . DT A 1 10 ? -2.651  -7.317  -19.058 1.00 152.08 ? 10 DT A P     1 
ATOM 186 O OP1   . DT A 1 10 ? -3.073  -7.344  -20.484 1.00 159.49 ? 10 DT A OP1   1 
ATOM 187 O OP2   . DT A 1 10 ? -2.337  -8.603  -18.374 1.00 141.32 ? 10 DT A OP2   1 
ATOM 188 O "O5'" . DT A 1 10 ? -1.418  -6.313  -18.946 1.00 149.21 ? 10 DT A "O5'" 1 
ATOM 189 C "C5'" . DT A 1 10 ? -0.992  -5.778  -17.668 1.00 156.12 ? 10 DT A "C5'" 1 
ATOM 190 C "C4'" . DT A 1 10 ? 0.370   -6.305  -17.268 1.00 146.66 ? 10 DT A "C4'" 1 
ATOM 191 O "O4'" . DT A 1 10 ? 0.463   -6.428  -15.827 1.00 137.48 ? 10 DT A "O4'" 1 
ATOM 192 C "C3'" . DT A 1 10 ? 0.751   -7.678  -17.825 1.00 133.91 ? 10 DT A "C3'" 1 
ATOM 193 O "O3'" . DT A 1 10 ? 2.093   -7.647  -18.294 1.00 143.96 ? 10 DT A "O3'" 1 
ATOM 194 C "C2'" . DT A 1 10 ? 0.602   -8.608  -16.638 1.00 120.24 ? 10 DT A "C2'" 1 
ATOM 195 C "C1'" . DT A 1 10 ? 1.013   -7.697  -15.498 1.00 121.34 ? 10 DT A "C1'" 1 
ATOM 196 N N1    . DT A 1 10 ? 0.543   -8.056  -14.135 1.00 115.82 ? 10 DT A N1    1 
ATOM 197 C C2    . DT A 1 10 ? 1.337   -7.702  -13.065 1.00 112.50 ? 10 DT A C2    1 
ATOM 198 O O2    . DT A 1 10 ? 2.418   -7.145  -13.187 1.00 119.88 ? 10 DT A O2    1 
ATOM 199 N N3    . DT A 1 10 ? 0.814   -8.022  -11.836 1.00 97.58  ? 10 DT A N3    1 
ATOM 200 C C4    . DT A 1 10 ? -0.382  -8.663  -11.576 1.00 98.46  ? 10 DT A C4    1 
ATOM 201 O O4    . DT A 1 10 ? -0.703  -8.921  -10.415 1.00 87.63  ? 10 DT A O4    1 
ATOM 202 C C5    . DT A 1 10 ? -1.160  -9.006  -12.743 1.00 100.96 ? 10 DT A C5    1 
ATOM 203 C C7    . DT A 1 10 ? -2.475  -9.698  -12.561 1.00 118.37 ? 10 DT A C7    1 
ATOM 204 C C6    . DT A 1 10 ? -0.677  -8.671  -13.945 1.00 95.74  ? 10 DT A C6    1 
ATOM 205 P P     . DG A 1 11 ? 2.461   -8.534  -19.541 1.00 163.87 ? 11 DG A P     1 
ATOM 206 O OP1   . DG A 1 11 ? 1.763   -7.943  -20.716 1.00 164.53 ? 11 DG A OP1   1 
ATOM 207 O OP2   . DG A 1 11 ? 2.212   -9.960  -19.159 1.00 129.21 ? 11 DG A OP2   1 
ATOM 208 O "O5'" . DG A 1 11 ? 4.023   -8.283  -19.766 1.00 174.69 ? 11 DG A "O5'" 1 
ATOM 209 C "C5'" . DG A 1 11 ? 4.930   -7.787  -18.745 1.00 170.13 ? 11 DG A "C5'" 1 
ATOM 210 C "C4'" . DG A 1 11 ? 5.578   -8.900  -17.945 1.00 151.36 ? 11 DG A "C4'" 1 
ATOM 211 O "O4'" . DG A 1 11 ? 4.910   -9.012  -16.676 1.00 131.78 ? 11 DG A "O4'" 1 
ATOM 212 C "C3'" . DG A 1 11 ? 5.553   -10.306 -18.548 1.00 143.21 ? 11 DG A "C3'" 1 
ATOM 213 O "O3'" . DG A 1 11 ? 6.818   -10.587 -19.149 1.00 153.20 ? 11 DG A "O3'" 1 
ATOM 214 C "C2'" . DG A 1 11 ? 5.286   -11.228 -17.367 1.00 125.43 ? 11 DG A "C2'" 1 
ATOM 215 C "C1'" . DG A 1 11 ? 5.103   -10.308 -16.166 1.00 118.04 ? 11 DG A "C1'" 1 
ATOM 216 N N9    . DG A 1 11 ? 3.958   -10.622 -15.322 1.00 106.51 ? 11 DG A N9    1 
ATOM 217 C C8    . DG A 1 11 ? 2.726   -11.073 -15.727 1.00 113.52 ? 11 DG A C8    1 
ATOM 218 N N7    . DG A 1 11 ? 1.898   -11.261 -14.735 1.00 95.26  ? 11 DG A N7    1 
ATOM 219 C C5    . DG A 1 11 ? 2.625   -10.911 -13.610 1.00 80.95  ? 11 DG A C5    1 
ATOM 220 C C6    . DG A 1 11 ? 2.262   -10.927 -12.240 1.00 77.00  ? 11 DG A C6    1 
ATOM 221 O O6    . DG A 1 11 ? 1.189   -11.258 -11.730 1.00 60.07  ? 11 DG A O6    1 
ATOM 222 N N1    . DG A 1 11 ? 3.309   -10.500 -11.429 1.00 103.03 ? 11 DG A N1    1 
ATOM 223 C C2    . DG A 1 11 ? 4.551   -10.115 -11.877 1.00 117.97 ? 11 DG A C2    1 
ATOM 224 N N2    . DG A 1 11 ? 5.430   -9.732  -10.940 1.00 118.13 ? 11 DG A N2    1 
ATOM 225 N N3    . DG A 1 11 ? 4.903   -10.101 -13.151 1.00 121.85 ? 11 DG A N3    1 
ATOM 226 C C4    . DG A 1 11 ? 3.896   -10.503 -13.956 1.00 104.59 ? 11 DG A C4    1 
ATOM 227 P P     . DA B 2 1  ? 18.777  -15.504 4.071   1.00 146.61 ? 12 DA B P     1 
ATOM 228 O OP1   . DA B 2 1  ? 18.667  -16.402 5.252   1.00 127.02 ? 12 DA B OP1   1 
ATOM 229 O OP2   . DA B 2 1  ? 17.861  -14.343 3.945   1.00 128.56 ? 12 DA B OP2   1 
ATOM 230 O "O5'" . DA B 2 1  ? 20.268  -14.959 3.964   1.00 137.66 ? 12 DA B "O5'" 1 
ATOM 231 C "C5'" . DA B 2 1  ? 20.939  -14.479 5.150   1.00 140.03 ? 12 DA B "C5'" 1 
ATOM 232 C "C4'" . DA B 2 1  ? 20.757  -12.986 5.334   1.00 125.07 ? 12 DA B "C4'" 1 
ATOM 233 O "O4'" . DA B 2 1  ? 20.408  -12.333 4.100   1.00 92.86  ? 12 DA B "O4'" 1 
ATOM 234 C "C3'" . DA B 2 1  ? 19.701  -12.538 6.350   1.00 115.71 ? 12 DA B "C3'" 1 
ATOM 235 O "O3'" . DA B 2 1  ? 20.405  -12.152 7.541   1.00 128.60 ? 12 DA B "O3'" 1 
ATOM 236 C "C2'" . DA B 2 1  ? 18.982  -11.388 5.654   1.00 95.88  ? 12 DA B "C2'" 1 
ATOM 237 C "C1'" . DA B 2 1  ? 19.857  -11.089 4.451   1.00 85.12  ? 12 DA B "C1'" 1 
ATOM 238 N N9    . DA B 2 1  ? 19.147  -10.574 3.281   1.00 100.62 ? 12 DA B N9    1 
ATOM 239 C C8    . DA B 2 1  ? 18.290  -11.272 2.461   1.00 110.36 ? 12 DA B C8    1 
ATOM 240 N N7    . DA B 2 1  ? 17.809  -10.561 1.470   1.00 82.72  ? 12 DA B N7    1 
ATOM 241 C C5    . DA B 2 1  ? 18.391  -9.314  1.644   1.00 92.27  ? 12 DA B C5    1 
ATOM 242 C C6    . DA B 2 1  ? 18.268  -8.112  0.934   1.00 98.95  ? 12 DA B C6    1 
ATOM 243 N N6    . DA B 2 1  ? 17.477  -7.973  -0.134  1.00 78.38  ? 12 DA B N6    1 
ATOM 244 N N1    . DA B 2 1  ? 18.989  -7.048  1.365   1.00 99.97  ? 12 DA B N1    1 
ATOM 245 C C2    . DA B 2 1  ? 19.771  -7.199  2.444   1.00 87.04  ? 12 DA B C2    1 
ATOM 246 N N3    . DA B 2 1  ? 19.957  -8.277  3.202   1.00 85.98  ? 12 DA B N3    1 
ATOM 247 C C4    . DA B 2 1  ? 19.232  -9.312  2.744   1.00 89.51  ? 12 DA B C4    1 
ATOM 248 P P     . DC B 2 2  ? 19.629  -11.734 8.875   1.00 137.95 ? 13 DC B P     1 
ATOM 249 O OP1   . DC B 2 2  ? 20.586  -11.860 10.006  1.00 145.39 ? 13 DC B OP1   1 
ATOM 250 O OP2   . DC B 2 2  ? 18.340  -12.467 8.912   1.00 158.14 ? 13 DC B OP2   1 
ATOM 251 O "O5'" . DC B 2 2  ? 19.300  -10.194 8.644   1.00 114.03 ? 13 DC B "O5'" 1 
ATOM 252 C "C5'" . DC B 2 2  ? 20.363  -9.264  8.432   1.00 108.85 ? 13 DC B "C5'" 1 
ATOM 253 C "C4'" . DC B 2 2  ? 19.854  -8.037  7.716   1.00 118.60 ? 13 DC B "C4'" 1 
ATOM 254 O "O4'" . DC B 2 2  ? 19.207  -8.355  6.460   1.00 118.32 ? 13 DC B "O4'" 1 
ATOM 255 C "C3'" . DC B 2 2  ? 18.826  -7.206  8.485   1.00 119.42 ? 13 DC B "C3'" 1 
ATOM 256 O "O3'" . DC B 2 2  ? 19.499  -6.211  9.265   1.00 109.35 ? 13 DC B "O3'" 1 
ATOM 257 C "C2'" . DC B 2 2  ? 17.967  -6.603  7.379   1.00 115.47 ? 13 DC B "C2'" 1 
ATOM 258 C "C1'" . DC B 2 2  ? 18.578  -7.144  6.082   1.00 117.56 ? 13 DC B "C1'" 1 
ATOM 259 N N1    . DC B 2 2  ? 17.633  -7.415  4.981   1.00 92.53  ? 13 DC B N1    1 
ATOM 260 C C2    . DC B 2 2  ? 17.308  -6.381  4.087   1.00 85.12  ? 13 DC B C2    1 
ATOM 261 O O2    . DC B 2 2  ? 17.863  -5.284  4.207   1.00 85.08  ? 13 DC B O2    1 
ATOM 262 N N3    . DC B 2 2  ? 16.407  -6.611  3.107   1.00 92.29  ? 13 DC B N3    1 
ATOM 263 C C4    . DC B 2 2  ? 15.832  -7.811  3.000   1.00 108.07 ? 13 DC B C4    1 
ATOM 264 N N4    . DC B 2 2  ? 14.971  -8.004  2.000   1.00 106.74 ? 13 DC B N4    1 
ATOM 265 C C5    . DC B 2 2  ? 16.130  -8.876  3.904   1.00 100.38 ? 13 DC B C5    1 
ATOM 266 C C6    . DC B 2 2  ? 17.029  -8.636  4.869   1.00 89.27  ? 13 DC B C6    1 
ATOM 267 P P     . DA B 2 3  ? 18.730  -5.412  10.408  1.00 122.98 ? 14 DA B P     1 
ATOM 268 O OP1   . DA B 2 3  ? 19.737  -4.912  11.368  1.00 149.96 ? 14 DA B OP1   1 
ATOM 269 O OP2   . DA B 2 3  ? 17.610  -6.247  10.905  1.00 118.98 ? 14 DA B OP2   1 
ATOM 270 O "O5'" . DA B 2 3  ? 18.198  -4.130  9.637   1.00 108.69 ? 14 DA B "O5'" 1 
ATOM 271 C "C5'" . DA B 2 3  ? 19.106  -3.303  8.909   1.00 99.14  ? 14 DA B "C5'" 1 
ATOM 272 C "C4'" . DA B 2 3  ? 18.404  -2.059  8.414   1.00 118.12 ? 14 DA B "C4'" 1 
ATOM 273 O "O4'" . DA B 2 3  ? 17.663  -2.323  7.202   1.00 127.71 ? 14 DA B "O4'" 1 
ATOM 274 C "C3'" . DA B 2 3  ? 17.384  -1.451  9.364   1.00 128.23 ? 14 DA B "C3'" 1 
ATOM 275 O "O3'" . DA B 2 3  ? 17.280  -0.087  8.998   1.00 139.33 ? 14 DA B "O3'" 1 
ATOM 276 C "C2'" . DA B 2 3  ? 16.083  -2.096  8.934   1.00 132.07 ? 14 DA B "C2'" 1 
ATOM 277 C "C1'" . DA B 2 3  ? 16.263  -2.150  7.425   1.00 134.67 ? 14 DA B "C1'" 1 
ATOM 278 N N9    . DA B 2 3  ? 15.579  -3.267  6.779   1.00 143.89 ? 14 DA B N9    1 
ATOM 279 C C8    . DA B 2 3  ? 15.675  -4.589  7.130   1.00 133.64 ? 14 DA B C8    1 
ATOM 280 N N7    . DA B 2 3  ? 14.996  -5.393  6.351   1.00 128.62 ? 14 DA B N7    1 
ATOM 281 C C5    . DA B 2 3  ? 14.403  -4.543  5.430   1.00 115.59 ? 14 DA B C5    1 
ATOM 282 C C6    . DA B 2 3  ? 13.552  -4.779  4.343   1.00 104.85 ? 14 DA B C6    1 
ATOM 283 N N6    . DA B 2 3  ? 13.122  -5.991  3.995   1.00 113.45 ? 14 DA B N6    1 
ATOM 284 N N1    . DA B 2 3  ? 13.147  -3.714  3.619   1.00 111.86 ? 14 DA B N1    1 
ATOM 285 C C2    . DA B 2 3  ? 13.572  -2.495  3.978   1.00 115.90 ? 14 DA B C2    1 
ATOM 286 N N3    . DA B 2 3  ? 14.373  -2.146  4.982   1.00 109.21 ? 14 DA B N3    1 
ATOM 287 C C4    . DA B 2 3  ? 14.764  -3.230  5.673   1.00 127.95 ? 14 DA B C4    1 
ATOM 288 P P     . DG B 2 4  ? 16.706  0.926   10.026  1.00 134.23 ? 15 DG B P     1 
ATOM 289 O OP1   . DG B 2 4  ? 17.817  1.839   10.414  1.00 150.28 ? 15 DG B OP1   1 
ATOM 290 O OP2   . DG B 2 4  ? 15.946  0.160   11.044  1.00 132.09 ? 15 DG B OP2   1 
ATOM 291 O "O5'" . DG B 2 4  ? 15.658  1.744   9.168   1.00 116.94 ? 15 DG B "O5'" 1 
ATOM 292 C "C5'" . DG B 2 4  ? 16.124  2.750   8.279   1.00 130.60 ? 15 DG B "C5'" 1 
ATOM 293 C "C4'" . DG B 2 4  ? 14.934  3.248   7.507   1.00 139.06 ? 15 DG B "C4'" 1 
ATOM 294 O "O4'" . DG B 2 4  ? 14.341  2.128   6.806   1.00 153.36 ? 15 DG B "O4'" 1 
ATOM 295 C "C3'" . DG B 2 4  ? 13.844  3.823   8.411   1.00 135.81 ? 15 DG B "C3'" 1 
ATOM 296 O "O3'" . DG B 2 4  ? 13.558  5.122   7.892   1.00 123.25 ? 15 DG B "O3'" 1 
ATOM 297 C "C2'" . DG B 2 4  ? 12.770  2.742   8.409   1.00 139.96 ? 15 DG B "C2'" 1 
ATOM 298 C "C1'" . DG B 2 4  ? 12.951  2.084   7.054   1.00 140.85 ? 15 DG B "C1'" 1 
ATOM 299 N N9    . DG B 2 4  ? 12.528  0.686   7.002   1.00 135.67 ? 15 DG B N9    1 
ATOM 300 C C8    . DG B 2 4  ? 12.851  -0.296  7.908   1.00 124.03 ? 15 DG B C8    1 
ATOM 301 N N7    . DG B 2 4  ? 12.317  -1.453  7.622   1.00 129.78 ? 15 DG B N7    1 
ATOM 302 C C5    . DG B 2 4  ? 11.605  -1.224  6.451   1.00 121.08 ? 15 DG B C5    1 
ATOM 303 C C6    . DG B 2 4  ? 10.807  -2.106  5.672   1.00 93.93  ? 15 DG B C6    1 
ATOM 304 O O6    . DG B 2 4  ? 10.579  -3.305  5.861   1.00 92.94  ? 15 DG B O6    1 
ATOM 305 N N1    . DG B 2 4  ? 10.249  -1.458  4.576   1.00 79.79  ? 15 DG B N1    1 
ATOM 306 C C2    . DG B 2 4  ? 10.444  -0.135  4.258   1.00 98.18  ? 15 DG B C2    1 
ATOM 307 N N2    . DG B 2 4  ? 9.830   0.303   3.154   1.00 112.68 ? 15 DG B N2    1 
ATOM 308 N N3    . DG B 2 4  ? 11.173  0.703   4.981   1.00 112.69 ? 15 DG B N3    1 
ATOM 309 C C4    . DG B 2 4  ? 11.724  0.093   6.055   1.00 132.70 ? 15 DG B C4    1 
ATOM 310 P P     . DC B 2 5  ? 12.093  5.706   7.970   1.00 124.22 ? 16 DC B P     1 
ATOM 311 O OP1   . DC B 2 5  ? 12.179  7.181   7.747   1.00 119.34 ? 16 DC B OP1   1 
ATOM 312 O OP2   . DC B 2 5  ? 11.458  5.171   9.204   1.00 97.55  ? 16 DC B OP2   1 
ATOM 313 O "O5'" . DC B 2 5  ? 11.372  4.985   6.747   1.00 141.85 ? 16 DC B "O5'" 1 
ATOM 314 C "C5'" . DC B 2 5  ? 11.326  5.569   5.431   1.00 141.90 ? 16 DC B "C5'" 1 
ATOM 315 C "C4'" . DC B 2 5  ? 9.893   5.696   4.973   1.00 131.03 ? 16 DC B "C4'" 1 
ATOM 316 O "O4'" . DC B 2 5  ? 9.282   4.392   4.913   1.00 131.06 ? 16 DC B "O4'" 1 
ATOM 317 C "C3'" . DC B 2 5  ? 8.982   6.511   5.881   1.00 126.19 ? 16 DC B "C3'" 1 
ATOM 318 O "O3'" . DC B 2 5  ? 7.942   7.040   5.071   1.00 140.89 ? 16 DC B "O3'" 1 
ATOM 319 C "C2'" . DC B 2 5  ? 8.380   5.472   6.805   1.00 115.49 ? 16 DC B "C2'" 1 
ATOM 320 C "C1'" . DC B 2 5  ? 8.230   4.289   5.861   1.00 113.78 ? 16 DC B "C1'" 1 
ATOM 321 N N1    . DC B 2 5  ? 8.302   2.941   6.431   1.00 116.54 ? 16 DC B N1    1 
ATOM 322 C C2    . DC B 2 5  ? 7.656   1.897   5.756   1.00 119.50 ? 16 DC B C2    1 
ATOM 323 O O2    . DC B 2 5  ? 6.982   2.160   4.746   1.00 134.99 ? 16 DC B O2    1 
ATOM 324 N N3    . DC B 2 5  ? 7.753   0.637   6.235   1.00 99.35  ? 16 DC B N3    1 
ATOM 325 C C4    . DC B 2 5  ? 8.481   0.396   7.326   1.00 97.18  ? 16 DC B C4    1 
ATOM 326 N N4    . DC B 2 5  ? 8.547   -0.862  7.765   1.00 84.16  ? 16 DC B N4    1 
ATOM 327 C C5    . DC B 2 5  ? 9.177   1.435   8.015   1.00 117.09 ? 16 DC B C5    1 
ATOM 328 C C6    . DC B 2 5  ? 9.078   2.677   7.525   1.00 114.35 ? 16 DC B C6    1 
ATOM 329 P P     . DA B 2 6  ? 7.102   8.259   5.591   1.00 162.39 ? 17 DA B P     1 
ATOM 330 O OP1   . DA B 2 6  ? 7.263   9.365   4.607   1.00 159.50 ? 17 DA B OP1   1 
ATOM 331 O OP2   . DA B 2 6  ? 7.429   8.454   7.032   1.00 175.64 ? 17 DA B OP2   1 
ATOM 332 O "O5'" . DA B 2 6  ? 5.601   7.737   5.516   1.00 132.73 ? 17 DA B "O5'" 1 
ATOM 333 C "C5'" . DA B 2 6  ? 5.007   7.423   4.256   1.00 105.17 ? 17 DA B "C5'" 1 
ATOM 334 C "C4'" . DA B 2 6  ? 4.184   6.167   4.394   1.00 98.86  ? 17 DA B "C4'" 1 
ATOM 335 O "O4'" . DA B 2 6  ? 4.887   5.162   5.155   1.00 92.87  ? 17 DA B "O4'" 1 
ATOM 336 C "C3'" . DA B 2 6  ? 2.852   6.377   5.112   1.00 108.53 ? 17 DA B "C3'" 1 
ATOM 337 O "O3'" . DA B 2 6  ? 1.798   5.973   4.242   1.00 119.88 ? 17 DA B "O3'" 1 
ATOM 338 C "C2'" . DA B 2 6  ? 2.926   5.467   6.323   1.00 96.99  ? 17 DA B "C2'" 1 
ATOM 339 C "C1'" . DA B 2 6  ? 3.923   4.432   5.875   1.00 100.91 ? 17 DA B "C1'" 1 
ATOM 340 N N9    . DA B 2 6  ? 4.603   3.735   6.957   1.00 113.98 ? 17 DA B N9    1 
ATOM 341 C C8    . DA B 2 6  ? 5.436   4.244   7.923   1.00 132.02 ? 17 DA B C8    1 
ATOM 342 N N7    . DA B 2 6  ? 5.894   3.341   8.756   1.00 134.39 ? 17 DA B N7    1 
ATOM 343 C C5    . DA B 2 6  ? 5.324   2.157   8.306   1.00 120.32 ? 17 DA B C5    1 
ATOM 344 C C6    . DA B 2 6  ? 5.407   0.829   8.768   1.00 117.77 ? 17 DA B C6    1 
ATOM 345 N N6    . DA B 2 6  ? 6.122   0.456   9.830   1.00 110.10 ? 17 DA B N6    1 
ATOM 346 N N1    . DA B 2 6  ? 4.714   -0.114  8.092   1.00 125.65 ? 17 DA B N1    1 
ATOM 347 C C2    . DA B 2 6  ? 3.989   0.261   7.029   1.00 127.12 ? 17 DA B C2    1 
ATOM 348 N N3    . DA B 2 6  ? 3.818   1.477   6.513   1.00 114.47 ? 17 DA B N3    1 
ATOM 349 C C4    . DA B 2 6  ? 4.529   2.386   7.199   1.00 111.31 ? 17 DA B C4    1 
ATOM 350 P P     . DC B 2 7  ? 0.385   6.665   4.361   1.00 125.15 ? 18 DC B P     1 
ATOM 351 O OP1   . DC B 2 7  ? -0.515  6.003   3.386   1.00 145.96 ? 18 DC B OP1   1 
ATOM 352 O OP2   . DC B 2 7  ? 0.602   8.145   4.262   1.00 88.89  ? 18 DC B OP2   1 
ATOM 353 O "O5'" . DC B 2 7  ? -0.070  6.208   5.819   1.00 91.15  ? 18 DC B "O5'" 1 
ATOM 354 C "C5'" . DC B 2 7  ? -1.271  5.465   6.057   1.00 84.54  ? 18 DC B "C5'" 1 
ATOM 355 C "C4'" . DC B 2 7  ? -1.015  3.986   5.900   1.00 84.27  ? 18 DC B "C4'" 1 
ATOM 356 O "O4'" . DC B 2 7  ? 0.281   3.648   6.404   1.00 93.78  ? 18 DC B "O4'" 1 
ATOM 357 C "C3'" . DC B 2 7  ? -1.971  3.087   6.671   1.00 94.18  ? 18 DC B "C3'" 1 
ATOM 358 O "O3'" . DC B 2 7  ? -3.098  2.827   5.842   1.00 124.87 ? 18 DC B "O3'" 1 
ATOM 359 C "C2'" . DC B 2 7  ? -1.168  1.823   6.905   1.00 85.28  ? 18 DC B "C2'" 1 
ATOM 360 C "C1'" . DC B 2 7  ? 0.288   2.269   6.768   1.00 99.24  ? 18 DC B "C1'" 1 
ATOM 361 N N1    . DC B 2 7  ? 1.126   2.115   7.973   1.00 103.64 ? 18 DC B N1    1 
ATOM 362 C C2    . DC B 2 7  ? 1.252   0.849   8.559   1.00 99.39  ? 18 DC B C2    1 
ATOM 363 O O2    . DC B 2 7  ? 0.623   -0.101  8.078   1.00 96.83  ? 18 DC B O2    1 
ATOM 364 N N3    . DC B 2 7  ? 2.044   0.697   9.645   1.00 99.51  ? 18 DC B N3    1 
ATOM 365 C C4    . DC B 2 7  ? 2.676   1.756   10.159  1.00 118.79 ? 18 DC B C4    1 
ATOM 366 N N4    . DC B 2 7  ? 3.441   1.572   11.239  1.00 131.23 ? 18 DC B N4    1 
ATOM 367 C C5    . DC B 2 7  ? 2.567   3.054   9.581   1.00 106.98 ? 18 DC B C5    1 
ATOM 368 C C6    . DC B 2 7  ? 1.797   3.185   8.497   1.00 104.53 ? 18 DC B C6    1 
ATOM 369 P P     . DT B 2 8  ? -4.557  3.248   6.319   1.00 155.47 ? 19 DT B P     1 
ATOM 370 O OP1   . DT B 2 8  ? -5.358  3.537   5.099   1.00 167.84 ? 19 DT B OP1   1 
ATOM 371 O OP2   . DT B 2 8  ? -4.434  4.311   7.349   1.00 140.32 ? 19 DT B OP2   1 
ATOM 372 O "O5'" . DT B 2 8  ? -5.078  1.882   6.946   1.00 119.69 ? 19 DT B "O5'" 1 
ATOM 373 C "C5'" . DT B 2 8  ? -5.232  0.770   6.064   1.00 124.19 ? 19 DT B "C5'" 1 
ATOM 374 C "C4'" . DT B 2 8  ? -4.961  -0.514  6.803   1.00 133.49 ? 19 DT B "C4'" 1 
ATOM 375 O "O4'" . DT B 2 8  ? -3.743  -0.403  7.569   1.00 128.21 ? 19 DT B "O4'" 1 
ATOM 376 C "C3'" . DT B 2 8  ? -6.054  -0.890  7.800   1.00 136.12 ? 19 DT B "C3'" 1 
ATOM 377 O "O3'" . DT B 2 8  ? -6.281  -2.287  7.692   1.00 150.36 ? 19 DT B "O3'" 1 
ATOM 378 C "C2'" . DT B 2 8  ? -5.428  -0.581  9.141   1.00 128.99 ? 19 DT B "C2'" 1 
ATOM 379 C "C1'" . DT B 2 8  ? -4.002  -0.954  8.847   1.00 129.48 ? 19 DT B "C1'" 1 
ATOM 380 N N1    . DT B 2 8  ? -3.032  -0.392  9.783   1.00 134.50 ? 19 DT B N1    1 
ATOM 381 C C2    . DT B 2 8  ? -2.477  -1.216  10.738  1.00 134.07 ? 19 DT B C2    1 
ATOM 382 O O2    . DT B 2 8  ? -2.768  -2.396  10.852  1.00 128.91 ? 19 DT B O2    1 
ATOM 383 N N3    . DT B 2 8  ? -1.564  -0.600  11.562  1.00 132.09 ? 19 DT B N3    1 
ATOM 384 C C4    . DT B 2 8  ? -1.169  0.728   11.527  1.00 119.48 ? 19 DT B C4    1 
ATOM 385 O O4    . DT B 2 8  ? -0.341  1.144   12.332  1.00 110.14 ? 19 DT B O4    1 
ATOM 386 C C5    . DT B 2 8  ? -1.802  1.532   10.506  1.00 118.48 ? 19 DT B C5    1 
ATOM 387 C C7    . DT B 2 8  ? -1.439  2.979   10.392  1.00 128.87 ? 19 DT B C7    1 
ATOM 388 C C6    . DT B 2 8  ? -2.693  0.942   9.701   1.00 127.25 ? 19 DT B C6    1 
ATOM 389 P P     . DC B 2 9  ? -7.576  -2.914  8.325   1.00 173.15 ? 20 DC B P     1 
ATOM 390 O OP1   . DC B 2 9  ? -8.446  -3.360  7.207   1.00 191.27 ? 20 DC B OP1   1 
ATOM 391 O OP2   . DC B 2 9  ? -8.109  -1.955  9.322   1.00 171.55 ? 20 DC B OP2   1 
ATOM 392 O "O5'" . DC B 2 9  ? -7.007  -4.190  9.091   1.00 171.81 ? 20 DC B "O5'" 1 
ATOM 393 C "C5'" . DC B 2 9  ? -5.723  -4.172  9.752   1.00 176.11 ? 20 DC B "C5'" 1 
ATOM 394 C "C4'" . DC B 2 9  ? -5.833  -4.639  11.186  1.00 176.93 ? 20 DC B "C4'" 1 
ATOM 395 O "O4'" . DC B 2 9  ? -5.047  -3.767  12.032  1.00 164.05 ? 20 DC B "O4'" 1 
ATOM 396 C "C3'" . DC B 2 9  ? -7.233  -4.621  11.795  1.00 170.49 ? 20 DC B "C3'" 1 
ATOM 397 O "O3'" . DC B 2 9  ? -7.283  -5.577  12.851  1.00 178.74 ? 20 DC B "O3'" 1 
ATOM 398 C "C2'" . DC B 2 9  ? -7.313  -3.228  12.380  1.00 155.74 ? 20 DC B "C2'" 1 
ATOM 399 C "C1'" . DC B 2 9  ? -5.908  -3.094  12.944  1.00 150.89 ? 20 DC B "C1'" 1 
ATOM 400 N N1    . DC B 2 9  ? -5.387  -1.734  13.134  1.00 143.89 ? 20 DC B N1    1 
ATOM 401 C C2    . DC B 2 9  ? -4.241  -1.576  13.918  1.00 138.85 ? 20 DC B C2    1 
ATOM 402 O O2    . DC B 2 9  ? -3.714  -2.582  14.416  1.00 139.28 ? 20 DC B O2    1 
ATOM 403 N N3    . DC B 2 9  ? -3.740  -0.334  14.119  1.00 139.15 ? 20 DC B N3    1 
ATOM 404 C C4    . DC B 2 9  ? -4.336  0.723   13.558  1.00 145.48 ? 20 DC B C4    1 
ATOM 405 N N4    . DC B 2 9  ? -3.804  1.929   13.774  1.00 139.53 ? 20 DC B N4    1 
ATOM 406 C C5    . DC B 2 9  ? -5.503  0.589   12.751  1.00 142.61 ? 20 DC B C5    1 
ATOM 407 C C6    . DC B 2 9  ? -5.992  -0.644  12.568  1.00 144.96 ? 20 DC B C6    1 
ATOM 408 P P     . DA B 2 10 ? -8.669  -6.212  13.278  1.00 186.98 ? 21 DA B P     1 
ATOM 409 O OP1   . DA B 2 10 ? -8.965  -7.317  12.334  1.00 208.52 ? 21 DA B OP1   1 
ATOM 410 O OP2   . DA B 2 10 ? -9.652  -5.106  13.443  1.00 184.70 ? 21 DA B OP2   1 
ATOM 411 O "O5'" . DA B 2 10 ? -8.332  -6.868  14.690  1.00 181.95 ? 21 DA B "O5'" 1 
ATOM 412 C "C5'" . DA B 2 10 ? -7.343  -7.911  14.802  1.00 179.91 ? 21 DA B "C5'" 1 
ATOM 413 C "C4'" . DA B 2 10 ? -6.381  -7.615  15.930  1.00 187.09 ? 21 DA B "C4'" 1 
ATOM 414 O "O4'" . DA B 2 10 ? -5.983  -6.223  15.908  1.00 191.11 ? 21 DA B "O4'" 1 
ATOM 415 C "C3'" . DA B 2 10 ? -6.927  -7.857  17.336  1.00 182.53 ? 21 DA B "C3'" 1 
ATOM 416 O "O3'" . DA B 2 10 ? -5.872  -8.317  18.186  1.00 187.58 ? 21 DA B "O3'" 1 
ATOM 417 C "C2'" . DA B 2 10 ? -7.387  -6.477  17.768  1.00 171.98 ? 21 DA B "C2'" 1 
ATOM 418 C "C1'" . DA B 2 10 ? -6.321  -5.599  17.144  1.00 168.13 ? 21 DA B "C1'" 1 
ATOM 419 N N9    . DA B 2 10 ? -6.724  -4.227  16.847  1.00 155.17 ? 21 DA B N9    1 
ATOM 420 C C8    . DA B 2 10 ? -7.806  -3.812  16.108  1.00 151.87 ? 21 DA B C8    1 
ATOM 421 N N7    . DA B 2 10 ? -7.882  -2.511  15.968  1.00 142.22 ? 21 DA B N7    1 
ATOM 422 C C5    . DA B 2 10 ? -6.763  -2.038  16.639  1.00 152.87 ? 21 DA B C5    1 
ATOM 423 C C6    . DA B 2 10 ? -6.266  -0.739  16.852  1.00 144.22 ? 21 DA B C6    1 
ATOM 424 N N6    . DA B 2 10 ? -6.861  0.364   16.393  1.00 138.18 ? 21 DA B N6    1 
ATOM 425 N N1    . DA B 2 10 ? -5.122  -0.611  17.565  1.00 128.20 ? 21 DA B N1    1 
ATOM 426 C C2    . DA B 2 10 ? -4.530  -1.718  18.031  1.00 133.09 ? 21 DA B C2    1 
ATOM 427 N N3    . DA B 2 10 ? -4.902  -2.993  17.897  1.00 141.79 ? 21 DA B N3    1 
ATOM 428 C C4    . DA B 2 10 ? -6.036  -3.085  17.178  1.00 152.83 ? 21 DA B C4    1 
ATOM 429 P P     . DC C 3 1  ? 2.965   -12.535 -0.452  1.00 119.62 ? 1  DC C P     1 
ATOM 430 O OP1   . DC C 3 1  ? 3.308   -13.944 -0.138  1.00 97.12  ? 1  DC C OP1   1 
ATOM 431 O OP2   . DC C 3 1  ? 1.553   -12.106 -0.325  1.00 107.74 ? 1  DC C OP2   1 
ATOM 432 O "O5'" . DC C 3 1  ? 3.585   -12.197 -1.884  1.00 91.05  ? 1  DC C "O5'" 1 
ATOM 433 C "C5'" . DC C 3 1  ? 4.715   -12.950 -2.382  1.00 80.60  ? 1  DC C "C5'" 1 
ATOM 434 C "C4'" . DC C 3 1  ? 5.521   -12.107 -3.338  1.00 95.43  ? 1  DC C "C4'" 1 
ATOM 435 O "O4'" . DC C 3 1  ? 4.922   -12.094 -4.657  1.00 102.11 ? 1  DC C "O4'" 1 
ATOM 436 C "C3'" . DC C 3 1  ? 5.676   -10.638 -2.942  1.00 102.43 ? 1  DC C "C3'" 1 
ATOM 437 O "O3'" . DC C 3 1  ? 7.006   -10.307 -3.366  1.00 94.43  ? 1  DC C "O3'" 1 
ATOM 438 C "C2'" . DC C 3 1  ? 4.614   -9.947  -3.783  1.00 103.66 ? 1  DC C "C2'" 1 
ATOM 439 C "C1'" . DC C 3 1  ? 4.773   -10.733 -5.073  1.00 112.39 ? 1  DC C "C1'" 1 
ATOM 440 N N1    . DC C 3 1  ? 3.705   -10.676 -6.104  1.00 103.49 ? 1  DC C N1    1 
ATOM 441 C C2    . DC C 3 1  ? 4.035   -10.205 -7.387  1.00 97.73  ? 1  DC C C2    1 
ATOM 442 O O2    . DC C 3 1  ? 5.177   -9.782  -7.594  1.00 102.74 ? 1  DC C O2    1 
ATOM 443 N N3    . DC C 3 1  ? 3.088   -10.205 -8.356  1.00 92.15  ? 1  DC C N3    1 
ATOM 444 C C4    . DC C 3 1  ? 1.865   -10.673 -8.094  1.00 94.30  ? 1  DC C C4    1 
ATOM 445 N N4    . DC C 3 1  ? 0.961   -10.647 -9.082  1.00 82.56  ? 1  DC C N4    1 
ATOM 446 C C5    . DC C 3 1  ? 1.510   -11.183 -6.804  1.00 85.69  ? 1  DC C C5    1 
ATOM 447 C C6    . DC C 3 1  ? 2.450   -11.155 -5.847  1.00 84.30  ? 1  DC C C6    1 
ATOM 448 P P     . DA C 3 2  ? 7.711   -8.996  -2.869  1.00 84.85  ? 2  DA C P     1 
ATOM 449 O OP1   . DA C 3 2  ? 9.164   -9.176  -3.085  1.00 88.61  ? 2  DA C OP1   1 
ATOM 450 O OP2   . DA C 3 2  ? 7.190   -8.705  -1.505  1.00 85.49  ? 2  DA C OP2   1 
ATOM 451 O "O5'" . DA C 3 2  ? 7.325   -7.895  -3.953  1.00 69.22  ? 2  DA C "O5'" 1 
ATOM 452 C "C5'" . DA C 3 2  ? 8.229   -6.779  -4.151  1.00 84.17  ? 2  DA C "C5'" 1 
ATOM 453 C "C4'" . DA C 3 2  ? 7.905   -6.024  -5.416  1.00 87.66  ? 2  DA C "C4'" 1 
ATOM 454 O "O4'" . DA C 3 2  ? 6.949   -6.779  -6.169  1.00 104.91 ? 2  DA C "O4'" 1 
ATOM 455 C "C3'" . DA C 3 2  ? 7.226   -4.681  -5.202  1.00 83.29  ? 2  DA C "C3'" 1 
ATOM 456 O "O3'" . DA C 3 2  ? 8.006   -3.500  -5.165  1.00 83.35  ? 2  DA C "O3'" 1 
ATOM 457 C "C2'" . DA C 3 2  ? 6.407   -4.512  -6.454  1.00 80.93  ? 2  DA C "C2'" 1 
ATOM 458 C "C1'" . DA C 3 2  ? 6.029   -5.905  -6.818  1.00 88.84  ? 2  DA C "C1'" 1 
ATOM 459 N N9    . DA C 3 2  ? 4.698   -6.317  -6.413  1.00 78.25  ? 2  DA C N9    1 
ATOM 460 C C8    . DA C 3 2  ? 4.313   -6.714  -5.161  1.00 93.60  ? 2  DA C C8    1 
ATOM 461 N N7    . DA C 3 2  ? 3.091   -7.185  -5.112  1.00 109.69 ? 2  DA C N7    1 
ATOM 462 C C5    . DA C 3 2  ? 2.660   -7.134  -6.431  1.00 80.78  ? 2  DA C C5    1 
ATOM 463 C C6    . DA C 3 2  ? 1.457   -7.515  -7.048  1.00 62.02  ? 2  DA C C6    1 
ATOM 464 N N6    . DA C 3 2  ? 0.415   -8.028  -6.386  1.00 53.76  ? 2  DA C N6    1 
ATOM 465 N N1    . DA C 3 2  ? 1.363   -7.364  -8.387  1.00 68.52  ? 2  DA C N1    1 
ATOM 466 C C2    . DA C 3 2  ? 2.415   -6.861  -9.050  1.00 81.18  ? 2  DA C C2    1 
ATOM 467 N N3    . DA C 3 2  ? 3.596   -6.473  -8.581  1.00 93.60  ? 2  DA C N3    1 
ATOM 468 C C4    . DA C 3 2  ? 3.653   -6.632  -7.248  1.00 81.83  ? 2  DA C C4    1 
ATOM 469 P P     . DT C 3 3  ? 9.373   -3.392  -5.907  1.00 98.49  ? 3  DT C P     1 
ATOM 470 O OP1   . DT C 3 3  ? 9.145   -3.116  -7.337  1.00 85.90  ? 3  DT C OP1   1 
ATOM 471 O OP2   . DT C 3 3  ? 10.188  -4.574  -5.515  1.00 96.55  ? 3  DT C OP2   1 
ATOM 472 O "O5'" . DT C 3 3  ? 9.889   -2.019  -5.293  1.00 112.09 ? 3  DT C "O5'" 1 
ATOM 473 C "C5'" . DT C 3 3  ? 8.940   -1.086  -4.716  1.00 116.40 ? 3  DT C "C5'" 1 
ATOM 474 C "C4'" . DT C 3 3  ? 9.450   -0.524  -3.410  1.00 111.90 ? 3  DT C "C4'" 1 
ATOM 475 O "O4'" . DT C 3 3  ? 9.148   -1.378  -2.296  1.00 103.82 ? 3  DT C "O4'" 1 
ATOM 476 C "C3'" . DT C 3 3  ? 10.952  -0.382  -3.304  1.00 106.31 ? 3  DT C "C3'" 1 
ATOM 477 O "O3'" . DT C 3 3  ? 11.468  0.690   -4.066  1.00 99.95  ? 3  DT C "O3'" 1 
ATOM 478 C "C2'" . DT C 3 3  ? 11.134  -0.147  -1.832  1.00 114.34 ? 3  DT C "C2'" 1 
ATOM 479 C "C1'" . DT C 3 3  ? 10.032  -1.016  -1.235  1.00 114.50 ? 3  DT C "C1'" 1 
ATOM 480 N N1    . DT C 3 3  ? 10.513  -2.245  -0.583  1.00 104.41 ? 3  DT C N1    1 
ATOM 481 C C2    . DT C 3 3  ? 11.430  -2.108  0.434   1.00 91.84  ? 3  DT C C2    1 
ATOM 482 O O2    . DT C 3 3  ? 11.866  -1.033  0.798   1.00 124.73 ? 3  DT C O2    1 
ATOM 483 N N3    . DT C 3 3  ? 11.827  -3.281  1.008   1.00 87.54  ? 3  DT C N3    1 
ATOM 484 C C4    . DT C 3 3  ? 11.408  -4.549  0.681   1.00 109.21 ? 3  DT C C4    1 
ATOM 485 O O4    . DT C 3 3  ? 11.868  -5.511  1.279   1.00 125.51 ? 3  DT C O4    1 
ATOM 486 C C5    . DT C 3 3  ? 10.440  -4.625  -0.390  1.00 129.17 ? 3  DT C C5    1 
ATOM 487 C C7    . DT C 3 3  ? 9.930   -5.966  -0.816  1.00 127.62 ? 3  DT C C7    1 
ATOM 488 C C6    . DT C 3 3  ? 10.043  -3.482  -0.959  1.00 118.63 ? 3  DT C C6    1 
ATOM 489 P P     . DG C 3 4  ? 12.601  0.343   -5.064  1.00 104.89 ? 4  DG C P     1 
ATOM 490 O OP1   . DG C 3 4  ? 12.355  1.100   -6.314  1.00 109.44 ? 4  DG C OP1   1 
ATOM 491 O OP2   . DG C 3 4  ? 12.774  -1.143  -5.026  1.00 59.15  ? 4  DG C OP2   1 
ATOM 492 O "O5'" . DG C 3 4  ? 13.898  1.038   -4.460  1.00 125.66 ? 4  DG C "O5'" 1 
ATOM 493 C "C5'" . DG C 3 4  ? 13.853  2.133   -3.525  1.00 111.58 ? 4  DG C "C5'" 1 
ATOM 494 C "C4'" . DG C 3 4  ? 14.574  1.704   -2.270  1.00 99.19  ? 4  DG C "C4'" 1 
ATOM 495 O "O4'" . DG C 3 4  ? 14.055  0.439   -1.813  1.00 92.76  ? 4  DG C "O4'" 1 
ATOM 496 C "C3'" . DG C 3 4  ? 16.065  1.470   -2.476  1.00 98.21  ? 4  DG C "C3'" 1 
ATOM 497 O "O3'" . DG C 3 4  ? 16.767  2.556   -1.889  1.00 129.74 ? 4  DG C "O3'" 1 
ATOM 498 C "C2'" . DG C 3 4  ? 16.353  0.168   -1.750  1.00 93.37  ? 4  DG C "C2'" 1 
ATOM 499 C "C1'" . DG C 3 4  ? 15.063  -0.163  -1.047  1.00 95.55  ? 4  DG C "C1'" 1 
ATOM 500 N N9    . DG C 3 4  ? 14.785  -1.588  -0.956  1.00 112.20 ? 4  DG C N9    1 
ATOM 501 C C8    . DG C 3 4  ? 14.020  -2.360  -1.798  1.00 123.12 ? 4  DG C C8    1 
ATOM 502 N N7    . DG C 3 4  ? 13.977  -3.615  -1.442  1.00 131.45 ? 4  DG C N7    1 
ATOM 503 C C5    . DG C 3 4  ? 14.761  -3.676  -0.299  1.00 110.25 ? 4  DG C C5    1 
ATOM 504 C C6    . DG C 3 4  ? 15.093  -4.775  0.531   1.00 101.19 ? 4  DG C C6    1 
ATOM 505 O O6    . DG C 3 4  ? 14.746  -5.951  0.423   1.00 102.57 ? 4  DG C O6    1 
ATOM 506 N N1    . DG C 3 4  ? 15.904  -4.390  1.590   1.00 115.45 ? 4  DG C N1    1 
ATOM 507 C C2    . DG C 3 4  ? 16.349  -3.113  1.821   1.00 110.91 ? 4  DG C C2    1 
ATOM 508 N N2    . DG C 3 4  ? 17.129  -2.939  2.899   1.00 101.63 ? 4  DG C N2    1 
ATOM 509 N N3    . DG C 3 4  ? 16.061  -2.080  1.046   1.00 114.54 ? 4  DG C N3    1 
ATOM 510 C C4    . DG C 3 4  ? 15.263  -2.432  0.015   1.00 115.66 ? 4  DG C C4    1 
ATOM 511 P P     . DT C 3 5  ? 18.241  2.880   -2.374  1.00 153.95 ? 5  DT C P     1 
ATOM 512 O OP1   . DT C 3 5  ? 18.762  3.992   -1.534  1.00 138.17 ? 5  DT C OP1   1 
ATOM 513 O OP2   . DT C 3 5  ? 18.210  3.019   -3.853  1.00 143.92 ? 5  DT C OP2   1 
ATOM 514 O "O5'" . DT C 3 5  ? 19.025  1.533   -2.050  1.00 121.91 ? 5  DT C "O5'" 1 
ATOM 515 C "C5'" . DT C 3 5  ? 20.342  1.577   -1.500  1.00 99.02  ? 5  DT C "C5'" 1 
ATOM 516 C "C4'" . DT C 3 5  ? 20.325  1.266   -0.024  1.00 87.73  ? 5  DT C "C4'" 1 
ATOM 517 O "O4'" . DT C 3 5  ? 19.452  0.140   0.222   1.00 86.27  ? 5  DT C "O4'" 1 
ATOM 518 C "C3'" . DT C 3 5  ? 21.696  0.821   0.475   1.00 93.76  ? 5  DT C "C3'" 1 
ATOM 519 O "O3'" . DT C 3 5  ? 21.962  1.194   1.832   1.00 81.38  ? 5  DT C "O3'" 1 
ATOM 520 C "C2'" . DT C 3 5  ? 21.624  -0.680  0.322   1.00 90.09  ? 5  DT C "C2'" 1 
ATOM 521 C "C1'" . DT C 3 5  ? 20.215  -0.928  0.762   1.00 83.11  ? 5  DT C "C1'" 1 
ATOM 522 N N1    . DT C 3 5  ? 19.647  -2.190  0.288   1.00 86.56  ? 5  DT C N1    1 
ATOM 523 C C2    . DT C 3 5  ? 19.990  -3.340  0.965   1.00 91.74  ? 5  DT C C2    1 
ATOM 524 O O2    . DT C 3 5  ? 20.772  -3.355  1.897   1.00 79.39  ? 5  DT C O2    1 
ATOM 525 N N3    . DT C 3 5  ? 19.396  -4.483  0.490   1.00 110.69 ? 5  DT C N3    1 
ATOM 526 C C4    . DT C 3 5  ? 18.521  -4.585  -0.573  1.00 136.13 ? 5  DT C C4    1 
ATOM 527 O O4    . DT C 3 5  ? 18.073  -5.682  -0.892  1.00 143.02 ? 5  DT C O4    1 
ATOM 528 C C5    . DT C 3 5  ? 18.194  -3.337  -1.228  1.00 138.55 ? 5  DT C C5    1 
ATOM 529 C C7    . DT C 3 5  ? 17.266  -3.354  -2.401  1.00 152.73 ? 5  DT C C7    1 
ATOM 530 C C6    . DT C 3 5  ? 18.765  -2.216  -0.769  1.00 110.22 ? 5  DT C C6    1 
ATOM 531 O "O5'" . DT D 4 1  ? -8.304  11.917  19.461  1.00 129.73 ? 1  DT D "O5'" 1 
ATOM 532 C "C5'" . DT D 4 1  ? -9.245  10.845  19.661  1.00 130.75 ? 1  DT D "C5'" 1 
ATOM 533 C "C4'" . DT D 4 1  ? -8.717  9.866   20.683  1.00 126.06 ? 1  DT D "C4'" 1 
ATOM 534 O "O4'" . DT D 4 1  ? -9.526  8.675   20.702  1.00 136.00 ? 1  DT D "O4'" 1 
ATOM 535 C "C3'" . DT D 4 1  ? -7.298  9.369   20.423  1.00 117.37 ? 1  DT D "C3'" 1 
ATOM 536 O "O3'" . DT D 4 1  ? -6.347  10.163  21.129  1.00 124.34 ? 1  DT D "O3'" 1 
ATOM 537 C "C2'" . DT D 4 1  ? -7.302  7.953   20.967  1.00 122.81 ? 1  DT D "C2'" 1 
ATOM 538 C "C1'" . DT D 4 1  ? -8.753  7.658   21.323  1.00 139.46 ? 1  DT D "C1'" 1 
ATOM 539 N N1    . DT D 4 1  ? -9.243  6.331   20.855  1.00 155.97 ? 1  DT D N1    1 
ATOM 540 C C2    . DT D 4 1  ? -8.578  5.216   21.319  1.00 158.82 ? 1  DT D C2    1 
ATOM 541 O O2    . DT D 4 1  ? -7.625  5.277   22.077  1.00 151.32 ? 1  DT D O2    1 
ATOM 542 N N3    . DT D 4 1  ? -9.068  4.021   20.852  1.00 169.70 ? 1  DT D N3    1 
ATOM 543 C C4    . DT D 4 1  ? -10.134 3.833   19.993  1.00 178.00 ? 1  DT D C4    1 
ATOM 544 O O4    . DT D 4 1  ? -10.458 2.695   19.662  1.00 204.90 ? 1  DT D O4    1 
ATOM 545 C C5    . DT D 4 1  ? -10.792 5.044   19.551  1.00 166.21 ? 1  DT D C5    1 
ATOM 546 C C7    . DT D 4 1  ? -11.952 4.941   18.612  1.00 161.72 ? 1  DT D C7    1 
ATOM 547 C C6    . DT D 4 1  ? -10.318 6.217   19.996  1.00 166.68 ? 1  DT D C6    1 
ATOM 548 P P     . DC D 4 2  ? -5.295  11.072  20.332  1.00 165.65 ? 2  DC D P     1 
ATOM 549 O OP1   . DC D 4 2  ? -5.261  12.417  20.964  1.00 160.08 ? 2  DC D OP1   1 
ATOM 550 O OP2   . DC D 4 2  ? -5.592  10.975  18.883  1.00 191.10 ? 2  DC D OP2   1 
ATOM 551 O "O5'" . DC D 4 2  ? -3.911  10.351  20.635  1.00 145.09 ? 2  DC D "O5'" 1 
ATOM 552 C "C5'" . DC D 4 2  ? -3.323  10.469  21.934  1.00 142.07 ? 2  DC D "C5'" 1 
ATOM 553 C "C4'" . DC D 4 2  ? -2.877  9.114   22.421  1.00 145.50 ? 2  DC D "C4'" 1 
ATOM 554 O "O4'" . DC D 4 2  ? -3.878  8.113   22.134  1.00 135.05 ? 2  DC D "O4'" 1 
ATOM 555 C "C3'" . DC D 4 2  ? -1.582  8.617   21.774  1.00 155.03 ? 2  DC D "C3'" 1 
ATOM 556 O "O3'" . DC D 4 2  ? -0.583  8.461   22.782  1.00 181.57 ? 2  DC D "O3'" 1 
ATOM 557 C "C2'" . DC D 4 2  ? -1.971  7.299   21.128  1.00 152.95 ? 2  DC D "C2'" 1 
ATOM 558 C "C1'" . DC D 4 2  ? -3.193  6.901   21.918  1.00 153.34 ? 2  DC D "C1'" 1 
ATOM 559 N N1    . DC D 4 2  ? -4.093  5.990   21.200  1.00 172.13 ? 2  DC D N1    1 
ATOM 560 C C2    . DC D 4 2  ? -4.211  4.659   21.629  1.00 179.52 ? 2  DC D C2    1 
ATOM 561 O O2    . DC D 4 2  ? -3.565  4.287   22.619  1.00 188.74 ? 2  DC D O2    1 
ATOM 562 N N3    . DC D 4 2  ? -5.037  3.821   20.959  1.00 172.94 ? 2  DC D N3    1 
ATOM 563 C C4    . DC D 4 2  ? -5.712  4.260   19.892  1.00 171.05 ? 2  DC D C4    1 
ATOM 564 N N4    . DC D 4 2  ? -6.517  3.403   19.262  1.00 171.69 ? 2  DC D N4    1 
ATOM 565 C C5    . DC D 4 2  ? -5.597  5.602   19.428  1.00 161.38 ? 2  DC D C5    1 
ATOM 566 C C6    . DC D 4 2  ? -4.780  6.424   20.101  1.00 162.59 ? 2  DC D C6    1 
ATOM 567 P P     . DT D 4 3  ? 0.901   8.066   22.373  1.00 213.80 ? 3  DT D P     1 
ATOM 568 O OP1   . DT D 4 3  ? 1.802   8.457   23.483  1.00 224.10 ? 3  DT D OP1   1 
ATOM 569 O OP2   . DT D 4 3  ? 1.162   8.574   21.004  1.00 215.24 ? 3  DT D OP2   1 
ATOM 570 O "O5'" . DT D 4 3  ? 0.826   6.480   22.306  1.00 201.86 ? 3  DT D "O5'" 1 
ATOM 571 C "C5'" . DT D 4 3  ? 0.263   5.725   23.391  1.00 187.86 ? 3  DT D "C5'" 1 
ATOM 572 C "C4'" . DT D 4 3  ? 0.461   4.251   23.139  1.00 188.01 ? 3  DT D "C4'" 1 
ATOM 573 O "O4'" . DT D 4 3  ? -0.652  3.748   22.362  1.00 189.25 ? 3  DT D "O4'" 1 
ATOM 574 C "C3'" . DT D 4 3  ? 1.722   3.891   22.344  1.00 179.93 ? 3  DT D "C3'" 1 
ATOM 575 O "O3'" . DT D 4 3  ? 2.319   2.714   22.876  1.00 175.69 ? 3  DT D "O3'" 1 
ATOM 576 C "C2'" . DT D 4 3  ? 1.184   3.597   20.958  1.00 176.47 ? 3  DT D "C2'" 1 
ATOM 577 C "C1'" . DT D 4 3  ? -0.134  2.948   21.314  1.00 183.70 ? 3  DT D "C1'" 1 
ATOM 578 N N1    . DT D 4 3  ? -1.140  2.894   20.230  1.00 188.67 ? 3  DT D N1    1 
ATOM 579 C C2    . DT D 4 3  ? -1.812  1.710   19.999  1.00 175.42 ? 3  DT D C2    1 
ATOM 580 O O2    . DT D 4 3  ? -1.624  0.694   20.649  1.00 168.20 ? 3  DT D O2    1 
ATOM 581 N N3    . DT D 4 3  ? -2.718  1.759   18.968  1.00 151.54 ? 3  DT D N3    1 
ATOM 582 C C4    . DT D 4 3  ? -3.012  2.847   18.166  1.00 143.01 ? 3  DT D C4    1 
ATOM 583 O O4    . DT D 4 3  ? -3.855  2.741   17.281  1.00 126.27 ? 3  DT D O4    1 
ATOM 584 C C5    . DT D 4 3  ? -2.270  4.053   18.463  1.00 158.66 ? 3  DT D C5    1 
ATOM 585 C C7    . DT D 4 3  ? -2.521  5.280   17.645  1.00 162.38 ? 3  DT D C7    1 
ATOM 586 C C6    . DT D 4 3  ? -1.383  4.017   19.466  1.00 171.09 ? 3  DT D C6    1 
ATOM 587 P P     . DG D 4 4  ? 3.806   2.310   22.461  1.00 198.83 ? 4  DG D P     1 
ATOM 588 O OP1   . DG D 4 4  ? 4.719   2.777   23.533  1.00 199.58 ? 4  DG D OP1   1 
ATOM 589 O OP2   . DG D 4 4  ? 4.049   2.755   21.069  1.00 187.64 ? 4  DG D OP2   1 
ATOM 590 O "O5'" . DG D 4 4  ? 3.761   0.716   22.475  1.00 202.44 ? 4  DG D "O5'" 1 
ATOM 591 C "C5'" . DG D 4 4  ? 2.520   -0.029  22.540  1.00 187.92 ? 4  DG D "C5'" 1 
ATOM 592 C "C4'" . DG D 4 4  ? 2.560   -1.243  21.638  1.00 179.70 ? 4  DG D "C4'" 1 
ATOM 593 O "O4'" . DG D 4 4  ? 1.652   -1.031  20.531  1.00 173.43 ? 4  DG D "O4'" 1 
ATOM 594 C "C3'" . DG D 4 4  ? 3.907   -1.551  20.987  1.00 166.17 ? 4  DG D "C3'" 1 
ATOM 595 O "O3'" . DG D 4 4  ? 3.988   -2.933  20.638  1.00 157.85 ? 4  DG D "O3'" 1 
ATOM 596 C "C2'" . DG D 4 4  ? 3.835   -0.738  19.713  1.00 157.44 ? 4  DG D "C2'" 1 
ATOM 597 C "C1'" . DG D 4 4  ? 2.390   -0.991  19.317  1.00 147.69 ? 4  DG D "C1'" 1 
ATOM 598 N N9    . DG D 4 4  ? 1.778   0.009   18.453  1.00 132.83 ? 4  DG D N9    1 
ATOM 599 C C8    . DG D 4 4  ? 2.144   1.323   18.285  1.00 136.44 ? 4  DG D C8    1 
ATOM 600 N N7    . DG D 4 4  ? 1.388   1.960   17.431  1.00 126.41 ? 4  DG D N7    1 
ATOM 601 C C5    . DG D 4 4  ? 0.471   1.007   17.009  1.00 127.59 ? 4  DG D C5    1 
ATOM 602 C C6    . DG D 4 4  ? -0.599  1.107   16.080  1.00 119.74 ? 4  DG D C6    1 
ATOM 603 O O6    . DG D 4 4  ? -0.963  2.092   15.428  1.00 129.02 ? 4  DG D O6    1 
ATOM 604 N N1    . DG D 4 4  ? -1.276  -0.104  15.945  1.00 117.96 ? 4  DG D N1    1 
ATOM 605 C C2    . DG D 4 4  ? -0.967  -1.260  16.625  1.00 131.16 ? 4  DG D C2    1 
ATOM 606 N N2    . DG D 4 4  ? -1.737  -2.326  16.368  1.00 135.69 ? 4  DG D N2    1 
ATOM 607 N N3    . DG D 4 4  ? 0.027   -1.366  17.492  1.00 121.89 ? 4  DG D N3    1 
ATOM 608 C C4    . DG D 4 4  ? 0.698   -0.202  17.633  1.00 130.22 ? 4  DG D C4    1 
ATOM 609 P P     . DA D 4 5  ? 5.410   -3.648  20.551  1.00 173.63 ? 5  DA D P     1 
ATOM 610 O OP1   . DA D 4 5  ? 5.994   -3.677  21.917  1.00 186.57 ? 5  DA D OP1   1 
ATOM 611 O OP2   . DA D 4 5  ? 6.172   -3.022  19.443  1.00 163.33 ? 5  DA D OP2   1 
ATOM 612 O "O5'" . DA D 4 5  ? 5.048   -5.146  20.158  1.00 169.59 ? 5  DA D "O5'" 1 
ATOM 613 C "C5'" . DA D 4 5  ? 3.737   -5.701  20.393  1.00 171.96 ? 5  DA D "C5'" 1 
ATOM 614 C "C4'" . DA D 4 5  ? 3.098   -6.100  19.083  1.00 168.39 ? 5  DA D "C4'" 1 
ATOM 615 O "O4'" . DA D 4 5  ? 2.593   -4.938  18.372  1.00 154.54 ? 5  DA D "O4'" 1 
ATOM 616 C "C3'" . DA D 4 5  ? 4.049   -6.802  18.113  1.00 159.10 ? 5  DA D "C3'" 1 
ATOM 617 O "O3'" . DA D 4 5  ? 3.374   -7.930  17.552  1.00 168.57 ? 5  DA D "O3'" 1 
ATOM 618 C "C2'" . DA D 4 5  ? 4.358   -5.719  17.097  1.00 142.49 ? 5  DA D "C2'" 1 
ATOM 619 C "C1'" . DA D 4 5  ? 3.012   -5.027  17.022  1.00 140.89 ? 5  DA D "C1'" 1 
ATOM 620 N N9    . DA D 4 5  ? 3.037   -3.674  16.471  1.00 140.82 ? 5  DA D N9    1 
ATOM 621 C C8    . DA D 4 5  ? 3.882   -2.657  16.835  1.00 141.62 ? 5  DA D C8    1 
ATOM 622 N N7    . DA D 4 5  ? 3.681   -1.542  16.177  1.00 144.53 ? 5  DA D N7    1 
ATOM 623 C C5    . DA D 4 5  ? 2.635   -1.845  15.316  1.00 143.38 ? 5  DA D C5    1 
ATOM 624 C C6    . DA D 4 5  ? 1.950   -1.082  14.350  1.00 138.51 ? 5  DA D C6    1 
ATOM 625 N N6    . DA D 4 5  ? 2.237   0.192   14.075  1.00 148.05 ? 5  DA D N6    1 
ATOM 626 N N1    . DA D 4 5  ? 0.951   -1.684  13.665  1.00 120.85 ? 5  DA D N1    1 
ATOM 627 C C2    . DA D 4 5  ? 0.665   -2.964  13.942  1.00 132.76 ? 5  DA D C2    1 
ATOM 628 N N3    . DA D 4 5  ? 1.236   -3.784  14.827  1.00 144.76 ? 5  DA D N3    1 
ATOM 629 C C4    . DA D 4 5  ? 2.225   -3.155  15.491  1.00 146.92 ? 5  DA D C4    1 
ATOM 630 P P     . DG D 4 6  ? 4.203   -9.204  17.064  1.00 176.90 ? 6  DG D P     1 
ATOM 631 O OP1   . DG D 4 6  ? 3.779   -10.373 17.876  1.00 194.32 ? 6  DG D OP1   1 
ATOM 632 O OP2   . DG D 4 6  ? 5.638   -8.823  16.993  1.00 179.54 ? 6  DG D OP2   1 
ATOM 633 O "O5'" . DG D 4 6  ? 3.690   -9.404  15.575  1.00 153.27 ? 6  DG D "O5'" 1 
ATOM 634 C "C5'" . DG D 4 6  ? 3.700   -8.278  14.698  1.00 142.94 ? 6  DG D "C5'" 1 
ATOM 635 C "C4'" . DG D 4 6  ? 2.576   -8.372  13.700  1.00 137.93 ? 6  DG D "C4'" 1 
ATOM 636 O "O4'" . DG D 4 6  ? 2.034   -7.045  13.520  1.00 135.41 ? 6  DG D "O4'" 1 
ATOM 637 C "C3'" . DG D 4 6  ? 3.034   -8.840  12.322  1.00 145.06 ? 6  DG D "C3'" 1 
ATOM 638 O "O3'" . DG D 4 6  ? 2.103   -9.735  11.698  1.00 151.61 ? 6  DG D "O3'" 1 
ATOM 639 C "C2'" . DG D 4 6  ? 3.302   -7.543  11.580  1.00 133.01 ? 6  DG D "C2'" 1 
ATOM 640 C "C1'" . DG D 4 6  ? 2.437   -6.502  12.276  1.00 128.99 ? 6  DG D "C1'" 1 
ATOM 641 N N9    . DG D 4 6  ? 3.179   -5.272  12.525  1.00 126.85 ? 6  DG D N9    1 
ATOM 642 C C8    . DG D 4 6  ? 4.255   -5.095  13.364  1.00 127.54 ? 6  DG D C8    1 
ATOM 643 N N7    . DG D 4 6  ? 4.753   -3.888  13.309  1.00 121.20 ? 6  DG D N7    1 
ATOM 644 C C5    . DG D 4 6  ? 3.978   -3.241  12.359  1.00 129.23 ? 6  DG D C5    1 
ATOM 645 C C6    . DG D 4 6  ? 4.043   -1.912  11.869  1.00 131.17 ? 6  DG D C6    1 
ATOM 646 O O6    . DG D 4 6  ? 4.830   -1.011  12.187  1.00 126.10 ? 6  DG D O6    1 
ATOM 647 N N1    . DG D 4 6  ? 3.055   -1.669  10.919  1.00 133.77 ? 6  DG D N1    1 
ATOM 648 C C2    . DG D 4 6  ? 2.126   -2.587  10.493  1.00 133.08 ? 6  DG D C2    1 
ATOM 649 N N2    . DG D 4 6  ? 1.258   -2.165  9.568   1.00 136.14 ? 6  DG D N2    1 
ATOM 650 N N3    . DG D 4 6  ? 2.063   -3.832  10.932  1.00 125.11 ? 6  DG D N3    1 
ATOM 651 C C4    . DG D 4 6  ? 3.011   -4.088  11.856  1.00 129.74 ? 6  DG D C4    1 
ATOM 652 P P     . DT D 4 7  ? 2.532   -10.540 10.367  1.00 159.80 ? 7  DT D P     1 
ATOM 653 O OP1   . DT D 4 7  ? 1.535   -11.609 10.119  1.00 139.63 ? 7  DT D OP1   1 
ATOM 654 O OP2   . DT D 4 7  ? 3.972   -10.894 10.473  1.00 153.94 ? 7  DT D OP2   1 
ATOM 655 O "O5'" . DT D 4 7  ? 2.360   -9.443  9.229   1.00 143.71 ? 7  DT D "O5'" 1 
ATOM 656 C "C5'" . DT D 4 7  ? 1.156   -8.657  9.147   1.00 132.28 ? 7  DT D "C5'" 1 
ATOM 657 C "C4'" . DT D 4 7  ? 1.286   -7.642  8.037   1.00 129.57 ? 7  DT D "C4'" 1 
ATOM 658 O "O4'" . DT D 4 7  ? 1.912   -6.426  8.518   1.00 131.57 ? 7  DT D "O4'" 1 
ATOM 659 C "C3'" . DT D 4 7  ? 2.141   -8.111  6.856   1.00 126.40 ? 7  DT D "C3'" 1 
ATOM 660 O "O3'" . DT D 4 7  ? 1.487   -7.853  5.619   1.00 130.85 ? 7  DT D "O3'" 1 
ATOM 661 C "C2'" . DT D 4 7  ? 3.370   -7.232  6.937   1.00 123.73 ? 7  DT D "C2'" 1 
ATOM 662 C "C1'" . DT D 4 7  ? 2.756   -5.968  7.481   1.00 121.16 ? 7  DT D "C1'" 1 
ATOM 663 N N1    . DT D 4 7  ? 3.707   -4.999  8.050   1.00 115.99 ? 7  DT D N1    1 
ATOM 664 C C2    . DT D 4 7  ? 3.726   -3.720  7.539   1.00 129.35 ? 7  DT D C2    1 
ATOM 665 O O2    . DT D 4 7  ? 2.976   -3.344  6.655   1.00 143.16 ? 7  DT D O2    1 
ATOM 666 N N3    . DT D 4 7  ? 4.657   -2.889  8.111   1.00 138.57 ? 7  DT D N3    1 
ATOM 667 C C4    . DT D 4 7  ? 5.551   -3.202  9.116   1.00 133.94 ? 7  DT D C4    1 
ATOM 668 O O4    . DT D 4 7  ? 6.324   -2.344  9.536   1.00 120.01 ? 7  DT D O4    1 
ATOM 669 C C5    . DT D 4 7  ? 5.480   -4.562  9.601   1.00 127.31 ? 7  DT D C5    1 
ATOM 670 C C7    . DT D 4 7  ? 6.411   -4.996  10.687  1.00 126.59 ? 7  DT D C7    1 
ATOM 671 C C6    . DT D 4 7  ? 4.574   -5.380  9.051   1.00 123.00 ? 7  DT D C6    1 
ATOM 672 P P     . DG D 4 8  ? 1.857   -8.725  4.343   1.00 143.90 ? 8  DG D P     1 
ATOM 673 O OP1   . DG D 4 8  ? 0.737   -9.689  4.105   1.00 127.45 ? 8  DG D OP1   1 
ATOM 674 O OP2   . DG D 4 8  ? 3.255   -9.213  4.490   1.00 138.42 ? 8  DG D OP2   1 
ATOM 675 O "O5'" . DG D 4 8  ? 1.897   -7.639  3.192   1.00 111.47 ? 8  DG D "O5'" 1 
ATOM 676 C "C5'" . DG D 4 8  ? 0.683   -6.999  2.828   1.00 117.43 ? 8  DG D "C5'" 1 
ATOM 677 C "C4'" . DG D 4 8  ? 1.013   -5.668  2.212   1.00 113.28 ? 8  DG D "C4'" 1 
ATOM 678 O "O4'" . DG D 4 8  ? 1.905   -4.943  3.081   1.00 100.82 ? 8  DG D "O4'" 1 
ATOM 679 C "C3'" . DG D 4 8  ? 1.732   -5.778  0.877   1.00 111.58 ? 8  DG D "C3'" 1 
ATOM 680 O "O3'" . DG D 4 8  ? 1.254   -4.709  0.088   1.00 104.80 ? 8  DG D "O3'" 1 
ATOM 681 C "C2'" . DG D 4 8  ? 3.189   -5.575  1.237   1.00 111.27 ? 8  DG D "C2'" 1 
ATOM 682 C "C1'" . DG D 4 8  ? 3.085   -4.593  2.379   1.00 112.99 ? 8  DG D "C1'" 1 
ATOM 683 N N9    . DG D 4 8  ? 4.175   -4.697  3.326   1.00 113.49 ? 8  DG D N9    1 
ATOM 684 C C8    . DG D 4 8  ? 4.532   -5.822  4.026   1.00 119.19 ? 8  DG D C8    1 
ATOM 685 N N7    . DG D 4 8  ? 5.531   -5.621  4.839   1.00 125.94 ? 8  DG D N7    1 
ATOM 686 C C5    . DG D 4 8  ? 5.826   -4.274  4.694   1.00 110.92 ? 8  DG D C5    1 
ATOM 687 C C6    . DG D 4 8  ? 6.814   -3.479  5.324   1.00 119.63 ? 8  DG D C6    1 
ATOM 688 O O6    . DG D 4 8  ? 7.649   -3.816  6.171   1.00 134.11 ? 8  DG D O6    1 
ATOM 689 N N1    . DG D 4 8  ? 6.774   -2.163  4.875   1.00 121.15 ? 8  DG D N1    1 
ATOM 690 C C2    . DG D 4 8  ? 5.889   -1.674  3.947   1.00 104.84 ? 8  DG D C2    1 
ATOM 691 N N2    . DG D 4 8  ? 6.001   -0.373  3.651   1.00 105.11 ? 8  DG D N2    1 
ATOM 692 N N3    . DG D 4 8  ? 4.970   -2.409  3.345   1.00 95.10  ? 8  DG D N3    1 
ATOM 693 C C4    . DG D 4 8  ? 4.991   -3.688  3.768   1.00 102.59 ? 8  DG D C4    1 
ATOM 694 P P     . DC D 4 9  ? 1.592   -4.694  -1.395  1.00 120.82 ? 9  DC D P     1 
ATOM 695 O OP1   . DC D 4 9  ? 0.690   -3.713  -2.053  1.00 134.64 ? 9  DC D OP1   1 
ATOM 696 O OP2   . DC D 4 9  ? 1.623   -6.107  -1.862  1.00 134.95 ? 9  DC D OP2   1 
ATOM 697 O "O5'" . DC D 4 9  ? 3.086   -4.167  -1.387  1.00 97.25  ? 9  DC D "O5'" 1 
ATOM 698 C "C5'" . DC D 4 9  ? 3.600   -3.550  -2.565  1.00 83.94  ? 9  DC D "C5'" 1 
ATOM 699 C "C4'" . DC D 4 9  ? 4.015   -2.156  -2.193  1.00 78.51  ? 9  DC D "C4'" 1 
ATOM 700 O "O4'" . DC D 4 9  ? 4.491   -2.224  -0.825  1.00 99.37  ? 9  DC D "O4'" 1 
ATOM 701 C "C3'" . DC D 4 9  ? 5.172   -1.665  -3.036  1.00 73.86  ? 9  DC D "C3'" 1 
ATOM 702 O "O3'" . DC D 4 9  ? 5.072   -0.288  -3.294  1.00 85.78  ? 9  DC D "O3'" 1 
ATOM 703 C "C2'" . DC D 4 9  ? 6.381   -1.838  -2.153  1.00 95.20  ? 9  DC D "C2'" 1 
ATOM 704 C "C1'" . DC D 4 9  ? 5.827   -1.751  -0.755  1.00 102.64 ? 9  DC D "C1'" 1 
ATOM 705 N N1    . DC D 4 9  ? 6.600   -2.602  0.175   1.00 96.63  ? 9  DC D N1    1 
ATOM 706 C C2    . DC D 4 9  ? 7.743   -2.054  0.756   1.00 91.36  ? 9  DC D C2    1 
ATOM 707 O O2    . DC D 4 9  ? 8.012   -0.870  0.532   1.00 128.17 ? 9  DC D O2    1 
ATOM 708 N N3    . DC D 4 9  ? 8.510   -2.814  1.563   1.00 83.29  ? 9  DC D N3    1 
ATOM 709 C C4    . DC D 4 9  ? 8.169   -4.078  1.805   1.00 93.63  ? 9  DC D C4    1 
ATOM 710 N N4    . DC D 4 9  ? 8.950   -4.790  2.622   1.00 78.68  ? 9  DC D N4    1 
ATOM 711 C C5    . DC D 4 9  ? 7.016   -4.672  1.210   1.00 107.33 ? 9  DC D C5    1 
ATOM 712 C C6    . DC D 4 9  ? 6.273   -3.908  0.399   1.00 95.77  ? 9  DC D C6    1 
ATOM 713 P P     . DA D 4 10 ? 4.664   0.165   -4.712  1.00 103.21 ? 10 DA D P     1 
ATOM 714 O OP1   . DA D 4 10 ? 5.428   1.398   -5.102  1.00 75.66  ? 10 DA D OP1   1 
ATOM 715 O OP2   . DA D 4 10 ? 3.162   0.122   -4.729  1.00 92.17  ? 10 DA D OP2   1 
ATOM 716 O "O5'" . DA D 4 10 ? 5.460   -0.858  -5.640  1.00 95.55  ? 10 DA D "O5'" 1 
ATOM 717 C "C5'" . DA D 4 10 ? 4.715   -1.741  -6.462  1.00 87.94  ? 10 DA D "C5'" 1 
ATOM 718 C "C4'" . DA D 4 10 ? 5.178   -1.709  -7.895  1.00 91.47  ? 10 DA D "C4'" 1 
ATOM 719 O "O4'" . DA D 4 10 ? 5.068   -3.036  -8.435  1.00 108.32 ? 10 DA D "O4'" 1 
ATOM 720 C "C3'" . DA D 4 10 ? 4.321   -0.828  -8.798  1.00 94.18  ? 10 DA D "C3'" 1 
ATOM 721 O "O3'" . DA D 4 10 ? 5.121   0.154   -9.409  1.00 101.43 ? 10 DA D "O3'" 1 
ATOM 722 C "C2'" . DA D 4 10 ? 3.943   -1.712  -9.962  1.00 103.90 ? 10 DA D "C2'" 1 
ATOM 723 C "C1'" . DA D 4 10 ? 4.006   -3.071  -9.359  1.00 106.91 ? 10 DA D "C1'" 1 
ATOM 724 N N9    . DA D 4 10 ? 2.802   -3.531  -8.669  1.00 92.99  ? 10 DA D N9    1 
ATOM 725 C C8    . DA D 4 10 ? 2.587   -3.790  -7.338  1.00 72.86  ? 10 DA D C8    1 
ATOM 726 N N7    . DA D 4 10 ? 1.422   -4.329  -7.086  1.00 77.15  ? 10 DA D N7    1 
ATOM 727 C C5    . DA D 4 10 ? 0.823   -4.426  -8.334  1.00 84.50  ? 10 DA D C5    1 
ATOM 728 C C6    . DA D 4 10 ? -0.431  -4.916  -8.748  1.00 75.78  ? 10 DA D C6    1 
ATOM 729 N N6    . DA D 4 10 ? -1.357  -5.390  -7.907  1.00 58.28  ? 10 DA D N6    1 
ATOM 730 N N1    . DA D 4 10 ? -0.715  -4.875  -10.070 1.00 79.17  ? 10 DA D N1    1 
ATOM 731 C C2    . DA D 4 10 ? 0.216   -4.394  -10.915 1.00 83.62  ? 10 DA D C2    1 
ATOM 732 N N3    . DA D 4 10 ? 1.426   -3.906  -10.646 1.00 71.24  ? 10 DA D N3    1 
ATOM 733 C C4    . DA D 4 10 ? 1.670   -3.953  -9.321  1.00 89.89  ? 10 DA D C4    1 
ATOM 734 P P     . DG D 4 11 ? 4.485   1.520   -9.636  1.00 99.07  ? 11 DG D P     1 
ATOM 735 O OP1   . DG D 4 11 ? 5.560   2.448   -10.085 1.00 104.47 ? 11 DG D OP1   1 
ATOM 736 O OP2   . DG D 4 11 ? 3.640   1.779   -8.431  1.00 83.78  ? 11 DG D OP2   1 
ATOM 737 O "O5'" . DG D 4 11 ? 3.563   1.278   -10.907 1.00 118.87 ? 11 DG D "O5'" 1 
ATOM 738 C "C5'" . DG D 4 11 ? 4.125   0.991   -12.206 1.00 121.65 ? 11 DG D "C5'" 1 
ATOM 739 C "C4'" . DG D 4 11 ? 3.038   0.477   -13.123 1.00 110.36 ? 11 DG D "C4'" 1 
ATOM 740 O "O4'" . DG D 4 11 ? 2.316   -0.579  -12.458 1.00 98.41  ? 11 DG D "O4'" 1 
ATOM 741 C "C3'" . DG D 4 11 ? 2.010   1.539   -13.487 1.00 111.75 ? 11 DG D "C3'" 1 
ATOM 742 O "O3'" . DG D 4 11 ? 1.989   1.784   -14.890 1.00 118.88 ? 11 DG D "O3'" 1 
ATOM 743 C "C2'" . DG D 4 11 ? 0.680   1.008   -12.982 1.00 96.70  ? 11 DG D "C2'" 1 
ATOM 744 C "C1'" . DG D 4 11 ? 0.929   -0.419  -12.587 1.00 79.66  ? 11 DG D "C1'" 1 
ATOM 745 N N9    . DG D 4 11 ? 0.334   -0.766  -11.313 1.00 81.96  ? 11 DG D N9    1 
ATOM 746 C C8    . DG D 4 11 ? 0.841   -0.514  -10.062 1.00 85.31  ? 11 DG D C8    1 
ATOM 747 N N7    . DG D 4 11 ? 0.080   -0.960  -9.100  1.00 90.91  ? 11 DG D N7    1 
ATOM 748 C C5    . DG D 4 11 ? -0.998  -1.538  -9.757  1.00 87.47  ? 11 DG D C5    1 
ATOM 749 C C6    . DG D 4 11 ? -2.158  -2.181  -9.239  1.00 91.42  ? 11 DG D C6    1 
ATOM 750 O O6    . DG D 4 11 ? -2.471  -2.381  -8.052  1.00 82.48  ? 11 DG D O6    1 
ATOM 751 N N1    . DG D 4 11 ? -2.989  -2.632  -10.262 1.00 95.14  ? 11 DG D N1    1 
ATOM 752 C C2    . DG D 4 11 ? -2.746  -2.481  -11.607 1.00 105.46 ? 11 DG D C2    1 
ATOM 753 N N2    . DG D 4 11 ? -3.672  -2.988  -12.439 1.00 99.26  ? 11 DG D N2    1 
ATOM 754 N N3    . DG D 4 11 ? -1.682  -1.865  -12.101 1.00 105.03 ? 11 DG D N3    1 
ATOM 755 C C4    . DG D 4 11 ? -0.852  -1.429  -11.125 1.00 96.96  ? 11 DG D C4    1 
ATOM 756 P P     . DT D 4 12 ? 1.248   3.078   -15.412 1.00 137.14 ? 12 DT D P     1 
ATOM 757 O OP1   . DT D 4 12 ? 1.888   3.482   -16.701 1.00 120.47 ? 12 DT D OP1   1 
ATOM 758 O OP2   . DT D 4 12 ? 1.122   4.033   -14.279 1.00 126.83 ? 12 DT D OP2   1 
ATOM 759 O "O5'" . DT D 4 12 ? -0.250  2.591   -15.599 1.00 114.25 ? 12 DT D "O5'" 1 
ATOM 760 C "C5'" . DT D 4 12 ? -0.640  2.064   -16.861 1.00 125.66 ? 12 DT D "C5'" 1 
ATOM 761 C "C4'" . DT D 4 12 ? -1.974  1.389   -16.698 1.00 124.89 ? 12 DT D "C4'" 1 
ATOM 762 O "O4'" . DT D 4 12 ? -2.087  0.953   -15.338 1.00 114.03 ? 12 DT D "O4'" 1 
ATOM 763 C "C3'" . DT D 4 12 ? -3.172  2.305   -16.927 1.00 142.83 ? 12 DT D "C3'" 1 
ATOM 764 O "O3'" . DT D 4 12 ? -3.769  1.991   -18.183 1.00 156.62 ? 12 DT D "O3'" 1 
ATOM 765 C "C2'" . DT D 4 12 ? -4.092  2.023   -15.745 1.00 136.09 ? 12 DT D "C2'" 1 
ATOM 766 C "C1'" . DT D 4 12 ? -3.459  0.839   -15.073 1.00 115.20 ? 12 DT D "C1'" 1 
ATOM 767 N N1    . DT D 4 12 ? -3.622  0.793   -13.633 1.00 111.03 ? 12 DT D N1    1 
ATOM 768 C C2    . DT D 4 12 ? -4.719  0.143   -13.110 1.00 111.51 ? 12 DT D C2    1 
ATOM 769 O O2    . DT D 4 12 ? -5.598  -0.345  -13.802 1.00 113.32 ? 12 DT D O2    1 
ATOM 770 N N3    . DT D 4 12 ? -4.755  0.095   -11.738 1.00 103.66 ? 12 DT D N3    1 
ATOM 771 C C4    . DT D 4 12 ? -3.834  0.638   -10.862 1.00 113.32 ? 12 DT D C4    1 
ATOM 772 O O4    . DT D 4 12 ? -4.005  0.527   -9.653  1.00 104.52 ? 12 DT D O4    1 
ATOM 773 C C5    . DT D 4 12 ? -2.705  1.305   -11.483 1.00 127.00 ? 12 DT D C5    1 
ATOM 774 C C7    . DT D 4 12 ? -1.665  1.941   -10.614 1.00 121.12 ? 12 DT D C7    1 
ATOM 775 C C6    . DT D 4 12 ? -2.657  1.347   -12.819 1.00 118.98 ? 12 DT D C6    1 
ATOM 776 P P     . DC D 4 13 ? -5.136  2.670   -18.583 1.00 161.33 ? 13 DC D P     1 
ATOM 777 O OP1   . DC D 4 13 ? -5.082  2.968   -20.036 1.00 176.95 ? 13 DC D OP1   1 
ATOM 778 O OP2   . DC D 4 13 ? -5.422  3.758   -17.612 1.00 164.11 ? 13 DC D OP2   1 
ATOM 779 O "O5'" . DC D 4 13 ? -6.200  1.532   -18.265 1.00 143.41 ? 13 DC D "O5'" 1 
ATOM 780 C "C5'" . DC D 4 13 ? -7.596  1.842   -18.302 1.00 142.61 ? 13 DC D "C5'" 1 
ATOM 781 C "C4'" . DC D 4 13 ? -8.285  1.313   -17.068 1.00 146.38 ? 13 DC D "C4'" 1 
ATOM 782 O "O4'" . DC D 4 13 ? -7.490  1.554   -15.893 1.00 143.97 ? 13 DC D "O4'" 1 
ATOM 783 C "C3'" . DC D 4 13 ? -9.640  1.962   -16.781 1.00 164.50 ? 13 DC D "C3'" 1 
ATOM 784 O "O3'" . DC D 4 13 ? -10.704 1.099   -17.183 1.00 175.64 ? 13 DC D "O3'" 1 
ATOM 785 C "C2'" . DC D 4 13 ? -9.637  2.208   -15.279 1.00 156.72 ? 13 DC D "C2'" 1 
ATOM 786 C "C1'" . DC D 4 13 ? -8.389  1.496   -14.804 1.00 147.99 ? 13 DC D "C1'" 1 
ATOM 787 N N1    . DC D 4 13 ? -7.728  2.061   -13.617 1.00 131.83 ? 13 DC D N1    1 
ATOM 788 C C2    . DC D 4 13 ? -8.242  1.757   -12.347 1.00 127.42 ? 13 DC D C2    1 
ATOM 789 O O2    . DC D 4 13 ? -9.267  1.066   -12.263 1.00 113.90 ? 13 DC D O2    1 
ATOM 790 N N3    . DC D 4 13 ? -7.616  2.233   -11.246 1.00 137.54 ? 13 DC D N3    1 
ATOM 791 C C4    . DC D 4 13 ? -6.519  2.984   -11.376 1.00 143.12 ? 13 DC D C4    1 
ATOM 792 N N4    . DC D 4 13 ? -5.935  3.438   -10.264 1.00 130.39 ? 13 DC D N4    1 
ATOM 793 C C5    . DC D 4 13 ? -5.970  3.304   -12.656 1.00 136.17 ? 13 DC D C5    1 
ATOM 794 C C6    . DC D 4 13 ? -6.600  2.827   -13.738 1.00 123.36 ? 13 DC D C6    1 
ATOM 795 P P     . DT D 4 14 ? -12.076 1.724   -17.702 1.00 194.17 ? 14 DT D P     1 
ATOM 796 O OP1   . DT D 4 14 ? -12.901 0.610   -18.229 1.00 207.67 ? 14 DT D OP1   1 
ATOM 797 O OP2   . DT D 4 14 ? -11.752 2.861   -18.604 1.00 176.08 ? 14 DT D OP2   1 
ATOM 798 O "O5'" . DT D 4 14 ? -12.745 2.279   -16.364 1.00 179.97 ? 14 DT D "O5'" 1 
ATOM 799 C "C5'" . DT D 4 14 ? -13.914 1.641   -15.805 1.00 177.24 ? 14 DT D "C5'" 1 
ATOM 800 C "C4'" . DT D 4 14 ? -14.177 2.106   -14.390 1.00 184.96 ? 14 DT D "C4'" 1 
ATOM 801 O "O4'" . DT D 4 14 ? -12.937 2.479   -13.736 1.00 193.98 ? 14 DT D "O4'" 1 
ATOM 802 C "C3'" . DT D 4 14 ? -15.105 3.319   -14.256 1.00 198.36 ? 14 DT D "C3'" 1 
ATOM 803 O "O3'" . DT D 4 14 ? -16.029 3.140   -13.169 1.00 208.94 ? 14 DT D "O3'" 1 
ATOM 804 C "C2'" . DT D 4 14 ? -14.148 4.442   -13.908 1.00 200.09 ? 14 DT D "C2'" 1 
ATOM 805 C "C1'" . DT D 4 14 ? -13.166 3.686   -13.032 1.00 201.88 ? 14 DT D "C1'" 1 
ATOM 806 N N1    . DT D 4 14 ? -11.855 4.329   -12.765 1.00 197.91 ? 14 DT D N1    1 
ATOM 807 C C2    . DT D 4 14 ? -11.397 4.374   -11.463 1.00 184.20 ? 14 DT D C2    1 
ATOM 808 O O2    . DT D 4 14 ? -12.020 3.917   -10.519 1.00 191.44 ? 14 DT D O2    1 
ATOM 809 N N3    . DT D 4 14 ? -10.177 4.985   -11.306 1.00 172.37 ? 14 DT D N3    1 
ATOM 810 C C4    . DT D 4 14 ? -9.386  5.536   -12.296 1.00 185.18 ? 14 DT D C4    1 
ATOM 811 O O4    . DT D 4 14 ? -8.309  6.048   -12.003 1.00 171.57 ? 14 DT D O4    1 
ATOM 812 C C5    . DT D 4 14 ? -9.927  5.454   -13.636 1.00 191.60 ? 14 DT D C5    1 
ATOM 813 C C7    . DT D 4 14 ? -9.138  6.022   -14.773 1.00 197.42 ? 14 DT D C7    1 
ATOM 814 C C6    . DT D 4 14 ? -11.118 4.862   -13.801 1.00 190.96 ? 14 DT D C6    1 
ATOM 815 P P     . DG D 4 15 ? -17.597 2.863   -13.429 1.00 220.37 ? 15 DG D P     1 
ATOM 816 O OP1   . DG D 4 15 ? -18.061 1.866   -12.429 1.00 214.66 ? 15 DG D OP1   1 
ATOM 817 O OP2   . DG D 4 15 ? -17.800 2.593   -14.877 1.00 225.60 ? 15 DG D OP2   1 
ATOM 818 O "O5'" . DG D 4 15 ? -18.273 4.258   -13.056 1.00 216.12 ? 15 DG D "O5'" 1 
ATOM 819 C "C5'" . DG D 4 15 ? -19.538 4.325   -12.365 1.00 199.79 ? 15 DG D "C5'" 1 
ATOM 820 C "C4'" . DG D 4 15 ? -19.327 4.437   -10.870 1.00 193.41 ? 15 DG D "C4'" 1 
ATOM 821 O "O4'" . DG D 4 15 ? -17.912 4.432   -10.562 1.00 184.05 ? 15 DG D "O4'" 1 
ATOM 822 C "C3'" . DG D 4 15 ? -19.906 5.701   -10.226 1.00 193.05 ? 15 DG D "C3'" 1 
ATOM 823 O "O3'" . DG D 4 15 ? -20.766 5.446   -9.102  1.00 213.47 ? 15 DG D "O3'" 1 
ATOM 824 C "C2'" . DG D 4 15 ? -18.693 6.562   -9.921  1.00 175.90 ? 15 DG D "C2'" 1 
ATOM 825 C "C1'" . DG D 4 15 ? -17.541 5.581   -9.817  1.00 179.50 ? 15 DG D "C1'" 1 
ATOM 826 N N9    . DG D 4 15 ? -16.294 6.086   -10.373 1.00 184.97 ? 15 DG D N9    1 
ATOM 827 C C8    . DG D 4 15 ? -16.053 6.432   -11.680 1.00 180.72 ? 15 DG D C8    1 
ATOM 828 N N7    . DG D 4 15 ? -14.837 6.864   -11.880 1.00 190.29 ? 15 DG D N7    1 
ATOM 829 C C5    . DG D 4 15 ? -14.235 6.789   -10.631 1.00 197.33 ? 15 DG D C5    1 
ATOM 830 C C6    . DG D 4 15 ? -12.916 7.126   -10.221 1.00 186.91 ? 15 DG D C6    1 
ATOM 831 O O6    . DG D 4 15 ? -11.980 7.558   -10.909 1.00 163.49 ? 15 DG D O6    1 
ATOM 832 N N1    . DG D 4 15 ? -12.731 6.907   -8.859  1.00 183.42 ? 15 DG D N1    1 
ATOM 833 C C2    . DG D 4 15 ? -13.691 6.427   -7.998  1.00 194.75 ? 15 DG D C2    1 
ATOM 834 N N2    . DG D 4 15 ? -13.323 6.284   -6.716  1.00 193.19 ? 15 DG D N2    1 
ATOM 835 N N3    . DG D 4 15 ? -14.924 6.112   -8.368  1.00 203.59 ? 15 DG D N3    1 
ATOM 836 C C4    . DG D 4 15 ? -15.123 6.312   -9.689  1.00 201.38 ? 15 DG D C4    1 
ATOM 837 P P     . DC D 4 16 ? -20.228 4.826   -7.713  1.00 233.83 ? 16 DC D P     1 
ATOM 838 O OP1   . DC D 4 16 ? -19.102 3.903   -7.995  1.00 249.33 ? 16 DC D OP1   1 
ATOM 839 O OP2   . DC D 4 16 ? -21.405 4.318   -6.962  1.00 243.62 ? 16 DC D OP2   1 
ATOM 840 O "O5'" . DC D 4 16 ? -19.687 6.090   -6.908  1.00 209.35 ? 16 DC D "O5'" 1 
ATOM 841 C "C5'" . DC D 4 16 ? -19.800 6.116   -5.469  1.00 214.62 ? 16 DC D "C5'" 1 
ATOM 842 C "C4'" . DC D 4 16 ? -18.752 7.011   -4.846  1.00 220.15 ? 16 DC D "C4'" 1 
ATOM 843 O "O4'" . DC D 4 16 ? -17.647 7.218   -5.756  1.00 228.32 ? 16 DC D "O4'" 1 
ATOM 844 C "C3'" . DC D 4 16 ? -19.236 8.407   -4.434  1.00 212.29 ? 16 DC D "C3'" 1 
ATOM 845 O "O3'" . DC D 4 16 ? -18.991 8.632   -3.043  1.00 202.74 ? 16 DC D "O3'" 1 
ATOM 846 C "C2'" . DC D 4 16 ? -18.403 9.358   -5.279  1.00 206.45 ? 16 DC D "C2'" 1 
ATOM 847 C "C1'" . DC D 4 16 ? -17.166 8.535   -5.567  1.00 210.71 ? 16 DC D "C1'" 1 
ATOM 848 N N1    . DC D 4 16 ? -16.428 8.923   -6.780  1.00 192.58 ? 16 DC D N1    1 
ATOM 849 C C2    . DC D 4 16 ? -15.088 9.313   -6.671  1.00 193.49 ? 16 DC D C2    1 
ATOM 850 O O2    . DC D 4 16 ? -14.557 9.334   -5.548  1.00 206.29 ? 16 DC D O2    1 
ATOM 851 N N3    . DC D 4 16 ? -14.409 9.669   -7.788  1.00 171.19 ? 16 DC D N3    1 
ATOM 852 C C4    . DC D 4 16 ? -15.016 9.636   -8.977  1.00 147.29 ? 16 DC D C4    1 
ATOM 853 N N4    . DC D 4 16 ? -14.309 9.987   -10.053 1.00 127.50 ? 16 DC D N4    1 
ATOM 854 C C5    . DC D 4 16 ? -16.377 9.233   -9.117  1.00 166.03 ? 16 DC D C5    1 
ATOM 855 C C6    . DC D 4 16 ? -17.036 8.884   -8.004  1.00 173.08 ? 16 DC D C6    1 
# 
loop_
_pdbx_poly_seq_scheme.asym_id 
_pdbx_poly_seq_scheme.entity_id 
_pdbx_poly_seq_scheme.seq_id 
_pdbx_poly_seq_scheme.mon_id 
_pdbx_poly_seq_scheme.ndb_seq_num 
_pdbx_poly_seq_scheme.pdb_seq_num 
_pdbx_poly_seq_scheme.auth_seq_num 
_pdbx_poly_seq_scheme.pdb_mon_id 
_pdbx_poly_seq_scheme.auth_mon_id 
_pdbx_poly_seq_scheme.pdb_strand_id 
_pdbx_poly_seq_scheme.pdb_ins_code 
_pdbx_poly_seq_scheme.hetero 
A 1 1  DG 1  1  1  DG DG A . n 
A 1 2  DA 2  2  2  DA DA A . n 
A 1 3  DG 3  3  3  DG DG A . n 
A 1 4  DC 4  4  4  DC DC A . n 
A 1 5  DA 5  5  5  DA DA A . n 
A 1 6  DG 6  6  6  DG DG A . n 
A 1 7  DA 7  7  7  DA DA A . n 
A 1 8  DC 8  8  8  DC DC A . n 
A 1 9  DT 9  9  9  DT DT A . n 
A 1 10 DT 10 10 10 DT DT A . n 
A 1 11 DG 11 11 11 DG DG A . n 
B 2 1  DA 1  12 12 DA DA B . n 
B 2 2  DC 2  13 13 DC DC B . n 
B 2 3  DA 3  14 14 DA DA B . n 
B 2 4  DG 4  15 15 DG DG B . n 
B 2 5  DC 5  16 16 DC DC B . n 
B 2 6  DA 6  17 17 DA DA B . n 
B 2 7  DC 7  18 18 DC DC B . n 
B 2 8  DT 8  19 19 DT DT B . n 
B 2 9  DC 9  20 20 DC DC B . n 
B 2 10 DA 10 21 21 DA DA B . n 
C 3 1  DC 1  1  1  DC DC C . n 
C 3 2  DA 2  2  2  DA DA C . n 
C 3 3  DT 3  3  3  DT DT C . n 
C 3 4  DG 4  4  4  DG DG C . n 
C 3 5  DT 5  5  5  DT DT C . n 
D 4 1  DT 1  1  1  DT DT D . n 
D 4 2  DC 2  2  2  DC DC D . n 
D 4 3  DT 3  3  3  DT DT D . n 
D 4 4  DG 4  4  4  DG DG D . n 
D 4 5  DA 5  5  5  DA DA D . n 
D 4 6  DG 6  6  6  DG DG D . n 
D 4 7  DT 7  7  7  DT DT D . n 
D 4 8  DG 8  8  8  DG DG D . n 
D 4 9  DC 9  9  9  DC DC D . n 
D 4 10 DA 10 10 10 DA DA D . n 
D 4 11 DG 11 11 11 DG DG D . n 
D 4 12 DT 12 12 12 DT DT D . n 
D 4 13 DC 13 13 13 DC DC D . n 
D 4 14 DT 14 14 14 DT DT D . n 
D 4 15 DG 15 15 15 DG DG D . n 
D 4 16 DC 16 16 16 DC DC D . n 
# 
_pdbx_struct_assembly.id                   1 
_pdbx_struct_assembly.details              author_defined_assembly 
_pdbx_struct_assembly.method_details       ? 
_pdbx_struct_assembly.oligomeric_details   tetrameric 
_pdbx_struct_assembly.oligomeric_count     4 
# 
_pdbx_struct_assembly_gen.assembly_id       1 
_pdbx_struct_assembly_gen.oper_expression   1 
_pdbx_struct_assembly_gen.asym_id_list      A,B,C,D 
# 
_pdbx_struct_oper_list.id                   1 
_pdbx_struct_oper_list.type                 'identity operation' 
_pdbx_struct_oper_list.name                 1_555 
_pdbx_struct_oper_list.symmetry_operation   x,y,z 
_pdbx_struct_oper_list.matrix[1][1]         1.0000000000 
_pdbx_struct_oper_list.matrix[1][2]         0.0000000000 
_pdbx_struct_oper_list.matrix[1][3]         0.0000000000 
_pdbx_struct_oper_list.vector[1]            0.0000000000 
_pdbx_struct_oper_list.matrix[2][1]         0.0000000000 
_pdbx_struct_oper_list.matrix[2][2]         1.0000000000 
_pdbx_struct_oper_list.matrix[2][3]         0.0000000000 
_pdbx_struct_oper_list.vector[2]            0.0000000000 
_pdbx_struct_oper_list.matrix[3][1]         0.0000000000 
_pdbx_struct_oper_list.matrix[3][2]         0.0000000000 
_pdbx_struct_oper_list.matrix[3][3]         1.0000000000 
_pdbx_struct_oper_list.vector[3]            0.0000000000 
# 
loop_
_pdbx_audit_revision_history.ordinal 
_pdbx_audit_revision_history.data_content_type 
_pdbx_audit_revision_history.major_revision 
_pdbx_audit_revision_history.minor_revision 
_pdbx_audit_revision_history.revision_date 
1 'Structure model' 1 0 2021-07-14 
2 'Structure model' 1 1 2022-07-06 
3 'Structure model' 1 2 2023-10-18 
# 
_pdbx_audit_revision_details.ordinal             1 
_pdbx_audit_revision_details.revision_ordinal    1 
_pdbx_audit_revision_details.data_content_type   'Structure model' 
_pdbx_audit_revision_details.provider            repository 
_pdbx_audit_revision_details.type                'Initial release' 
_pdbx_audit_revision_details.description         ? 
_pdbx_audit_revision_details.details             ? 
# 
loop_
_pdbx_audit_revision_group.ordinal 
_pdbx_audit_revision_group.revision_ordinal 
_pdbx_audit_revision_group.data_content_type 
_pdbx_audit_revision_group.group 
1 2 'Structure model' 'Database references'    
2 3 'Structure model' 'Data collection'        
3 3 'Structure model' 'Refinement description' 
# 
loop_
_pdbx_audit_revision_category.ordinal 
_pdbx_audit_revision_category.revision_ordinal 
_pdbx_audit_revision_category.data_content_type 
_pdbx_audit_revision_category.category 
1 2 'Structure model' citation                      
2 2 'Structure model' citation_author               
3 2 'Structure model' database_2                    
4 3 'Structure model' chem_comp_atom                
5 3 'Structure model' chem_comp_bond                
6 3 'Structure model' pdbx_initial_refinement_model 
# 
loop_
_pdbx_audit_revision_item.ordinal 
_pdbx_audit_revision_item.revision_ordinal 
_pdbx_audit_revision_item.data_content_type 
_pdbx_audit_revision_item.item 
1  2 'Structure model' '_citation.country'                   
2  2 'Structure model' '_citation.journal_abbrev'            
3  2 'Structure model' '_citation.journal_id_CSD'            
4  2 'Structure model' '_citation.journal_id_ISSN'           
5  2 'Structure model' '_citation.journal_volume'            
6  2 'Structure model' '_citation.page_first'                
7  2 'Structure model' '_citation.page_last'                 
8  2 'Structure model' '_citation.pdbx_database_id_DOI'      
9  2 'Structure model' '_citation.pdbx_database_id_PubMed'   
10 2 'Structure model' '_citation.title'                     
11 2 'Structure model' '_citation.year'                      
12 2 'Structure model' '_database_2.pdbx_DOI'                
13 2 'Structure model' '_database_2.pdbx_database_accession' 
# 
loop_
_software.citation_id 
_software.classification 
_software.compiler_name 
_software.compiler_version 
_software.contact_author 
_software.contact_author_email 
_software.date 
_software.description 
_software.dependencies 
_software.hardware 
_software.language 
_software.location 
_software.mods 
_software.name 
_software.os 
_software.os_version 
_software.type 
_software.version 
_software.pdbx_ordinal 
? refinement        ? ? ? ? ? ? ? ? ? ? ? PHENIX      ? ? ? 1.11.1_2575 1 
? 'data reduction'  ? ? ? ? ? ? ? ? ? ? ? HKL-2000    ? ? ? .           2 
? 'data scaling'    ? ? ? ? ? ? ? ? ? ? ? HKL-2000    ? ? ? .           3 
? 'data extraction' ? ? ? ? ? ? ? ? ? ? ? PDB_EXTRACT ? ? ? 3.25        4 
? phasing           ? ? ? ? ? ? ? ? ? ? ? PHASER      ? ? ? .           5 
# 
loop_
_pdbx_validate_rmsd_bond.id 
_pdbx_validate_rmsd_bond.PDB_model_num 
_pdbx_validate_rmsd_bond.auth_atom_id_1 
_pdbx_validate_rmsd_bond.auth_asym_id_1 
_pdbx_validate_rmsd_bond.auth_comp_id_1 
_pdbx_validate_rmsd_bond.auth_seq_id_1 
_pdbx_validate_rmsd_bond.PDB_ins_code_1 
_pdbx_validate_rmsd_bond.label_alt_id_1 
_pdbx_validate_rmsd_bond.auth_atom_id_2 
_pdbx_validate_rmsd_bond.auth_asym_id_2 
_pdbx_validate_rmsd_bond.auth_comp_id_2 
_pdbx_validate_rmsd_bond.auth_seq_id_2 
_pdbx_validate_rmsd_bond.PDB_ins_code_2 
_pdbx_validate_rmsd_bond.label_alt_id_2 
_pdbx_validate_rmsd_bond.bond_value 
_pdbx_validate_rmsd_bond.bond_target_value 
_pdbx_validate_rmsd_bond.bond_deviation 
_pdbx_validate_rmsd_bond.bond_standard_deviation 
_pdbx_validate_rmsd_bond.linker_flag 
1 1 "O3'" D DG 8  ? ? P D DC 9  ? ? 1.521 1.607 -0.086 0.012 Y 
2 1 "O3'" D DA 10 ? ? P D DG 11 ? ? 1.524 1.607 -0.083 0.012 Y 
# 
loop_
_pdbx_validate_rmsd_angle.id 
_pdbx_validate_rmsd_angle.PDB_model_num 
_pdbx_validate_rmsd_angle.auth_atom_id_1 
_pdbx_validate_rmsd_angle.auth_asym_id_1 
_pdbx_validate_rmsd_angle.auth_comp_id_1 
_pdbx_validate_rmsd_angle.auth_seq_id_1 
_pdbx_validate_rmsd_angle.PDB_ins_code_1 
_pdbx_validate_rmsd_angle.label_alt_id_1 
_pdbx_validate_rmsd_angle.auth_atom_id_2 
_pdbx_validate_rmsd_angle.auth_asym_id_2 
_pdbx_validate_rmsd_angle.auth_comp_id_2 
_pdbx_validate_rmsd_angle.auth_seq_id_2 
_pdbx_validate_rmsd_angle.PDB_ins_code_2 
_pdbx_validate_rmsd_angle.label_alt_id_2 
_pdbx_validate_rmsd_angle.auth_atom_id_3 
_pdbx_validate_rmsd_angle.auth_asym_id_3 
_pdbx_validate_rmsd_angle.auth_comp_id_3 
_pdbx_validate_rmsd_angle.auth_seq_id_3 
_pdbx_validate_rmsd_angle.PDB_ins_code_3 
_pdbx_validate_rmsd_angle.label_alt_id_3 
_pdbx_validate_rmsd_angle.angle_value 
_pdbx_validate_rmsd_angle.angle_target_value 
_pdbx_validate_rmsd_angle.angle_deviation 
_pdbx_validate_rmsd_angle.angle_standard_deviation 
_pdbx_validate_rmsd_angle.linker_flag 
1 1 "C1'" B DC 13 ? ? "O4'" B DC 13 ? ? "C4'" B DC 13 ? ? 104.03 110.10 -6.07 1.00 N 
2 1 "O5'" D DA 10 ? ? P     D DA 10 ? ? OP1   D DA 10 ? ? 96.94  105.70 -8.76 0.90 N 
3 1 "O5'" D DA 10 ? ? P     D DA 10 ? ? OP2   D DA 10 ? ? 118.29 110.70 7.59  1.20 N 
# 
loop_
_chem_comp_atom.comp_id 
_chem_comp_atom.atom_id 
_chem_comp_atom.type_symbol 
_chem_comp_atom.pdbx_aromatic_flag 
_chem_comp_atom.pdbx_stereo_config 
_chem_comp_atom.pdbx_ordinal 
DA OP3    O N N 1   
DA P      P N N 2   
DA OP1    O N N 3   
DA OP2    O N N 4   
DA "O5'"  O N N 5   
DA "C5'"  C N N 6   
DA "C4'"  C N R 7   
DA "O4'"  O N N 8   
DA "C3'"  C N S 9   
DA "O3'"  O N N 10  
DA "C2'"  C N N 11  
DA "C1'"  C N R 12  
DA N9     N Y N 13  
DA C8     C Y N 14  
DA N7     N Y N 15  
DA C5     C Y N 16  
DA C6     C Y N 17  
DA N6     N N N 18  
DA N1     N Y N 19  
DA C2     C Y N 20  
DA N3     N Y N 21  
DA C4     C Y N 22  
DA HOP3   H N N 23  
DA HOP2   H N N 24  
DA "H5'"  H N N 25  
DA "H5''" H N N 26  
DA "H4'"  H N N 27  
DA "H3'"  H N N 28  
DA "HO3'" H N N 29  
DA "H2'"  H N N 30  
DA "H2''" H N N 31  
DA "H1'"  H N N 32  
DA H8     H N N 33  
DA H61    H N N 34  
DA H62    H N N 35  
DA H2     H N N 36  
DC OP3    O N N 37  
DC P      P N N 38  
DC OP1    O N N 39  
DC OP2    O N N 40  
DC "O5'"  O N N 41  
DC "C5'"  C N N 42  
DC "C4'"  C N R 43  
DC "O4'"  O N N 44  
DC "C3'"  C N S 45  
DC "O3'"  O N N 46  
DC "C2'"  C N N 47  
DC "C1'"  C N R 48  
DC N1     N N N 49  
DC C2     C N N 50  
DC O2     O N N 51  
DC N3     N N N 52  
DC C4     C N N 53  
DC N4     N N N 54  
DC C5     C N N 55  
DC C6     C N N 56  
DC HOP3   H N N 57  
DC HOP2   H N N 58  
DC "H5'"  H N N 59  
DC "H5''" H N N 60  
DC "H4'"  H N N 61  
DC "H3'"  H N N 62  
DC "HO3'" H N N 63  
DC "H2'"  H N N 64  
DC "H2''" H N N 65  
DC "H1'"  H N N 66  
DC H41    H N N 67  
DC H42    H N N 68  
DC H5     H N N 69  
DC H6     H N N 70  
DG OP3    O N N 71  
DG P      P N N 72  
DG OP1    O N N 73  
DG OP2    O N N 74  
DG "O5'"  O N N 75  
DG "C5'"  C N N 76  
DG "C4'"  C N R 77  
DG "O4'"  O N N 78  
DG "C3'"  C N S 79  
DG "O3'"  O N N 80  
DG "C2'"  C N N 81  
DG "C1'"  C N R 82  
DG N9     N Y N 83  
DG C8     C Y N 84  
DG N7     N Y N 85  
DG C5     C Y N 86  
DG C6     C N N 87  
DG O6     O N N 88  
DG N1     N N N 89  
DG C2     C N N 90  
DG N2     N N N 91  
DG N3     N N N 92  
DG C4     C Y N 93  
DG HOP3   H N N 94  
DG HOP2   H N N 95  
DG "H5'"  H N N 96  
DG "H5''" H N N 97  
DG "H4'"  H N N 98  
DG "H3'"  H N N 99  
DG "HO3'" H N N 100 
DG "H2'"  H N N 101 
DG "H2''" H N N 102 
DG "H1'"  H N N 103 
DG H8     H N N 104 
DG H1     H N N 105 
DG H21    H N N 106 
DG H22    H N N 107 
DT OP3    O N N 108 
DT P      P N N 109 
DT OP1    O N N 110 
DT OP2    O N N 111 
DT "O5'"  O N N 112 
DT "C5'"  C N N 113 
DT "C4'"  C N R 114 
DT "O4'"  O N N 115 
DT "C3'"  C N S 116 
DT "O3'"  O N N 117 
DT "C2'"  C N N 118 
DT "C1'"  C N R 119 
DT N1     N N N 120 
DT C2     C N N 121 
DT O2     O N N 122 
DT N3     N N N 123 
DT C4     C N N 124 
DT O4     O N N 125 
DT C5     C N N 126 
DT C7     C N N 127 
DT C6     C N N 128 
DT HOP3   H N N 129 
DT HOP2   H N N 130 
DT "H5'"  H N N 131 
DT "H5''" H N N 132 
DT "H4'"  H N N 133 
DT "H3'"  H N N 134 
DT "HO3'" H N N 135 
DT "H2'"  H N N 136 
DT "H2''" H N N 137 
DT "H1'"  H N N 138 
DT H3     H N N 139 
DT H71    H N N 140 
DT H72    H N N 141 
DT H73    H N N 142 
DT H6     H N N 143 
# 
loop_
_chem_comp_bond.comp_id 
_chem_comp_bond.atom_id_1 
_chem_comp_bond.atom_id_2 
_chem_comp_bond.value_order 
_chem_comp_bond.pdbx_aromatic_flag 
_chem_comp_bond.pdbx_stereo_config 
_chem_comp_bond.pdbx_ordinal 
DA OP3   P      sing N N 1   
DA OP3   HOP3   sing N N 2   
DA P     OP1    doub N N 3   
DA P     OP2    sing N N 4   
DA P     "O5'"  sing N N 5   
DA OP2   HOP2   sing N N 6   
DA "O5'" "C5'"  sing N N 7   
DA "C5'" "C4'"  sing N N 8   
DA "C5'" "H5'"  sing N N 9   
DA "C5'" "H5''" sing N N 10  
DA "C4'" "O4'"  sing N N 11  
DA "C4'" "C3'"  sing N N 12  
DA "C4'" "H4'"  sing N N 13  
DA "O4'" "C1'"  sing N N 14  
DA "C3'" "O3'"  sing N N 15  
DA "C3'" "C2'"  sing N N 16  
DA "C3'" "H3'"  sing N N 17  
DA "O3'" "HO3'" sing N N 18  
DA "C2'" "C1'"  sing N N 19  
DA "C2'" "H2'"  sing N N 20  
DA "C2'" "H2''" sing N N 21  
DA "C1'" N9     sing N N 22  
DA "C1'" "H1'"  sing N N 23  
DA N9    C8     sing Y N 24  
DA N9    C4     sing Y N 25  
DA C8    N7     doub Y N 26  
DA C8    H8     sing N N 27  
DA N7    C5     sing Y N 28  
DA C5    C6     sing Y N 29  
DA C5    C4     doub Y N 30  
DA C6    N6     sing N N 31  
DA C6    N1     doub Y N 32  
DA N6    H61    sing N N 33  
DA N6    H62    sing N N 34  
DA N1    C2     sing Y N 35  
DA C2    N3     doub Y N 36  
DA C2    H2     sing N N 37  
DA N3    C4     sing Y N 38  
DC OP3   P      sing N N 39  
DC OP3   HOP3   sing N N 40  
DC P     OP1    doub N N 41  
DC P     OP2    sing N N 42  
DC P     "O5'"  sing N N 43  
DC OP2   HOP2   sing N N 44  
DC "O5'" "C5'"  sing N N 45  
DC "C5'" "C4'"  sing N N 46  
DC "C5'" "H5'"  sing N N 47  
DC "C5'" "H5''" sing N N 48  
DC "C4'" "O4'"  sing N N 49  
DC "C4'" "C3'"  sing N N 50  
DC "C4'" "H4'"  sing N N 51  
DC "O4'" "C1'"  sing N N 52  
DC "C3'" "O3'"  sing N N 53  
DC "C3'" "C2'"  sing N N 54  
DC "C3'" "H3'"  sing N N 55  
DC "O3'" "HO3'" sing N N 56  
DC "C2'" "C1'"  sing N N 57  
DC "C2'" "H2'"  sing N N 58  
DC "C2'" "H2''" sing N N 59  
DC "C1'" N1     sing N N 60  
DC "C1'" "H1'"  sing N N 61  
DC N1    C2     sing N N 62  
DC N1    C6     sing N N 63  
DC C2    O2     doub N N 64  
DC C2    N3     sing N N 65  
DC N3    C4     doub N N 66  
DC C4    N4     sing N N 67  
DC C4    C5     sing N N 68  
DC N4    H41    sing N N 69  
DC N4    H42    sing N N 70  
DC C5    C6     doub N N 71  
DC C5    H5     sing N N 72  
DC C6    H6     sing N N 73  
DG OP3   P      sing N N 74  
DG OP3   HOP3   sing N N 75  
DG P     OP1    doub N N 76  
DG P     OP2    sing N N 77  
DG P     "O5'"  sing N N 78  
DG OP2   HOP2   sing N N 79  
DG "O5'" "C5'"  sing N N 80  
DG "C5'" "C4'"  sing N N 81  
DG "C5'" "H5'"  sing N N 82  
DG "C5'" "H5''" sing N N 83  
DG "C4'" "O4'"  sing N N 84  
DG "C4'" "C3'"  sing N N 85  
DG "C4'" "H4'"  sing N N 86  
DG "O4'" "C1'"  sing N N 87  
DG "C3'" "O3'"  sing N N 88  
DG "C3'" "C2'"  sing N N 89  
DG "C3'" "H3'"  sing N N 90  
DG "O3'" "HO3'" sing N N 91  
DG "C2'" "C1'"  sing N N 92  
DG "C2'" "H2'"  sing N N 93  
DG "C2'" "H2''" sing N N 94  
DG "C1'" N9     sing N N 95  
DG "C1'" "H1'"  sing N N 96  
DG N9    C8     sing Y N 97  
DG N9    C4     sing Y N 98  
DG C8    N7     doub Y N 99  
DG C8    H8     sing N N 100 
DG N7    C5     sing Y N 101 
DG C5    C6     sing N N 102 
DG C5    C4     doub Y N 103 
DG C6    O6     doub N N 104 
DG C6    N1     sing N N 105 
DG N1    C2     sing N N 106 
DG N1    H1     sing N N 107 
DG C2    N2     sing N N 108 
DG C2    N3     doub N N 109 
DG N2    H21    sing N N 110 
DG N2    H22    sing N N 111 
DG N3    C4     sing N N 112 
DT OP3   P      sing N N 113 
DT OP3   HOP3   sing N N 114 
DT P     OP1    doub N N 115 
DT P     OP2    sing N N 116 
DT P     "O5'"  sing N N 117 
DT OP2   HOP2   sing N N 118 
DT "O5'" "C5'"  sing N N 119 
DT "C5'" "C4'"  sing N N 120 
DT "C5'" "H5'"  sing N N 121 
DT "C5'" "H5''" sing N N 122 
DT "C4'" "O4'"  sing N N 123 
DT "C4'" "C3'"  sing N N 124 
DT "C4'" "H4'"  sing N N 125 
DT "O4'" "C1'"  sing N N 126 
DT "C3'" "O3'"  sing N N 127 
DT "C3'" "C2'"  sing N N 128 
DT "C3'" "H3'"  sing N N 129 
DT "O3'" "HO3'" sing N N 130 
DT "C2'" "C1'"  sing N N 131 
DT "C2'" "H2'"  sing N N 132 
DT "C2'" "H2''" sing N N 133 
DT "C1'" N1     sing N N 134 
DT "C1'" "H1'"  sing N N 135 
DT N1    C2     sing N N 136 
DT N1    C6     sing N N 137 
DT C2    O2     doub N N 138 
DT C2    N3     sing N N 139 
DT N3    C4     sing N N 140 
DT N3    H3     sing N N 141 
DT C4    O4     doub N N 142 
DT C4    C5     sing N N 143 
DT C5    C7     sing N N 144 
DT C5    C6     doub N N 145 
DT C7    H71    sing N N 146 
DT C7    H72    sing N N 147 
DT C7    H73    sing N N 148 
DT C6    H6     sing N N 149 
# 
loop_
_ndb_struct_conf_na.entry_id 
_ndb_struct_conf_na.feature 
6XGN 'double helix'        
6XGN 'a-form double helix' 
6XGN 'b-form double helix' 
# 
loop_
_ndb_struct_na_base_pair.model_number 
_ndb_struct_na_base_pair.i_label_asym_id 
_ndb_struct_na_base_pair.i_label_comp_id 
_ndb_struct_na_base_pair.i_label_seq_id 
_ndb_struct_na_base_pair.i_symmetry 
_ndb_struct_na_base_pair.j_label_asym_id 
_ndb_struct_na_base_pair.j_label_comp_id 
_ndb_struct_na_base_pair.j_label_seq_id 
_ndb_struct_na_base_pair.j_symmetry 
_ndb_struct_na_base_pair.shear 
_ndb_struct_na_base_pair.stretch 
_ndb_struct_na_base_pair.stagger 
_ndb_struct_na_base_pair.buckle 
_ndb_struct_na_base_pair.propeller 
_ndb_struct_na_base_pair.opening 
_ndb_struct_na_base_pair.pair_number 
_ndb_struct_na_base_pair.pair_name 
_ndb_struct_na_base_pair.i_auth_asym_id 
_ndb_struct_na_base_pair.i_auth_seq_id 
_ndb_struct_na_base_pair.i_PDB_ins_code 
_ndb_struct_na_base_pair.j_auth_asym_id 
_ndb_struct_na_base_pair.j_auth_seq_id 
_ndb_struct_na_base_pair.j_PDB_ins_code 
_ndb_struct_na_base_pair.hbond_type_28 
_ndb_struct_na_base_pair.hbond_type_12 
1 A DG 3  1_555 D DC 16 1_555 0.079  -0.100 -0.571 -12.730 -11.938 2.410   1  A_DG3:DC16_D A 3  ? D 16 ? 19 1 
1 A DC 4  1_555 D DG 15 1_555 0.648  0.162  -0.203 -16.774 -10.567 7.059   2  A_DC4:DG15_D A 4  ? D 15 ? 19 1 
1 A DG 6  1_555 D DC 13 1_555 0.147  -0.021 0.424  -0.906  -17.499 -1.735  3  A_DG6:DC13_D A 6  ? D 13 ? 19 1 
1 A DA 7  1_555 D DT 12 1_555 0.208  -0.227 0.105  -6.924  -10.028 -16.294 4  A_DA7:DT12_D A 7  ? D 12 ? 20 1 
1 A DC 8  1_555 D DG 11 1_555 -0.906 0.222  0.321  -6.704  -1.967  1.694   5  A_DC8:DG11_D A 8  ? D 11 ? 19 1 
1 A DT 9  1_555 D DA 10 1_555 -0.705 -0.165 1.056  -4.673  -1.502  0.202   6  A_DT9:DA10_D A 9  ? D 10 ? 20 1 
1 A DT 10 1_555 C DA 2  1_555 -1.723 0.328  0.583  7.703   -0.867  19.258  7  A_DT10:DA2_C A 10 ? C 2  ? ?  ? 
1 A DG 11 1_555 C DC 1  1_555 0.664  -0.010 0.949  20.301  -3.086  -11.637 8  A_DG11:DC1_C A 11 ? C 1  ? 19 1 
1 B DA 1  1_555 C DT 5  1_555 1.052  -0.328 0.452  8.601   -1.051  -10.671 9  B_DA12:DT5_C B 12 ? C 5  ? 20 1 
1 B DC 2  1_555 C DG 4  1_555 0.403  -0.395 0.017  0.892   -8.404  -3.911  10 B_DC13:DG4_C B 13 ? C 4  ? 19 1 
1 B DA 3  1_555 C DT 3  1_555 0.776  -0.081 0.688  4.878   -1.344  -1.369  11 B_DA14:DT3_C B 14 ? C 3  ? 20 1 
1 B DG 4  1_555 D DC 9  1_555 0.495  0.616  1.532  20.003  -4.687  2.860   12 B_DG15:DC9_D B 15 ? D 9  ? ?  1 
1 B DC 5  1_555 D DG 8  1_555 -0.535 0.241  0.617  10.844  -7.203  4.181   13 B_DC16:DG8_D B 16 ? D 8  ? 19 1 
1 B DA 6  1_555 D DT 7  1_555 0.756  -0.263 0.725  6.589   -8.957  -3.850  14 B_DA17:DT7_D B 17 ? D 7  ? 20 1 
1 B DC 7  1_555 D DG 6  1_555 -0.609 -0.151 0.610  -0.167  -13.217 2.042   15 B_DC18:DG6_D B 18 ? D 6  ? 19 1 
1 B DT 8  1_555 D DA 5  1_555 -1.123 0.340  0.722  -3.385  -5.807  -9.763  16 B_DT19:DA5_D B 19 ? D 5  ? 20 1 
1 B DC 9  1_555 D DG 4  1_555 0.181  0.115  0.071  2.431   -10.195 4.796   17 B_DC20:DG4_D B 20 ? D 4  ? 19 1 
1 B DA 10 1_555 D DT 3  1_555 1.197  0.638  0.202  -1.501  -19.704 2.402   18 B_DA21:DT3_D B 21 ? D 3  ? ?  ? 
# 
loop_
_ndb_struct_na_base_pair_step.model_number 
_ndb_struct_na_base_pair_step.i_label_asym_id_1 
_ndb_struct_na_base_pair_step.i_label_comp_id_1 
_ndb_struct_na_base_pair_step.i_label_seq_id_1 
_ndb_struct_na_base_pair_step.i_symmetry_1 
_ndb_struct_na_base_pair_step.j_label_asym_id_1 
_ndb_struct_na_base_pair_step.j_label_comp_id_1 
_ndb_struct_na_base_pair_step.j_label_seq_id_1 
_ndb_struct_na_base_pair_step.j_symmetry_1 
_ndb_struct_na_base_pair_step.i_label_asym_id_2 
_ndb_struct_na_base_pair_step.i_label_comp_id_2 
_ndb_struct_na_base_pair_step.i_label_seq_id_2 
_ndb_struct_na_base_pair_step.i_symmetry_2 
_ndb_struct_na_base_pair_step.j_label_asym_id_2 
_ndb_struct_na_base_pair_step.j_label_comp_id_2 
_ndb_struct_na_base_pair_step.j_label_seq_id_2 
_ndb_struct_na_base_pair_step.j_symmetry_2 
_ndb_struct_na_base_pair_step.shift 
_ndb_struct_na_base_pair_step.slide 
_ndb_struct_na_base_pair_step.rise 
_ndb_struct_na_base_pair_step.tilt 
_ndb_struct_na_base_pair_step.roll 
_ndb_struct_na_base_pair_step.twist 
_ndb_struct_na_base_pair_step.x_displacement 
_ndb_struct_na_base_pair_step.y_displacement 
_ndb_struct_na_base_pair_step.helical_rise 
_ndb_struct_na_base_pair_step.inclination 
_ndb_struct_na_base_pair_step.tip 
_ndb_struct_na_base_pair_step.helical_twist 
_ndb_struct_na_base_pair_step.step_number 
_ndb_struct_na_base_pair_step.step_name 
_ndb_struct_na_base_pair_step.i_auth_asym_id_1 
_ndb_struct_na_base_pair_step.i_auth_seq_id_1 
_ndb_struct_na_base_pair_step.i_PDB_ins_code_1 
_ndb_struct_na_base_pair_step.j_auth_asym_id_1 
_ndb_struct_na_base_pair_step.j_auth_seq_id_1 
_ndb_struct_na_base_pair_step.j_PDB_ins_code_1 
_ndb_struct_na_base_pair_step.i_auth_asym_id_2 
_ndb_struct_na_base_pair_step.i_auth_seq_id_2 
_ndb_struct_na_base_pair_step.i_PDB_ins_code_2 
_ndb_struct_na_base_pair_step.j_auth_asym_id_2 
_ndb_struct_na_base_pair_step.j_auth_seq_id_2 
_ndb_struct_na_base_pair_step.j_PDB_ins_code_2 
1 A DG 3  1_555 D DC 16 1_555 A DC 4  1_555 D DG 15 1_555 0.691  -0.839 3.273 2.347  0.055  36.991 -1.328 -0.771 3.308 0.087   
-3.694  37.063 1  AA_DG3DC4:DG15DC16_DD A 3  ? D 16 ? A 4  ? D 15 ? 
1 A DC 4  1_555 D DG 15 1_555 A DG 6  1_555 D DC 13 1_555 1.122  0.977  6.570 -3.179 3.680  71.232 0.585  -1.180 6.559 3.156   
2.726   71.375 2  AA_DC4DG6:DC13DG15_DD A 4  ? D 15 ? A 6  ? D 13 ? 
1 A DG 6  1_555 D DC 13 1_555 A DA 7  1_555 D DT 12 1_555 -0.609 -1.178 3.241 1.165  -2.371 35.140 -1.593 1.180  3.289 -3.921  
-1.926  35.236 3  AA_DG6DA7:DT12DC13_DD A 6  ? D 13 ? A 7  ? D 12 ? 
1 A DA 7  1_555 D DT 12 1_555 A DC 8  1_555 D DG 11 1_555 0.987  -1.228 3.159 0.519  1.093  31.975 -2.418 -1.700 3.132 1.984   
-0.941  31.997 4  AA_DA7DC8:DG11DT12_DD A 7  ? D 12 ? A 8  ? D 11 ? 
1 A DC 8  1_555 D DG 11 1_555 A DT 9  1_555 D DA 10 1_555 -0.157 -1.325 3.280 -5.238 -5.391 35.814 -1.342 -0.498 3.425 -8.649  
8.404   36.569 5  AA_DC8DT9:DA10DG11_DD A 8  ? D 11 ? A 9  ? D 10 ? 
1 A DT 9  1_555 D DA 10 1_555 A DT 10 1_555 C DA 2  1_555 0.396  -1.878 2.626 3.822  0.278  18.845 -5.737 0.380  2.625 0.837   
-11.520 19.227 6  AA_DT9DT10:DA2DA10_CD A 9  ? D 10 ? A 10 ? C 2  ? 
1 A DT 10 1_555 C DA 2  1_555 A DG 11 1_555 C DC 1  1_555 -1.056 1.252  3.022 -2.069 5.657  47.632 1.115  1.143  3.183 6.971   
2.550   47.990 7  AA_DT10DG11:DC1DA2_CC A 10 ? C 2  ? A 11 ? C 1  ? 
1 B DA 1  1_555 C DT 5  1_555 B DC 2  1_555 C DG 4  1_555 1.004  -1.505 3.342 2.436  -0.255 29.660 -2.876 -1.427 3.424 -0.497  
-4.747  29.759 8  BB_DA12DC13:DG4DT5_CC B 12 ? C 5  ? B 13 ? C 4  ? 
1 B DC 2  1_555 C DG 4  1_555 B DA 3  1_555 C DT 3  1_555 -0.635 -0.699 3.093 -5.377 7.618  38.466 -1.874 0.344  2.966 11.359  
8.018   39.539 9  BB_DC13DA14:DT3DG4_CC B 13 ? C 4  ? B 14 ? C 3  ? 
1 B DA 3  1_555 C DT 3  1_555 B DG 4  1_555 D DC 9  1_555 -1.313 -1.240 2.808 -6.672 -9.451 24.226 -0.275 1.139  3.294 -21.051 
14.863  26.810 10 BB_DA14DG15:DC9DT3_DC B 14 ? C 3  ? B 15 ? D 9  ? 
1 B DG 4  1_555 D DC 9  1_555 B DC 5  1_555 D DG 8  1_555 -0.237 -0.646 3.551 4.786  2.149  31.286 -1.607 1.380  3.427 3.950   
-8.797  31.712 11 BB_DG15DC16:DG8DC9_DD B 15 ? D 9  ? B 16 ? D 8  ? 
1 B DC 5  1_555 D DG 8  1_555 B DA 6  1_555 D DT 7  1_555 0.384  0.674  3.469 -1.499 -0.975 42.967 1.021  -0.681 3.439 -1.331  
2.045   43.002 12 BB_DC16DA17:DT7DG8_DD B 16 ? D 8  ? B 17 ? D 7  ? 
1 B DA 6  1_555 D DT 7  1_555 B DC 7  1_555 D DG 6  1_555 0.379  -1.344 3.233 -1.202 1.911  22.329 -4.138 -1.404 3.084 4.919   
3.094   22.442 13 BB_DA17DC18:DG6DT7_DD B 17 ? D 7  ? B 18 ? D 6  ? 
1 B DC 7  1_555 D DG 6  1_555 B DT 8  1_555 D DA 5  1_555 -0.976 -0.687 3.420 -0.055 1.383  35.706 -1.327 1.582  3.393 2.255   
0.090   35.732 14 BB_DC18DT19:DA5DG6_DD B 18 ? D 6  ? B 19 ? D 5  ? 
1 B DT 8  1_555 D DA 5  1_555 B DC 9  1_555 D DG 4  1_555 1.003  0.438  3.226 8.990  -3.528 40.447 0.998  -0.445 3.317 -5.016  
-12.784 41.537 15 BB_DT19DC20:DG4DA5_DD B 19 ? D 5  ? B 20 ? D 4  ? 
1 B DC 9  1_555 D DG 4  1_555 B DA 10 1_555 D DT 3  1_555 -0.501 1.221  3.578 -2.462 0.962  42.619 1.571  0.416  3.625 1.322   
3.383   42.697 16 BB_DC20DA21:DT3DG4_DD B 20 ? D 4  ? B 21 ? D 3  ? 
# 
loop_
_pdbx_audit_support.funding_organization 
_pdbx_audit_support.country 
_pdbx_audit_support.grant_number 
_pdbx_audit_support.ordinal 
'National Science Foundation (NSF, United States)'                                         'United States' 1360635     1 
'National Institutes of Health/National Institute of General Medical Sciences (NIH/NIGMS)' 'United States' R01GM104960 2 
'National Science Foundation (NSF, United States)'                                         'United States' NSF2004250  3 
# 
_pdbx_initial_refinement_model.id               1 
_pdbx_initial_refinement_model.entity_id_list   ? 
_pdbx_initial_refinement_model.type             'experimental model' 
_pdbx_initial_refinement_model.source_name      PDB 
_pdbx_initial_refinement_model.accession_code   6X8C 
_pdbx_initial_refinement_model.details          ? 
# 
_pdbx_struct_assembly_auth_evidence.id                     1 
_pdbx_struct_assembly_auth_evidence.assembly_id            1 
_pdbx_struct_assembly_auth_evidence.experimental_support   none 
_pdbx_struct_assembly_auth_evidence.details                ? 
# 
